data_9HFT
#
_entry.id   9HFT
#
_cell.length_a   1.00
_cell.length_b   1.00
_cell.length_c   1.00
_cell.angle_alpha   90.00
_cell.angle_beta   90.00
_cell.angle_gamma   90.00
#
_symmetry.space_group_name_H-M   'P 1'
#
loop_
_entity.id
_entity.type
_entity.pdbx_description
1 polymer 'Cytidine and dCMP deaminase domain-containing protein 1'
2 non-polymer 'ZINC ION'
3 non-polymer '[[(2~{R},3~{S},5~{R})-5-(4-azanyl-5-methyl-2-oxidanylidene-pyrimidin-1-yl)-3-oxidanyl-oxolan-2-yl]methoxy-oxidanyl-phosphoryl] phosphono hydrogen phosphate'
4 water water
#
_entity_poly.entity_id   1
_entity_poly.type   'polypeptide(L)'
_entity_poly.pdbx_seq_one_letter_code
;MGSSHHHHHHSSGLVPRGSHMKEAGQMQNLESARAGRSVSTQTGSMTGQIPRLSKVNLFTLLSLWMELFPAEAQRQKSQK
NEEGKHGPLGDNEERTRVSTDKRQVKRTGLVVVKNMKIVGLHCSSEDLHAGQIALIKHGSRLKNCDLYFSRKPCSACLKM
IVNAGVNRISYWPADPEISLLTEASSSEDAKLDAKAVERLKSNSRAHVCVLLQPLVCYMVQFVEETSYKCDFIQKITKTL
PDANTDFYYECKQERIKEYEMLFLVSNEEMHKQILMTIGLENLCENPYFSNLRQNMKDLILLLATVASSVPNFKHFGFYR
SNPEQINEIHNQSLPQEIARHCMVQARLLAYRTEDHKTGVGAVIWAEGKSRSCDGTGAMYFVGCGYNAFPVGSEYADFPH
MDDKQKDREIRKFRYIIHAAQNALTFRCQEIKPEERSMIFVTKCPCDECVPLIKGAGIKQIYAGDVDVGKKKADISYMRF
GELEGVSKFTWQLNPSGAYGLEQNEPERRENGVLRPVPQKEEQHQDKKLRLGIH
;
_entity_poly.pdbx_strand_id   A,B,C,D,E,F
#
loop_
_chem_comp.id
_chem_comp.type
_chem_comp.name
_chem_comp.formula
A1I2I non-polymer '[[(2~{R},3~{S},5~{R})-5-(4-azanyl-5-methyl-2-oxidanylidene-pyrimidin-1-yl)-3-oxidanyl-oxolan-2-yl]methoxy-oxidanyl-phosphoryl] phosphono hydrogen phosphate' 'C10 H18 N3 O13 P3'
ZN non-polymer 'ZINC ION' 'Zn 2'
#
# COMPACT_ATOMS: atom_id res chain seq x y z
N ILE A 50 29.06 -2.03 -23.51
CA ILE A 50 28.17 -2.33 -24.63
C ILE A 50 26.84 -1.61 -24.43
N PRO A 51 26.23 -1.16 -25.53
CA PRO A 51 24.93 -0.50 -25.44
C PRO A 51 23.84 -1.49 -25.04
N ARG A 52 22.81 -0.95 -24.39
CA ARG A 52 21.73 -1.76 -23.85
C ARG A 52 20.41 -1.32 -24.45
N LEU A 53 19.60 -2.30 -24.84
CA LEU A 53 18.23 -2.02 -25.27
C LEU A 53 17.39 -1.57 -24.08
N SER A 54 16.54 -0.58 -24.31
CA SER A 54 15.66 -0.14 -23.25
C SER A 54 14.47 -1.09 -23.11
N LYS A 55 13.79 -0.98 -21.97
CA LYS A 55 12.66 -1.87 -21.69
C LYS A 55 11.53 -1.65 -22.68
N VAL A 56 11.14 -0.39 -22.88
CA VAL A 56 10.01 -0.10 -23.77
C VAL A 56 10.34 -0.47 -25.20
N ASN A 57 11.59 -0.25 -25.62
CA ASN A 57 11.99 -0.65 -26.97
C ASN A 57 12.02 -2.16 -27.11
N LEU A 58 12.45 -2.88 -26.07
CA LEU A 58 12.41 -4.34 -26.10
C LEU A 58 10.97 -4.83 -26.23
N PHE A 59 10.05 -4.23 -25.48
CA PHE A 59 8.65 -4.65 -25.54
C PHE A 59 8.02 -4.32 -26.89
N THR A 60 8.35 -3.15 -27.45
CA THR A 60 7.85 -2.79 -28.77
C THR A 60 8.36 -3.76 -29.82
N LEU A 61 9.66 -4.07 -29.78
CA LEU A 61 10.26 -5.02 -30.72
C LEU A 61 9.65 -6.40 -30.55
N LEU A 62 9.39 -6.81 -29.31
CA LEU A 62 8.81 -8.13 -29.08
C LEU A 62 7.37 -8.20 -29.59
N SER A 63 6.62 -7.11 -29.45
CA SER A 63 5.26 -7.11 -30.00
C SER A 63 5.28 -7.15 -31.52
N LEU A 64 6.19 -6.40 -32.13
CA LEU A 64 6.33 -6.46 -33.59
C LEU A 64 6.74 -7.85 -34.04
N TRP A 65 7.62 -8.51 -33.29
CA TRP A 65 8.04 -9.86 -33.63
C TRP A 65 6.91 -10.88 -33.39
N MET A 66 6.10 -10.67 -32.35
CA MET A 66 4.96 -11.53 -32.09
C MET A 66 3.94 -11.43 -33.21
N GLU A 67 3.80 -10.26 -33.82
CA GLU A 67 2.94 -10.15 -35.00
C GLU A 67 3.40 -11.08 -36.12
N LEU A 68 4.68 -11.46 -36.14
CA LEU A 68 5.24 -12.33 -37.15
C LEU A 68 5.28 -13.79 -36.72
N PHE A 69 4.59 -14.14 -35.64
CA PHE A 69 4.62 -15.52 -35.14
C PHE A 69 4.05 -16.46 -36.20
N PRO A 70 4.68 -17.61 -36.44
CA PRO A 70 4.19 -18.52 -37.49
C PRO A 70 2.81 -19.06 -37.16
N ALA A 71 1.85 -18.75 -38.04
CA ALA A 71 0.47 -19.17 -37.85
C ALA A 71 0.29 -20.65 -38.18
N VAL A 105 -8.94 -5.97 -41.29
CA VAL A 105 -8.32 -6.24 -40.00
C VAL A 105 -6.97 -6.91 -40.20
N LYS A 106 -5.95 -6.40 -39.52
CA LYS A 106 -4.58 -6.87 -39.66
C LYS A 106 -4.12 -7.60 -38.41
N ARG A 107 -3.15 -8.48 -38.60
CA ARG A 107 -2.58 -9.24 -37.48
C ARG A 107 -1.87 -8.31 -36.52
N THR A 108 -2.02 -8.57 -35.22
CA THR A 108 -1.41 -7.75 -34.18
C THR A 108 -0.65 -8.65 -33.21
N GLY A 109 0.57 -8.22 -32.88
CA GLY A 109 1.33 -8.84 -31.81
C GLY A 109 1.14 -8.03 -30.53
N LEU A 110 1.27 -8.70 -29.39
CA LEU A 110 0.99 -8.07 -28.11
C LEU A 110 1.92 -8.62 -27.04
N VAL A 111 2.48 -7.70 -26.26
CA VAL A 111 3.30 -8.04 -25.10
C VAL A 111 2.59 -7.51 -23.86
N VAL A 112 2.34 -8.39 -22.90
CA VAL A 112 1.73 -8.04 -21.63
C VAL A 112 2.83 -8.06 -20.57
N VAL A 113 3.04 -6.91 -19.93
CA VAL A 113 4.12 -6.71 -18.97
C VAL A 113 3.51 -6.29 -17.64
N LYS A 114 3.98 -6.92 -16.56
CA LYS A 114 3.59 -6.53 -15.22
C LYS A 114 4.85 -6.40 -14.37
N ASN A 115 5.01 -5.25 -13.70
CA ASN A 115 6.19 -4.94 -12.91
C ASN A 115 7.47 -5.09 -13.73
N MET A 116 7.45 -4.56 -14.95
CA MET A 116 8.56 -4.59 -15.89
C MET A 116 8.98 -6.01 -16.25
N LYS A 117 8.09 -6.98 -16.06
CA LYS A 117 8.34 -8.37 -16.44
C LYS A 117 7.28 -8.82 -17.42
N ILE A 118 7.70 -9.51 -18.48
CA ILE A 118 6.77 -9.98 -19.49
C ILE A 118 5.95 -11.12 -18.91
N VAL A 119 4.63 -10.94 -18.87
CA VAL A 119 3.71 -11.96 -18.41
C VAL A 119 2.87 -12.54 -19.54
N GLY A 120 2.99 -12.00 -20.75
CA GLY A 120 2.28 -12.58 -21.87
C GLY A 120 2.81 -12.21 -23.23
N LEU A 121 2.83 -13.16 -24.16
CA LEU A 121 3.20 -12.92 -25.55
C LEU A 121 2.11 -13.50 -26.43
N HIS A 122 1.38 -12.63 -27.13
CA HIS A 122 0.19 -13.04 -27.86
C HIS A 122 0.25 -12.54 -29.30
N CYS A 123 -0.46 -13.26 -30.15
CA CYS A 123 -0.64 -12.86 -31.54
C CYS A 123 -2.11 -12.98 -31.90
N SER A 124 -2.56 -12.11 -32.81
CA SER A 124 -3.92 -12.22 -33.31
C SER A 124 -4.09 -13.52 -34.07
N SER A 125 -5.27 -14.12 -33.95
CA SER A 125 -5.64 -15.30 -34.72
C SER A 125 -6.66 -14.92 -35.78
N GLU A 126 -7.08 -15.91 -36.55
CA GLU A 126 -8.11 -15.67 -37.56
C GLU A 126 -9.47 -15.38 -36.93
N ASP A 127 -9.67 -15.76 -35.67
CA ASP A 127 -10.93 -15.54 -34.98
C ASP A 127 -10.90 -14.32 -34.07
N LEU A 128 -9.87 -14.17 -33.25
CA LEU A 128 -9.84 -13.15 -32.21
C LEU A 128 -8.62 -12.25 -32.37
N HIS A 129 -8.79 -10.99 -31.99
CA HIS A 129 -7.70 -10.04 -31.98
C HIS A 129 -6.78 -10.29 -30.79
N ALA A 130 -5.61 -9.65 -30.83
CA ALA A 130 -4.63 -9.83 -29.77
C ALA A 130 -5.16 -9.33 -28.43
N GLY A 131 -5.89 -8.22 -28.43
CA GLY A 131 -6.44 -7.71 -27.19
C GLY A 131 -7.52 -8.61 -26.60
N GLN A 132 -8.39 -9.14 -27.45
CA GLN A 132 -9.40 -10.09 -26.98
C GLN A 132 -8.75 -11.36 -26.45
N ILE A 133 -7.69 -11.83 -27.11
CA ILE A 133 -6.97 -13.01 -26.64
C ILE A 133 -6.33 -12.74 -25.29
N ALA A 134 -5.73 -11.55 -25.12
CA ALA A 134 -5.15 -11.19 -23.84
C ALA A 134 -6.21 -11.13 -22.76
N LEU A 135 -7.38 -10.59 -23.07
CA LEU A 135 -8.48 -10.58 -22.10
C LEU A 135 -8.86 -11.99 -21.70
N ILE A 136 -9.07 -12.87 -22.68
CA ILE A 136 -9.43 -14.26 -22.36
C ILE A 136 -8.35 -14.92 -21.51
N LYS A 137 -7.08 -14.68 -21.83
CA LYS A 137 -6.00 -15.38 -21.16
C LYS A 137 -5.74 -14.86 -19.75
N HIS A 138 -5.95 -13.57 -19.51
CA HIS A 138 -5.59 -12.98 -18.22
C HIS A 138 -6.78 -12.56 -17.37
N GLY A 139 -7.77 -11.86 -17.94
CA GLY A 139 -8.89 -11.41 -17.13
C GLY A 139 -8.49 -10.25 -16.23
N SER A 140 -8.85 -10.37 -14.95
CA SER A 140 -8.54 -9.32 -13.98
C SER A 140 -7.04 -9.16 -13.76
N ARG A 141 -6.25 -10.17 -14.15
CA ARG A 141 -4.80 -10.08 -14.00
C ARG A 141 -4.19 -9.00 -14.89
N LEU A 142 -4.93 -8.48 -15.87
CA LEU A 142 -4.48 -7.36 -16.67
C LEU A 142 -4.45 -6.06 -15.89
N LYS A 143 -4.96 -6.03 -14.66
CA LYS A 143 -4.95 -4.83 -13.84
C LYS A 143 -3.53 -4.32 -13.64
N ASN A 144 -3.34 -3.03 -13.89
CA ASN A 144 -2.06 -2.34 -13.75
C ASN A 144 -0.99 -2.89 -14.68
N CYS A 145 -1.39 -3.52 -15.78
CA CYS A 145 -0.43 -4.07 -16.73
C CYS A 145 -0.16 -3.10 -17.87
N ASP A 146 1.02 -3.21 -18.46
CA ASP A 146 1.39 -2.46 -19.64
C ASP A 146 1.27 -3.36 -20.86
N LEU A 147 0.48 -2.94 -21.83
CA LEU A 147 0.24 -3.71 -23.04
C LEU A 147 0.88 -3.01 -24.21
N TYR A 148 1.79 -3.72 -24.89
CA TYR A 148 2.51 -3.19 -26.05
C TYR A 148 1.96 -3.90 -27.28
N PHE A 149 1.24 -3.16 -28.10
CA PHE A 149 0.61 -3.68 -29.31
C PHE A 149 1.45 -3.32 -30.52
N SER A 150 1.48 -4.22 -31.49
CA SER A 150 2.11 -3.92 -32.77
C SER A 150 1.24 -3.03 -33.66
N ARG A 151 -0.05 -2.95 -33.38
CA ARG A 151 -0.96 -2.04 -34.07
C ARG A 151 -1.90 -1.44 -33.03
N LYS A 152 -2.43 -0.27 -33.34
CA LYS A 152 -3.38 0.37 -32.43
C LYS A 152 -4.62 -0.50 -32.31
N PRO A 153 -4.99 -0.93 -31.10
CA PRO A 153 -6.16 -1.82 -30.96
C PRO A 153 -7.46 -1.12 -31.33
N CYS A 154 -8.42 -1.92 -31.76
CA CYS A 154 -9.73 -1.41 -32.13
C CYS A 154 -10.50 -1.01 -30.87
N SER A 155 -11.65 -0.37 -31.10
CA SER A 155 -12.48 0.09 -29.97
C SER A 155 -13.00 -1.08 -29.16
N ALA A 156 -13.37 -2.18 -29.82
CA ALA A 156 -13.82 -3.36 -29.10
C ALA A 156 -12.73 -3.92 -28.21
N CYS A 157 -11.50 -3.98 -28.72
CA CYS A 157 -10.39 -4.44 -27.89
C CYS A 157 -10.06 -3.44 -26.79
N LEU A 158 -10.03 -2.14 -27.13
CA LEU A 158 -9.60 -1.14 -26.17
C LEU A 158 -10.58 -1.02 -25.00
N LYS A 159 -11.88 -1.07 -25.26
CA LYS A 159 -12.84 -0.94 -24.18
C LYS A 159 -12.71 -2.08 -23.18
N MET A 160 -12.51 -3.30 -23.67
CA MET A 160 -12.34 -4.44 -22.77
C MET A 160 -10.99 -4.39 -22.05
N ILE A 161 -9.95 -3.91 -22.73
CA ILE A 161 -8.64 -3.80 -22.10
C ILE A 161 -8.67 -2.79 -20.97
N VAL A 162 -9.32 -1.64 -21.18
CA VAL A 162 -9.40 -0.64 -20.12
C VAL A 162 -10.40 -1.05 -19.05
N ASN A 163 -11.40 -1.86 -19.41
CA ASN A 163 -12.29 -2.42 -18.40
C ASN A 163 -11.53 -3.37 -17.48
N ALA A 164 -10.60 -4.15 -18.03
CA ALA A 164 -9.77 -5.03 -17.23
C ALA A 164 -8.83 -4.28 -16.30
N GLY A 165 -8.59 -3.00 -16.53
CA GLY A 165 -7.84 -2.19 -15.60
C GLY A 165 -6.37 -2.04 -15.89
N VAL A 166 -5.96 -2.09 -17.16
CA VAL A 166 -4.55 -1.96 -17.48
C VAL A 166 -4.07 -0.53 -17.22
N ASN A 167 -2.76 -0.36 -17.17
CA ASN A 167 -2.16 0.94 -16.90
C ASN A 167 -1.83 1.69 -18.20
N ARG A 168 -1.02 1.08 -19.06
CA ARG A 168 -0.57 1.73 -20.28
C ARG A 168 -0.87 0.84 -21.48
N ILE A 169 -1.23 1.47 -22.60
CA ILE A 169 -1.37 0.81 -23.89
C ILE A 169 -0.42 1.52 -24.83
N SER A 170 0.79 0.99 -24.98
CA SER A 170 1.72 1.48 -25.98
C SER A 170 1.41 0.79 -27.30
N TYR A 171 1.45 1.54 -28.39
CA TYR A 171 1.21 0.94 -29.70
C TYR A 171 2.21 1.47 -30.72
N TRP A 172 2.45 0.64 -31.73
CA TRP A 172 3.30 1.00 -32.86
C TRP A 172 2.50 1.86 -33.83
N PRO A 173 2.94 3.11 -34.12
CA PRO A 173 2.11 4.05 -34.87
C PRO A 173 2.13 3.85 -36.39
N ALA A 174 1.98 2.60 -36.81
CA ALA A 174 1.72 2.25 -38.19
C ALA A 174 0.21 2.06 -38.37
N ASP A 175 -0.18 1.46 -39.49
CA ASP A 175 -1.56 1.07 -39.75
C ASP A 175 -2.17 0.37 -38.54
N PRO A 176 -3.27 0.88 -37.99
CA PRO A 176 -3.86 0.26 -36.80
C PRO A 176 -4.49 -1.10 -37.07
N GLU A 177 -5.09 -1.68 -36.03
CA GLU A 177 -5.71 -2.99 -36.15
C GLU A 177 -6.80 -3.00 -37.22
N ILE A 178 -7.71 -2.03 -37.16
CA ILE A 178 -8.68 -1.80 -38.24
C ILE A 178 -7.97 -0.96 -39.30
N SER A 179 -7.60 -1.59 -40.41
CA SER A 179 -6.70 -0.96 -41.36
C SER A 179 -7.31 0.31 -41.95
N LEU A 180 -6.53 1.38 -41.97
CA LEU A 180 -6.90 2.64 -42.58
C LEU A 180 -6.44 2.75 -44.03
N LEU A 181 -5.75 1.73 -44.54
CA LEU A 181 -5.27 1.72 -45.92
C LEU A 181 -6.20 0.96 -46.85
N THR A 182 -7.32 0.47 -46.35
CA THR A 182 -8.27 -0.29 -47.17
C THR A 182 -9.01 0.64 -48.14
N SER A 187 -13.28 2.31 -45.28
CA SER A 187 -12.55 3.47 -44.79
C SER A 187 -13.38 4.22 -43.74
N GLU A 188 -14.67 4.36 -43.99
CA GLU A 188 -15.55 5.03 -43.05
C GLU A 188 -15.66 4.27 -41.74
N ASP A 189 -15.78 2.94 -41.82
CA ASP A 189 -15.83 2.13 -40.60
C ASP A 189 -14.53 2.20 -39.83
N ALA A 190 -13.40 2.17 -40.53
CA ALA A 190 -12.10 2.27 -39.86
C ALA A 190 -11.94 3.63 -39.19
N LYS A 191 -12.35 4.71 -39.87
CA LYS A 191 -12.26 6.03 -39.27
C LYS A 191 -13.17 6.17 -38.06
N LEU A 192 -14.39 5.61 -38.14
CA LEU A 192 -15.29 5.63 -37.00
C LEU A 192 -14.70 4.85 -35.83
N ASP A 193 -14.06 3.71 -36.12
CA ASP A 193 -13.40 2.94 -35.07
C ASP A 193 -12.27 3.73 -34.44
N ALA A 194 -11.50 4.45 -35.24
CA ALA A 194 -10.41 5.27 -34.70
C ALA A 194 -10.96 6.38 -33.81
N LYS A 195 -12.05 7.02 -34.23
CA LYS A 195 -12.67 8.05 -33.39
C LYS A 195 -13.17 7.46 -32.08
N ALA A 196 -13.77 6.26 -32.14
CA ALA A 196 -14.23 5.60 -30.92
C ALA A 196 -13.06 5.27 -30.00
N VAL A 197 -11.94 4.84 -30.58
CA VAL A 197 -10.75 4.56 -29.78
C VAL A 197 -10.26 5.83 -29.10
N GLU A 198 -10.27 6.95 -29.83
CA GLU A 198 -9.87 8.21 -29.24
C GLU A 198 -10.79 8.62 -28.10
N ARG A 199 -12.10 8.41 -28.27
CA ARG A 199 -13.05 8.75 -27.21
C ARG A 199 -12.85 7.86 -25.99
N LEU A 200 -12.58 6.57 -26.20
CA LEU A 200 -12.26 5.68 -25.09
C LEU A 200 -11.00 6.14 -24.37
N LYS A 201 -9.98 6.55 -25.14
CA LYS A 201 -8.74 7.01 -24.53
C LYS A 201 -8.95 8.28 -23.71
N SER A 202 -9.80 9.18 -24.20
CA SER A 202 -10.00 10.46 -23.52
C SER A 202 -10.71 10.29 -22.19
N ASN A 203 -11.50 9.24 -22.03
CA ASN A 203 -12.36 9.06 -20.86
C ASN A 203 -12.00 7.81 -20.07
N SER A 204 -10.71 7.50 -19.97
CA SER A 204 -10.26 6.34 -19.22
C SER A 204 -8.99 6.68 -18.47
N ARG A 205 -8.78 6.01 -17.33
CA ARG A 205 -7.54 6.18 -16.58
C ARG A 205 -6.35 5.58 -17.33
N ALA A 206 -6.60 4.59 -18.19
CA ALA A 206 -5.53 3.98 -18.96
C ALA A 206 -4.90 5.00 -19.90
N HIS A 207 -3.58 4.91 -20.04
CA HIS A 207 -2.80 5.83 -20.85
C HIS A 207 -2.47 5.16 -22.18
N VAL A 208 -3.14 5.58 -23.25
CA VAL A 208 -2.87 5.08 -24.58
C VAL A 208 -1.85 6.00 -25.24
N CYS A 209 -0.74 5.43 -25.71
CA CYS A 209 0.39 6.24 -26.13
C CYS A 209 1.30 5.46 -27.06
N VAL A 210 2.32 6.16 -27.54
CA VAL A 210 3.40 5.58 -28.33
C VAL A 210 4.67 5.72 -27.50
N LEU A 211 5.26 4.60 -27.09
CA LEU A 211 6.39 4.61 -26.18
C LEU A 211 7.73 4.30 -26.84
N LEU A 212 7.76 4.03 -28.13
CA LEU A 212 9.03 3.78 -28.80
C LEU A 212 9.91 5.02 -28.71
N GLN A 213 11.18 4.80 -28.41
CA GLN A 213 12.13 5.88 -28.17
C GLN A 213 13.37 5.65 -29.01
N PRO A 214 14.12 6.71 -29.32
CA PRO A 214 15.31 6.55 -30.16
C PRO A 214 16.34 5.63 -29.52
N LEU A 215 17.03 4.87 -30.38
CA LEU A 215 18.12 4.02 -29.96
C LEU A 215 19.42 4.81 -29.90
N VAL A 216 20.42 4.22 -29.24
CA VAL A 216 21.76 4.79 -29.29
C VAL A 216 22.26 4.72 -30.73
N CYS A 217 23.09 5.70 -31.11
CA CYS A 217 23.62 5.72 -32.47
C CYS A 217 24.46 4.50 -32.77
N TYR A 218 25.09 3.92 -31.77
CA TYR A 218 25.90 2.71 -31.91
C TYR A 218 25.08 1.44 -31.72
N MET A 219 23.82 1.55 -31.31
CA MET A 219 23.04 0.36 -30.95
C MET A 219 22.84 -0.56 -32.15
N VAL A 220 22.53 0.00 -33.32
CA VAL A 220 22.28 -0.83 -34.50
C VAL A 220 23.57 -1.48 -34.97
N GLN A 221 24.67 -0.72 -34.99
CA GLN A 221 25.95 -1.29 -35.38
C GLN A 221 26.39 -2.39 -34.43
N PHE A 222 26.21 -2.17 -33.12
CA PHE A 222 26.55 -3.19 -32.14
C PHE A 222 25.69 -4.43 -32.29
N VAL A 223 24.39 -4.24 -32.56
CA VAL A 223 23.50 -5.37 -32.76
C VAL A 223 23.93 -6.17 -33.99
N GLU A 224 24.30 -5.48 -35.07
CA GLU A 224 24.78 -6.18 -36.26
C GLU A 224 26.07 -6.94 -35.96
N GLU A 225 26.99 -6.31 -35.23
CA GLU A 225 28.26 -6.97 -34.90
C GLU A 225 28.04 -8.22 -34.08
N THR A 226 27.16 -8.14 -33.07
CA THR A 226 26.90 -9.31 -32.24
C THR A 226 26.07 -10.35 -32.96
N SER A 227 25.24 -9.94 -33.91
CA SER A 227 24.44 -10.90 -34.67
C SER A 227 25.33 -11.70 -35.63
N TYR A 228 26.34 -11.04 -36.20
CA TYR A 228 27.28 -11.79 -37.04
C TYR A 228 28.13 -12.74 -36.20
N LYS A 229 28.36 -12.42 -34.94
CA LYS A 229 29.19 -13.22 -34.05
C LYS A 229 28.38 -14.16 -33.15
N CYS A 230 27.08 -14.28 -33.40
CA CYS A 230 26.24 -15.13 -32.57
C CYS A 230 26.48 -16.60 -32.91
N ASP A 231 25.98 -17.48 -32.04
CA ASP A 231 26.24 -18.91 -32.17
C ASP A 231 25.75 -19.47 -33.50
N PHE A 232 24.56 -19.05 -33.95
CA PHE A 232 23.94 -19.62 -35.14
C PHE A 232 24.60 -19.17 -36.44
N ILE A 233 24.90 -17.87 -36.55
CA ILE A 233 25.59 -17.38 -37.75
C ILE A 233 26.98 -18.00 -37.85
N GLN A 234 27.70 -18.08 -36.72
CA GLN A 234 29.02 -18.72 -36.74
C GLN A 234 28.91 -20.20 -37.06
N LYS A 235 27.89 -20.87 -36.54
CA LYS A 235 27.70 -22.29 -36.82
C LYS A 235 27.46 -22.52 -38.30
N ILE A 236 26.68 -21.64 -38.94
CA ILE A 236 26.50 -21.74 -40.39
C ILE A 236 27.80 -21.43 -41.10
N THR A 237 28.56 -20.45 -40.60
CA THR A 237 29.80 -20.04 -41.27
C THR A 237 30.82 -21.17 -41.28
N LYS A 238 30.98 -21.88 -40.17
CA LYS A 238 31.94 -22.99 -40.14
C LYS A 238 31.55 -24.07 -41.13
N THR A 239 30.27 -24.38 -41.24
CA THR A 239 29.80 -25.37 -42.20
C THR A 239 29.78 -24.80 -43.61
N PHE A 247 26.49 -14.32 -46.75
CA PHE A 247 25.18 -14.95 -46.72
C PHE A 247 24.28 -14.28 -45.71
N TYR A 248 24.87 -13.87 -44.58
CA TYR A 248 24.07 -13.27 -43.51
C TYR A 248 23.54 -11.90 -43.90
N TYR A 249 24.33 -11.13 -44.65
CA TYR A 249 23.90 -9.78 -45.01
C TYR A 249 22.83 -9.79 -46.10
N GLU A 250 22.85 -10.78 -46.99
CA GLU A 250 21.76 -10.91 -47.96
C GLU A 250 20.45 -11.22 -47.25
N CYS A 251 20.48 -12.14 -46.28
CA CYS A 251 19.30 -12.41 -45.47
C CYS A 251 18.88 -11.17 -44.71
N LYS A 252 19.84 -10.40 -44.19
CA LYS A 252 19.52 -9.18 -43.49
C LYS A 252 18.80 -8.19 -44.40
N GLN A 253 19.28 -8.04 -45.64
CA GLN A 253 18.63 -7.14 -46.58
C GLN A 253 17.22 -7.60 -46.93
N GLU A 254 17.05 -8.91 -47.12
CA GLU A 254 15.72 -9.44 -47.42
C GLU A 254 14.77 -9.18 -46.26
N ARG A 255 15.21 -9.43 -45.02
CA ARG A 255 14.37 -9.17 -43.86
C ARG A 255 14.10 -7.68 -43.71
N ILE A 256 15.08 -6.84 -44.05
CA ILE A 256 14.88 -5.38 -43.99
C ILE A 256 13.74 -4.99 -44.92
N LYS A 257 13.79 -5.47 -46.16
CA LYS A 257 12.73 -5.15 -47.12
C LYS A 257 11.39 -5.65 -46.64
N GLU A 258 11.31 -6.91 -46.19
CA GLU A 258 10.04 -7.49 -45.79
C GLU A 258 9.45 -6.77 -44.57
N TYR A 259 10.29 -6.51 -43.57
CA TYR A 259 9.78 -5.89 -42.35
C TYR A 259 9.49 -4.41 -42.53
N GLU A 260 10.20 -3.75 -43.43
CA GLU A 260 9.85 -2.38 -43.77
C GLU A 260 8.51 -2.33 -44.50
N MET A 261 8.26 -3.30 -45.37
CA MET A 261 6.95 -3.38 -46.01
C MET A 261 5.84 -3.64 -44.98
N LEU A 262 6.10 -4.55 -44.04
CA LEU A 262 5.04 -4.96 -43.11
C LEU A 262 4.78 -3.92 -42.02
N PHE A 263 5.83 -3.28 -41.48
CA PHE A 263 5.70 -2.49 -40.28
C PHE A 263 5.79 -0.99 -40.49
N LEU A 264 6.28 -0.54 -41.63
CA LEU A 264 6.42 0.89 -41.90
C LEU A 264 5.45 1.31 -43.00
N VAL A 265 5.18 2.62 -43.04
CA VAL A 265 4.38 3.23 -44.09
C VAL A 265 5.34 4.08 -44.92
N SER A 266 5.69 3.60 -46.11
CA SER A 266 6.70 4.28 -46.92
C SER A 266 6.23 5.66 -47.35
N ASN A 267 4.97 5.77 -47.79
CA ASN A 267 4.44 7.05 -48.22
C ASN A 267 4.24 7.97 -47.03
N GLU A 268 4.83 9.16 -47.10
CA GLU A 268 4.76 10.08 -45.96
C GLU A 268 3.36 10.65 -45.78
N GLU A 269 2.66 10.91 -46.89
CA GLU A 269 1.30 11.43 -46.79
C GLU A 269 0.35 10.39 -46.20
N MET A 270 0.50 9.13 -46.60
CA MET A 270 -0.32 8.07 -46.02
C MET A 270 -0.08 7.94 -44.53
N HIS A 271 1.18 8.00 -44.11
CA HIS A 271 1.49 7.92 -42.69
C HIS A 271 0.96 9.13 -41.93
N LYS A 272 1.01 10.31 -42.55
CA LYS A 272 0.45 11.51 -41.93
C LYS A 272 -1.05 11.36 -41.74
N GLN A 273 -1.74 10.83 -42.76
CA GLN A 273 -3.18 10.59 -42.63
C GLN A 273 -3.47 9.59 -41.52
N ILE A 274 -2.67 8.52 -41.44
CA ILE A 274 -2.85 7.52 -40.39
C ILE A 274 -2.69 8.15 -39.02
N LEU A 275 -1.63 8.96 -38.84
CA LEU A 275 -1.38 9.57 -37.54
C LEU A 275 -2.45 10.60 -37.19
N MET A 276 -2.98 11.31 -38.19
CA MET A 276 -4.09 12.22 -37.94
C MET A 276 -5.33 11.46 -37.50
N THR A 277 -5.61 10.33 -38.14
CA THR A 277 -6.82 9.57 -37.82
C THR A 277 -6.75 8.93 -36.45
N ILE A 278 -5.56 8.50 -36.02
CA ILE A 278 -5.43 7.76 -34.77
C ILE A 278 -5.09 8.72 -33.64
N GLY A 279 -5.31 10.01 -33.85
CA GLY A 279 -5.10 11.01 -32.83
C GLY A 279 -3.64 11.23 -32.45
N LEU A 280 -2.75 11.21 -33.42
CA LEU A 280 -1.33 11.51 -33.22
C LEU A 280 -0.94 12.74 -34.02
N GLU A 281 -1.79 13.78 -33.98
CA GLU A 281 -1.54 14.99 -34.74
C GLU A 281 -0.27 15.70 -34.30
N ASN A 282 0.12 15.51 -33.03
CA ASN A 282 1.33 16.16 -32.52
C ASN A 282 2.58 15.68 -33.23
N LEU A 283 2.54 14.51 -33.86
CA LEU A 283 3.69 13.94 -34.55
C LEU A 283 3.56 14.00 -36.06
N CYS A 284 2.68 14.87 -36.58
CA CYS A 284 2.44 14.95 -38.01
C CYS A 284 3.24 16.05 -38.70
N GLU A 285 3.97 16.87 -37.94
CA GLU A 285 4.76 17.95 -38.51
C GLU A 285 6.21 17.83 -38.06
N ASN A 286 7.12 18.26 -38.93
CA ASN A 286 8.54 18.14 -38.65
C ASN A 286 8.95 19.04 -37.49
N PRO A 287 9.98 18.67 -36.74
CA PRO A 287 10.84 17.48 -36.92
C PRO A 287 10.27 16.23 -36.28
N TYR A 288 9.11 16.33 -35.63
CA TYR A 288 8.55 15.18 -34.91
C TYR A 288 8.12 14.07 -35.85
N PHE A 289 7.57 14.42 -37.02
CA PHE A 289 7.20 13.40 -38.00
C PHE A 289 8.43 12.64 -38.49
N SER A 290 9.46 13.37 -38.91
CA SER A 290 10.68 12.73 -39.39
C SER A 290 11.38 11.97 -38.27
N ASN A 291 11.39 12.51 -37.06
CA ASN A 291 12.02 11.81 -35.94
C ASN A 291 11.30 10.51 -35.64
N LEU A 292 9.96 10.53 -35.65
CA LEU A 292 9.19 9.31 -35.41
C LEU A 292 9.46 8.28 -36.49
N ARG A 293 9.46 8.70 -37.75
CA ARG A 293 9.72 7.77 -38.84
C ARG A 293 11.13 7.20 -38.76
N GLN A 294 12.12 8.02 -38.39
CA GLN A 294 13.48 7.54 -38.25
C GLN A 294 13.61 6.55 -37.11
N ASN A 295 12.96 6.82 -35.99
CA ASN A 295 13.00 5.87 -34.87
C ASN A 295 12.35 4.55 -35.25
N MET A 296 11.22 4.62 -35.96
CA MET A 296 10.56 3.39 -36.42
C MET A 296 11.45 2.63 -37.39
N LYS A 297 12.12 3.32 -38.31
CA LYS A 297 13.02 2.67 -39.25
C LYS A 297 14.20 2.02 -38.53
N ASP A 298 14.74 2.70 -37.51
CA ASP A 298 15.84 2.12 -36.75
C ASP A 298 15.42 0.88 -35.99
N LEU A 299 14.23 0.92 -35.39
CA LEU A 299 13.73 -0.27 -34.70
C LEU A 299 13.49 -1.42 -35.67
N ILE A 300 12.98 -1.11 -36.87
CA ILE A 300 12.77 -2.15 -37.88
C ILE A 300 14.10 -2.72 -38.35
N LEU A 301 15.11 -1.87 -38.51
CA LEU A 301 16.44 -2.35 -38.89
C LEU A 301 17.01 -3.28 -37.83
N LEU A 302 16.88 -2.90 -36.55
CA LEU A 302 17.38 -3.76 -35.49
C LEU A 302 16.62 -5.08 -35.45
N LEU A 303 15.31 -5.03 -35.64
CA LEU A 303 14.51 -6.25 -35.65
C LEU A 303 14.91 -7.16 -36.80
N ALA A 304 15.12 -6.59 -37.99
CA ALA A 304 15.55 -7.39 -39.12
C ALA A 304 16.92 -8.00 -38.88
N THR A 305 17.83 -7.24 -38.27
CA THR A 305 19.14 -7.75 -37.93
C THR A 305 19.04 -8.95 -37.00
N VAL A 306 18.27 -8.81 -35.91
CA VAL A 306 18.14 -9.89 -34.94
C VAL A 306 17.46 -11.11 -35.57
N ALA A 307 16.42 -10.88 -36.38
CA ALA A 307 15.75 -11.99 -37.03
C ALA A 307 16.65 -12.71 -38.02
N SER A 308 17.55 -11.97 -38.67
CA SER A 308 18.52 -12.58 -39.58
C SER A 308 19.63 -13.31 -38.83
N SER A 309 19.87 -12.96 -37.56
CA SER A 309 20.84 -13.70 -36.76
C SER A 309 20.47 -15.16 -36.58
N VAL A 310 19.20 -15.52 -36.73
CA VAL A 310 18.75 -16.91 -36.73
C VAL A 310 18.00 -17.15 -38.04
N PRO A 311 18.71 -17.38 -39.14
CA PRO A 311 18.09 -17.29 -40.46
C PRO A 311 17.52 -18.61 -40.97
N ASN A 312 16.52 -18.47 -41.84
CA ASN A 312 16.02 -19.58 -42.66
C ASN A 312 16.98 -19.76 -43.81
N PHE A 313 18.04 -20.53 -43.56
CA PHE A 313 19.16 -20.65 -44.49
C PHE A 313 19.48 -22.12 -44.73
N LYS A 314 19.50 -22.52 -46.00
CA LYS A 314 19.84 -23.88 -46.45
C LYS A 314 18.97 -24.86 -45.66
N HIS A 315 19.54 -25.88 -45.04
CA HIS A 315 18.79 -26.83 -44.22
C HIS A 315 19.21 -26.72 -42.75
N PHE A 316 19.57 -25.51 -42.33
CA PHE A 316 19.97 -25.27 -40.95
C PHE A 316 18.74 -25.09 -40.07
N GLY A 317 18.72 -25.83 -38.96
CA GLY A 317 17.65 -25.73 -37.99
C GLY A 317 18.06 -26.37 -36.68
N PHE A 318 17.09 -26.60 -35.80
CA PHE A 318 17.34 -27.18 -34.49
C PHE A 318 17.07 -28.68 -34.57
N TYR A 319 18.11 -29.48 -34.34
CA TYR A 319 18.02 -30.92 -34.48
C TYR A 319 18.78 -31.59 -33.36
N ARG A 320 18.95 -32.90 -33.49
CA ARG A 320 19.56 -33.77 -32.47
C ARG A 320 18.67 -33.84 -31.24
N ASN A 331 9.26 -35.90 -27.30
CA ASN A 331 10.64 -35.76 -27.78
C ASN A 331 10.68 -35.20 -29.19
N GLN A 332 9.50 -35.02 -29.78
CA GLN A 332 9.42 -34.47 -31.12
C GLN A 332 9.78 -32.99 -31.11
N SER A 333 10.58 -32.58 -32.09
CA SER A 333 11.00 -31.19 -32.19
C SER A 333 9.84 -30.33 -32.66
N LEU A 334 9.92 -29.04 -32.33
CA LEU A 334 8.95 -28.07 -32.82
C LEU A 334 9.17 -27.84 -34.31
N PRO A 335 8.16 -27.31 -35.01
CA PRO A 335 8.39 -26.83 -36.37
C PRO A 335 9.51 -25.79 -36.38
N GLN A 336 10.34 -25.84 -37.41
CA GLN A 336 11.53 -24.99 -37.45
C GLN A 336 11.18 -23.51 -37.43
N GLU A 337 10.00 -23.16 -37.96
CA GLU A 337 9.58 -21.75 -37.95
C GLU A 337 9.35 -21.26 -36.53
N ILE A 338 8.63 -22.03 -35.72
CA ILE A 338 8.36 -21.63 -34.35
C ILE A 338 9.64 -21.63 -33.53
N ALA A 339 10.51 -22.61 -33.75
CA ALA A 339 11.79 -22.65 -33.06
C ALA A 339 12.63 -21.41 -33.39
N ARG A 340 12.68 -21.03 -34.67
CA ARG A 340 13.40 -19.84 -35.06
C ARG A 340 12.79 -18.58 -34.44
N HIS A 341 11.46 -18.51 -34.40
CA HIS A 341 10.80 -17.34 -33.82
C HIS A 341 11.12 -17.21 -32.33
N CYS A 342 11.07 -18.32 -31.59
CA CYS A 342 11.39 -18.28 -30.18
C CYS A 342 12.86 -17.97 -29.95
N MET A 343 13.75 -18.49 -30.79
CA MET A 343 15.16 -18.17 -30.66
C MET A 343 15.41 -16.68 -30.94
N VAL A 344 14.67 -16.09 -31.88
CA VAL A 344 14.81 -14.65 -32.11
C VAL A 344 14.27 -13.86 -30.92
N GLN A 345 13.21 -14.36 -30.27
CA GLN A 345 12.77 -13.74 -29.02
C GLN A 345 13.89 -13.73 -28.00
N ALA A 346 14.56 -14.88 -27.83
CA ALA A 346 15.67 -14.96 -26.88
C ALA A 346 16.82 -14.04 -27.28
N ARG A 347 17.11 -13.95 -28.58
CA ARG A 347 18.18 -13.07 -29.05
C ARG A 347 17.84 -11.61 -28.78
N LEU A 348 16.57 -11.23 -28.96
CA LEU A 348 16.15 -9.87 -28.63
C LEU A 348 16.31 -9.59 -27.14
N LEU A 349 15.93 -10.57 -26.30
CA LEU A 349 16.11 -10.40 -24.86
C LEU A 349 17.58 -10.33 -24.48
N ALA A 350 18.45 -10.96 -25.25
CA ALA A 350 19.88 -10.94 -24.96
C ALA A 350 20.46 -9.53 -25.00
N TYR A 351 19.78 -8.59 -25.65
CA TYR A 351 20.25 -7.22 -25.75
C TYR A 351 19.82 -6.35 -24.57
N ARG A 352 19.12 -6.93 -23.60
CA ARG A 352 18.83 -6.28 -22.33
C ARG A 352 19.88 -6.59 -21.27
N THR A 353 20.98 -7.23 -21.67
CA THR A 353 21.94 -7.76 -20.72
C THR A 353 22.55 -6.68 -19.86
N GLU A 354 22.70 -6.98 -18.56
CA GLU A 354 23.46 -6.12 -17.66
C GLU A 354 24.95 -6.39 -17.73
N ASP A 355 25.37 -7.46 -18.39
CA ASP A 355 26.78 -7.77 -18.53
C ASP A 355 27.44 -6.80 -19.49
N HIS A 356 28.76 -6.65 -19.35
CA HIS A 356 29.53 -5.75 -20.17
C HIS A 356 30.13 -6.40 -21.41
N LYS A 357 30.12 -7.73 -21.49
CA LYS A 357 30.74 -8.43 -22.61
C LYS A 357 29.72 -9.20 -23.45
N THR A 358 28.97 -10.12 -22.84
CA THR A 358 28.13 -11.06 -23.60
C THR A 358 26.70 -11.02 -23.09
N GLY A 359 25.76 -10.92 -24.02
CA GLY A 359 24.35 -10.97 -23.70
C GLY A 359 23.78 -12.34 -24.04
N VAL A 360 23.07 -12.92 -23.08
CA VAL A 360 22.41 -14.21 -23.24
C VAL A 360 20.94 -14.03 -22.94
N GLY A 361 20.08 -14.58 -23.81
CA GLY A 361 18.65 -14.52 -23.63
C GLY A 361 18.05 -15.91 -23.55
N ALA A 362 16.92 -16.02 -22.85
CA ALA A 362 16.22 -17.28 -22.69
C ALA A 362 14.72 -17.05 -22.68
N VAL A 363 13.99 -17.86 -23.44
CA VAL A 363 12.53 -17.84 -23.45
C VAL A 363 12.03 -19.26 -23.19
N ILE A 364 11.10 -19.39 -22.25
CA ILE A 364 10.43 -20.65 -21.96
C ILE A 364 9.02 -20.56 -22.50
N TRP A 365 8.68 -21.48 -23.40
CA TRP A 365 7.34 -21.65 -23.94
C TRP A 365 6.85 -23.04 -23.58
N ALA A 366 5.53 -23.22 -23.61
CA ALA A 366 4.94 -24.53 -23.38
C ALA A 366 3.86 -24.78 -24.42
N GLU A 367 3.70 -26.05 -24.77
CA GLU A 367 2.71 -26.51 -25.75
C GLU A 367 1.57 -27.15 -24.98
N GLY A 368 0.40 -26.51 -24.99
CA GLY A 368 -0.75 -27.04 -24.30
C GLY A 368 -1.37 -28.23 -25.02
N LYS A 369 -2.25 -28.92 -24.30
CA LYS A 369 -2.91 -30.10 -24.83
C LYS A 369 -4.14 -29.75 -25.66
N SER A 370 -5.01 -28.90 -25.12
CA SER A 370 -6.24 -28.54 -25.81
C SER A 370 -6.03 -27.32 -26.69
N ARG A 371 -7.04 -27.02 -27.51
CA ARG A 371 -6.97 -25.87 -28.40
C ARG A 371 -7.04 -24.57 -27.60
N SER A 372 -6.32 -23.57 -28.09
CA SER A 372 -6.27 -22.26 -27.45
C SER A 372 -6.81 -21.19 -28.40
N CYS A 373 -7.22 -20.06 -27.82
CA CYS A 373 -7.73 -18.95 -28.59
C CYS A 373 -6.63 -18.09 -29.19
N ASP A 374 -5.38 -18.26 -28.74
CA ASP A 374 -4.28 -17.41 -29.18
C ASP A 374 -3.90 -17.71 -30.62
N GLY A 375 -3.26 -16.72 -31.25
CA GLY A 375 -2.68 -16.92 -32.56
C GLY A 375 -1.40 -17.73 -32.55
N THR A 376 -0.86 -18.02 -31.36
CA THR A 376 0.29 -18.89 -31.22
C THR A 376 -0.10 -20.36 -31.17
N GLY A 377 -1.40 -20.67 -31.29
CA GLY A 377 -1.84 -22.04 -31.22
C GLY A 377 -1.88 -22.54 -29.79
N ALA A 378 -1.60 -23.84 -29.63
CA ALA A 378 -1.52 -24.43 -28.30
C ALA A 378 -0.34 -23.90 -27.50
N MET A 379 0.65 -23.32 -28.16
CA MET A 379 1.84 -22.83 -27.49
C MET A 379 1.56 -21.52 -26.77
N TYR A 380 2.03 -21.43 -25.53
CA TYR A 380 1.85 -20.23 -24.72
C TYR A 380 3.15 -19.88 -24.04
N PHE A 381 3.37 -18.58 -23.86
CA PHE A 381 4.59 -18.07 -23.26
C PHE A 381 4.60 -18.35 -21.75
N VAL A 382 5.74 -18.84 -21.27
CA VAL A 382 5.90 -19.22 -19.87
C VAL A 382 6.81 -18.26 -19.13
N GLY A 383 7.97 -17.95 -19.70
CA GLY A 383 8.90 -17.08 -19.00
C GLY A 383 9.98 -16.56 -19.93
N CYS A 384 10.71 -15.57 -19.43
CA CYS A 384 11.79 -14.98 -20.23
C CYS A 384 12.82 -14.39 -19.28
N GLY A 385 14.05 -14.28 -19.78
CA GLY A 385 15.11 -13.71 -18.97
C GLY A 385 16.35 -13.45 -19.79
N TYR A 386 17.27 -12.71 -19.16
CA TYR A 386 18.58 -12.43 -19.71
C TYR A 386 19.58 -12.43 -18.57
N ASN A 387 20.86 -12.47 -18.91
CA ASN A 387 21.89 -12.40 -17.88
C ASN A 387 21.95 -11.01 -17.27
N ALA A 388 21.84 -10.95 -15.95
CA ALA A 388 21.82 -9.69 -15.22
C ALA A 388 22.21 -9.98 -13.78
N PHE A 389 22.52 -8.92 -13.07
CA PHE A 389 22.81 -9.04 -11.65
C PHE A 389 21.51 -9.08 -10.86
N PRO A 390 21.56 -9.53 -9.60
CA PRO A 390 20.31 -9.64 -8.82
C PRO A 390 19.55 -8.32 -8.78
N VAL A 391 18.22 -8.43 -8.87
CA VAL A 391 17.37 -7.26 -9.03
C VAL A 391 17.58 -6.30 -7.87
N GLY A 392 17.72 -5.02 -8.19
CA GLY A 392 18.00 -4.00 -7.21
C GLY A 392 19.47 -3.68 -7.01
N SER A 393 20.33 -4.11 -7.94
CA SER A 393 21.76 -3.87 -7.84
C SER A 393 22.15 -2.65 -8.66
N GLU A 394 23.08 -1.87 -8.15
CA GLU A 394 23.58 -0.70 -8.85
C GLU A 394 24.66 -1.10 -9.85
N TYR A 395 25.22 -0.10 -10.54
CA TYR A 395 26.28 -0.38 -11.50
C TYR A 395 27.53 -0.92 -10.83
N ALA A 396 27.88 -0.38 -9.66
CA ALA A 396 29.09 -0.77 -8.95
C ALA A 396 28.80 -1.69 -7.76
N ASP A 397 27.57 -2.21 -7.65
CA ASP A 397 27.24 -3.09 -6.54
C ASP A 397 28.04 -4.40 -6.61
N PHE A 398 28.17 -4.96 -7.81
CA PHE A 398 28.81 -6.25 -7.98
C PHE A 398 29.93 -6.15 -9.00
N PRO A 399 30.97 -6.99 -8.88
CA PRO A 399 32.06 -6.95 -9.85
C PRO A 399 31.58 -7.30 -11.25
N HIS A 400 32.15 -6.62 -12.25
CA HIS A 400 31.88 -6.89 -13.65
C HIS A 400 33.05 -7.55 -14.36
N MET A 401 34.16 -7.78 -13.67
CA MET A 401 35.35 -8.33 -14.29
C MET A 401 35.10 -9.76 -14.78
N ASP A 402 35.75 -10.11 -15.88
CA ASP A 402 35.72 -11.45 -16.43
C ASP A 402 36.83 -12.28 -15.79
N ASP A 403 37.12 -13.44 -16.40
CA ASP A 403 38.13 -14.35 -15.83
C ASP A 403 39.53 -13.74 -15.85
N LYS A 404 39.74 -12.64 -16.58
CA LYS A 404 41.05 -12.00 -16.61
C LYS A 404 41.46 -11.47 -15.25
N GLN A 405 40.50 -11.24 -14.36
CA GLN A 405 40.81 -10.72 -13.03
C GLN A 405 41.68 -11.71 -12.26
N LYS A 406 42.73 -11.18 -11.62
CA LYS A 406 43.67 -12.02 -10.89
C LYS A 406 43.10 -12.56 -9.59
N ASP A 407 41.95 -12.05 -9.15
CA ASP A 407 41.29 -12.52 -7.93
C ASP A 407 39.94 -13.11 -8.31
N ARG A 408 39.71 -14.37 -7.93
CA ARG A 408 38.44 -15.02 -8.23
C ARG A 408 37.28 -14.41 -7.46
N GLU A 409 37.56 -13.75 -6.33
CA GLU A 409 36.49 -13.15 -5.54
C GLU A 409 35.85 -11.98 -6.28
N ILE A 410 36.63 -11.25 -7.07
CA ILE A 410 36.14 -10.07 -7.78
C ILE A 410 35.73 -10.40 -9.22
N ARG A 411 35.46 -11.66 -9.51
CA ARG A 411 34.95 -12.06 -10.82
C ARG A 411 33.43 -12.05 -10.81
N LYS A 412 32.84 -11.65 -11.94
CA LYS A 412 31.40 -11.48 -12.05
C LYS A 412 30.64 -12.78 -11.95
N PHE A 413 31.30 -13.92 -12.14
CA PHE A 413 30.60 -15.18 -12.39
C PHE A 413 29.78 -15.62 -11.18
N ARG A 414 30.29 -15.38 -9.98
CA ARG A 414 29.58 -15.82 -8.78
C ARG A 414 28.41 -14.92 -8.41
N TYR A 415 28.19 -13.82 -9.13
CA TYR A 415 27.11 -12.89 -8.81
C TYR A 415 26.15 -12.65 -9.96
N ILE A 416 26.43 -13.14 -11.15
CA ILE A 416 25.58 -12.89 -12.32
C ILE A 416 24.46 -13.93 -12.33
N ILE A 417 23.23 -13.45 -12.51
CA ILE A 417 22.09 -14.33 -12.70
C ILE A 417 21.98 -14.66 -14.19
N HIS A 418 21.90 -15.94 -14.52
CA HIS A 418 21.90 -16.35 -15.91
C HIS A 418 20.53 -16.16 -16.54
N ALA A 419 20.50 -16.23 -17.87
CA ALA A 419 19.26 -16.01 -18.61
C ALA A 419 18.22 -17.06 -18.27
N ALA A 420 18.62 -18.33 -18.23
CA ALA A 420 17.69 -19.40 -17.88
C ALA A 420 17.22 -19.27 -16.43
N GLN A 421 18.13 -18.89 -15.53
CA GLN A 421 17.75 -18.68 -14.14
C GLN A 421 16.74 -17.56 -14.00
N ASN A 422 16.91 -16.47 -14.75
CA ASN A 422 15.95 -15.38 -14.73
C ASN A 422 14.62 -15.78 -15.35
N ALA A 423 14.67 -16.57 -16.43
CA ALA A 423 13.43 -17.03 -17.07
C ALA A 423 12.64 -17.92 -16.12
N LEU A 424 13.32 -18.80 -15.37
CA LEU A 424 12.64 -19.64 -14.40
C LEU A 424 12.18 -18.86 -13.18
N THR A 425 12.92 -17.83 -12.77
CA THR A 425 12.56 -17.07 -11.59
C THR A 425 11.28 -16.27 -11.82
N PHE A 426 11.21 -15.55 -12.94
CA PHE A 426 10.10 -14.66 -13.23
C PHE A 426 9.14 -15.24 -14.26
N ARG A 427 8.93 -16.55 -14.22
CA ARG A 427 7.95 -17.17 -15.09
C ARG A 427 6.53 -16.74 -14.70
N CYS A 428 5.69 -16.50 -15.70
CA CYS A 428 4.31 -16.14 -15.48
C CYS A 428 3.38 -17.35 -15.42
N GLN A 429 3.88 -18.54 -15.77
CA GLN A 429 3.09 -19.76 -15.78
C GLN A 429 3.85 -20.84 -15.03
N GLU A 430 3.12 -21.90 -14.67
CA GLU A 430 3.73 -23.05 -14.03
C GLU A 430 4.09 -24.09 -15.08
N ILE A 431 5.26 -24.70 -14.93
CA ILE A 431 5.66 -25.78 -15.83
C ILE A 431 4.81 -27.00 -15.52
N LYS A 432 4.04 -27.44 -16.51
CA LYS A 432 3.13 -28.55 -16.33
C LYS A 432 3.81 -29.85 -16.74
N PRO A 433 3.90 -30.84 -15.84
CA PRO A 433 4.61 -32.08 -16.19
C PRO A 433 4.06 -32.80 -17.41
N GLU A 434 2.75 -32.75 -17.63
CA GLU A 434 2.17 -33.46 -18.77
C GLU A 434 2.47 -32.73 -20.08
N GLU A 435 2.54 -31.40 -20.05
CA GLU A 435 2.75 -30.62 -21.26
C GLU A 435 4.20 -30.67 -21.69
N ARG A 436 4.41 -30.57 -23.00
CA ARG A 436 5.74 -30.34 -23.54
C ARG A 436 6.15 -28.90 -23.24
N SER A 437 7.37 -28.72 -22.76
CA SER A 437 7.87 -27.40 -22.43
C SER A 437 9.27 -27.23 -23.00
N MET A 438 9.55 -26.05 -23.53
CA MET A 438 10.75 -25.76 -24.29
C MET A 438 11.40 -24.52 -23.72
N ILE A 439 12.73 -24.54 -23.62
CA ILE A 439 13.50 -23.33 -23.31
C ILE A 439 14.47 -23.09 -24.44
N PHE A 440 14.45 -21.88 -24.99
CA PHE A 440 15.33 -21.45 -26.05
C PHE A 440 16.34 -20.49 -25.45
N VAL A 441 17.62 -20.83 -25.55
CA VAL A 441 18.69 -20.04 -24.96
C VAL A 441 19.76 -19.80 -26.01
N THR A 442 20.22 -18.55 -26.10
CA THR A 442 21.12 -18.15 -27.19
C THR A 442 22.46 -18.86 -27.09
N LYS A 443 22.99 -19.01 -25.88
CA LYS A 443 24.24 -19.73 -25.65
C LYS A 443 23.94 -21.11 -25.09
N CYS A 444 24.96 -21.96 -25.06
CA CYS A 444 24.82 -23.27 -24.45
C CYS A 444 24.58 -23.10 -22.95
N PRO A 445 23.61 -23.81 -22.38
CA PRO A 445 23.40 -23.73 -20.93
C PRO A 445 24.61 -24.22 -20.16
N CYS A 446 24.89 -23.56 -19.04
CA CYS A 446 26.06 -23.87 -18.25
C CYS A 446 25.76 -25.00 -17.26
N ASP A 447 26.77 -25.35 -16.45
CA ASP A 447 26.64 -26.47 -15.53
C ASP A 447 25.79 -26.12 -14.31
N GLU A 448 25.49 -24.84 -14.09
CA GLU A 448 24.55 -24.47 -13.03
C GLU A 448 23.16 -24.19 -13.57
N CYS A 449 23.00 -24.05 -14.89
CA CYS A 449 21.69 -23.86 -15.48
C CYS A 449 21.03 -25.15 -15.89
N VAL A 450 21.80 -26.13 -16.37
CA VAL A 450 21.22 -27.40 -16.81
C VAL A 450 20.50 -28.12 -15.67
N PRO A 451 21.08 -28.26 -14.47
CA PRO A 451 20.30 -28.87 -13.37
C PRO A 451 19.03 -28.11 -13.04
N LEU A 452 19.03 -26.78 -13.11
CA LEU A 452 17.82 -26.02 -12.83
C LEU A 452 16.76 -26.27 -13.90
N ILE A 453 17.17 -26.31 -15.17
CA ILE A 453 16.23 -26.59 -16.25
C ILE A 453 15.64 -27.98 -16.09
N LYS A 454 16.48 -28.96 -15.77
CA LYS A 454 16.00 -30.33 -15.58
C LYS A 454 15.06 -30.43 -14.39
N GLY A 455 15.40 -29.77 -13.28
CA GLY A 455 14.55 -29.82 -12.10
C GLY A 455 13.22 -29.11 -12.31
N ALA A 456 13.23 -28.03 -13.09
CA ALA A 456 11.98 -27.33 -13.38
C ALA A 456 11.02 -28.18 -14.21
N GLY A 457 11.50 -29.28 -14.78
CA GLY A 457 10.68 -30.12 -15.61
C GLY A 457 10.61 -29.72 -17.06
N ILE A 458 11.51 -28.84 -17.52
CA ILE A 458 11.49 -28.42 -18.92
C ILE A 458 11.92 -29.59 -19.80
N LYS A 459 11.10 -29.89 -20.81
CA LYS A 459 11.30 -31.10 -21.60
C LYS A 459 12.37 -30.92 -22.67
N GLN A 460 12.49 -29.74 -23.26
CA GLN A 460 13.38 -29.54 -24.40
C GLN A 460 14.20 -28.27 -24.21
N ILE A 461 15.46 -28.34 -24.64
CA ILE A 461 16.36 -27.18 -24.66
C ILE A 461 16.81 -26.97 -26.09
N TYR A 462 16.43 -25.82 -26.66
CA TYR A 462 16.92 -25.39 -27.97
C TYR A 462 18.01 -24.36 -27.72
N ALA A 463 19.21 -24.65 -28.19
CA ALA A 463 20.35 -23.83 -27.82
C ALA A 463 21.40 -23.84 -28.91
N GLY A 464 22.26 -22.81 -28.89
CA GLY A 464 23.49 -22.86 -29.65
C GLY A 464 24.53 -23.68 -28.88
N ASP A 465 25.34 -24.43 -29.62
CA ASP A 465 26.31 -25.34 -29.03
C ASP A 465 27.74 -24.96 -29.37
N VAL A 466 28.02 -23.66 -29.44
CA VAL A 466 29.38 -23.21 -29.70
C VAL A 466 30.28 -23.49 -28.50
N ASP A 467 29.77 -23.26 -27.28
CA ASP A 467 30.56 -23.39 -26.06
C ASP A 467 30.42 -24.76 -25.40
N VAL A 468 29.75 -25.72 -26.04
CA VAL A 468 29.53 -27.02 -25.41
C VAL A 468 30.88 -27.71 -25.23
N GLY A 469 31.05 -28.34 -24.06
CA GLY A 469 32.28 -29.03 -23.73
C GLY A 469 33.38 -28.15 -23.17
N LYS A 470 33.19 -26.85 -23.12
CA LYS A 470 34.19 -25.96 -22.56
C LYS A 470 34.14 -25.98 -21.05
N LYS A 471 35.32 -26.01 -20.42
CA LYS A 471 35.44 -26.04 -18.96
C LYS A 471 36.40 -24.92 -18.56
N LYS A 472 35.83 -23.77 -18.21
CA LYS A 472 36.60 -22.66 -17.70
C LYS A 472 36.69 -22.74 -16.17
N ALA A 473 37.43 -21.79 -15.59
CA ALA A 473 37.65 -21.80 -14.14
C ALA A 473 36.34 -21.59 -13.39
N ASP A 474 35.49 -20.69 -13.87
CA ASP A 474 34.27 -20.33 -13.15
C ASP A 474 33.00 -20.88 -13.77
N ILE A 475 32.98 -21.08 -15.09
CA ILE A 475 31.79 -21.55 -15.79
C ILE A 475 32.17 -22.71 -16.69
N SER A 476 31.35 -23.76 -16.68
CA SER A 476 31.63 -24.96 -17.48
C SER A 476 30.37 -25.38 -18.23
N TYR A 477 30.58 -26.23 -19.25
CA TYR A 477 29.50 -26.67 -20.13
C TYR A 477 29.51 -28.19 -20.29
N MET A 478 30.01 -28.92 -19.29
CA MET A 478 30.11 -30.36 -19.41
C MET A 478 28.78 -31.06 -19.24
N ARG A 479 27.86 -30.51 -18.45
CA ARG A 479 26.62 -31.20 -18.13
C ARG A 479 25.61 -31.17 -19.27
N PHE A 480 25.72 -30.23 -20.19
CA PHE A 480 24.76 -30.16 -21.29
C PHE A 480 24.93 -31.34 -22.25
N GLY A 481 26.17 -31.69 -22.59
CA GLY A 481 26.40 -32.78 -23.52
C GLY A 481 25.95 -34.12 -22.97
N GLU A 482 26.14 -34.34 -21.68
CA GLU A 482 25.79 -35.59 -21.03
C GLU A 482 24.42 -35.56 -20.37
N LEU A 483 23.59 -34.57 -20.71
CA LEU A 483 22.28 -34.43 -20.08
C LEU A 483 21.32 -35.51 -20.58
N GLU A 484 20.59 -36.12 -19.64
CA GLU A 484 19.56 -37.09 -19.95
C GLU A 484 18.23 -36.63 -19.39
N GLY A 485 17.15 -37.12 -19.99
CA GLY A 485 15.80 -36.77 -19.58
C GLY A 485 15.27 -35.49 -20.18
N VAL A 486 16.10 -34.74 -20.89
CA VAL A 486 15.70 -33.50 -21.55
C VAL A 486 16.17 -33.59 -22.99
N SER A 487 15.23 -33.45 -23.93
CA SER A 487 15.60 -33.41 -25.34
C SER A 487 16.43 -32.16 -25.60
N LYS A 488 17.47 -32.30 -26.42
CA LYS A 488 18.36 -31.20 -26.75
C LYS A 488 18.37 -30.99 -28.25
N PHE A 489 18.10 -29.76 -28.68
CA PHE A 489 18.09 -29.39 -30.09
C PHE A 489 19.05 -28.23 -30.30
N THR A 490 20.00 -28.43 -31.20
CA THR A 490 21.02 -27.44 -31.49
C THR A 490 20.96 -27.02 -32.95
N TRP A 491 21.49 -25.84 -33.21
CA TRP A 491 21.57 -25.32 -34.57
C TRP A 491 22.58 -26.14 -35.37
N GLN A 492 22.13 -26.67 -36.50
CA GLN A 492 22.96 -27.55 -37.33
C GLN A 492 22.20 -27.86 -38.61
N LEU A 493 22.93 -28.41 -39.58
CA LEU A 493 22.29 -28.94 -40.77
C LEU A 493 21.37 -30.10 -40.40
N ASN A 494 20.26 -30.23 -41.13
CA ASN A 494 19.36 -31.35 -40.92
C ASN A 494 20.10 -32.65 -41.17
N PRO A 495 20.29 -33.47 -40.14
CA PRO A 495 21.08 -34.71 -40.31
C PRO A 495 20.40 -35.77 -41.16
N SER A 496 19.16 -35.54 -41.58
CA SER A 496 18.44 -36.52 -42.39
C SER A 496 18.20 -35.99 -43.80
N ILE B 50 -33.71 4.08 -15.83
CA ILE B 50 -34.19 2.88 -15.15
C ILE B 50 -33.52 2.76 -13.78
N PRO B 51 -34.25 2.26 -12.79
CA PRO B 51 -33.67 2.08 -11.46
C PRO B 51 -32.64 0.95 -11.46
N ARG B 52 -31.69 1.05 -10.55
CA ARG B 52 -30.57 0.13 -10.47
C ARG B 52 -30.56 -0.58 -9.13
N LEU B 53 -30.31 -1.88 -9.16
CA LEU B 53 -30.14 -2.65 -7.93
C LEU B 53 -28.81 -2.28 -7.27
N SER B 54 -28.83 -2.14 -5.96
CA SER B 54 -27.60 -1.86 -5.22
C SER B 54 -26.70 -3.09 -5.21
N LYS B 55 -25.40 -2.86 -5.04
CA LYS B 55 -24.45 -3.98 -4.96
C LYS B 55 -24.78 -4.87 -3.77
N VAL B 56 -25.00 -4.26 -2.61
CA VAL B 56 -25.25 -5.02 -1.40
C VAL B 56 -26.59 -5.75 -1.49
N ASN B 57 -27.59 -5.13 -2.12
CA ASN B 57 -28.86 -5.81 -2.31
C ASN B 57 -28.74 -6.93 -3.35
N LEU B 58 -27.92 -6.73 -4.37
CA LEU B 58 -27.60 -7.82 -5.29
C LEU B 58 -26.99 -9.01 -4.54
N PHE B 59 -26.02 -8.75 -3.67
CA PHE B 59 -25.35 -9.82 -2.96
C PHE B 59 -26.29 -10.52 -1.98
N THR B 60 -27.15 -9.74 -1.30
CA THR B 60 -28.14 -10.33 -0.40
C THR B 60 -29.12 -11.22 -1.17
N LEU B 61 -29.63 -10.72 -2.30
CA LEU B 61 -30.55 -11.50 -3.10
C LEU B 61 -29.87 -12.76 -3.64
N LEU B 62 -28.60 -12.64 -4.04
CA LEU B 62 -27.89 -13.80 -4.57
C LEU B 62 -27.62 -14.82 -3.49
N SER B 63 -27.36 -14.39 -2.25
CA SER B 63 -27.19 -15.35 -1.17
C SER B 63 -28.51 -16.06 -0.87
N LEU B 64 -29.61 -15.31 -0.85
CA LEU B 64 -30.92 -15.94 -0.65
C LEU B 64 -31.23 -16.93 -1.77
N TRP B 65 -30.91 -16.57 -3.01
CA TRP B 65 -31.15 -17.46 -4.14
C TRP B 65 -30.22 -18.67 -4.13
N MET B 66 -28.99 -18.48 -3.66
CA MET B 66 -28.06 -19.60 -3.52
C MET B 66 -28.55 -20.59 -2.48
N GLU B 67 -29.23 -20.09 -1.44
CA GLU B 67 -29.85 -21.01 -0.49
C GLU B 67 -30.87 -21.92 -1.17
N LEU B 68 -31.42 -21.51 -2.31
CA LEU B 68 -32.41 -22.29 -3.05
C LEU B 68 -31.80 -23.10 -4.18
N PHE B 69 -30.48 -23.22 -4.23
CA PHE B 69 -29.84 -23.99 -5.28
C PHE B 69 -30.30 -25.45 -5.22
N PRO B 70 -30.73 -26.03 -6.33
CA PRO B 70 -31.25 -27.41 -6.29
C PRO B 70 -30.18 -28.41 -5.90
N ALA B 71 -30.45 -29.15 -4.83
CA ALA B 71 -29.51 -30.14 -4.31
C ALA B 71 -29.55 -31.41 -5.14
N VAL B 105 -30.42 -27.33 12.11
CA VAL B 105 -29.56 -26.60 11.18
C VAL B 105 -30.28 -26.42 9.85
N LYS B 106 -30.25 -25.20 9.33
CA LYS B 106 -30.96 -24.85 8.11
C LYS B 106 -29.97 -24.57 6.97
N ARG B 107 -30.44 -24.76 5.75
CA ARG B 107 -29.62 -24.50 4.58
C ARG B 107 -29.29 -23.03 4.47
N THR B 108 -28.07 -22.72 4.06
CA THR B 108 -27.59 -21.36 3.95
C THR B 108 -26.93 -21.14 2.59
N GLY B 109 -27.28 -20.04 1.95
CA GLY B 109 -26.58 -19.57 0.76
C GLY B 109 -25.54 -18.55 1.13
N LEU B 110 -24.50 -18.45 0.31
CA LEU B 110 -23.37 -17.60 0.62
C LEU B 110 -22.81 -16.99 -0.66
N VAL B 111 -22.56 -15.68 -0.62
CA VAL B 111 -21.90 -14.97 -1.69
C VAL B 111 -20.58 -14.43 -1.14
N VAL B 112 -19.48 -14.81 -1.78
CA VAL B 112 -18.16 -14.31 -1.44
C VAL B 112 -17.76 -13.27 -2.46
N VAL B 113 -17.48 -12.06 -2.00
CA VAL B 113 -17.20 -10.90 -2.82
C VAL B 113 -15.83 -10.37 -2.45
N LYS B 114 -15.01 -10.07 -3.46
CA LYS B 114 -13.73 -9.40 -3.24
C LYS B 114 -13.61 -8.25 -4.21
N ASN B 115 -13.32 -7.06 -3.68
CA ASN B 115 -13.22 -5.83 -4.48
C ASN B 115 -14.50 -5.59 -5.28
N MET B 116 -15.65 -5.76 -4.62
CA MET B 116 -16.97 -5.58 -5.22
C MET B 116 -17.23 -6.54 -6.38
N LYS B 117 -16.47 -7.63 -6.45
CA LYS B 117 -16.65 -8.64 -7.48
C LYS B 117 -16.96 -9.98 -6.82
N ILE B 118 -17.96 -10.68 -7.34
CA ILE B 118 -18.33 -11.97 -6.79
C ILE B 118 -17.25 -12.99 -7.14
N VAL B 119 -16.64 -13.57 -6.10
CA VAL B 119 -15.63 -14.60 -6.29
C VAL B 119 -16.10 -15.96 -5.79
N GLY B 120 -17.31 -16.05 -5.24
CA GLY B 120 -17.82 -17.36 -4.88
C GLY B 120 -19.32 -17.40 -4.64
N LEU B 121 -19.97 -18.47 -5.10
CA LEU B 121 -21.38 -18.72 -4.82
C LEU B 121 -21.51 -20.11 -4.23
N HIS B 122 -21.95 -20.20 -2.98
CA HIS B 122 -21.94 -21.47 -2.27
C HIS B 122 -23.29 -21.72 -1.62
N CYS B 123 -23.59 -22.99 -1.43
CA CYS B 123 -24.77 -23.43 -0.70
C CYS B 123 -24.36 -24.48 0.32
N SER B 124 -25.05 -24.50 1.45
CA SER B 124 -24.81 -25.53 2.44
C SER B 124 -25.18 -26.89 1.89
N SER B 125 -24.40 -27.91 2.24
CA SER B 125 -24.70 -29.27 1.88
C SER B 125 -25.22 -30.01 3.10
N GLU B 126 -25.52 -31.31 2.92
CA GLU B 126 -25.96 -32.12 4.04
C GLU B 126 -24.86 -32.37 5.06
N ASP B 127 -23.59 -32.21 4.66
CA ASP B 127 -22.45 -32.43 5.54
C ASP B 127 -21.89 -31.13 6.10
N LEU B 128 -21.68 -30.12 5.26
CA LEU B 128 -20.96 -28.92 5.65
C LEU B 128 -21.83 -27.69 5.46
N HIS B 129 -21.64 -26.71 6.34
CA HIS B 129 -22.32 -25.43 6.23
C HIS B 129 -21.67 -24.59 5.13
N ALA B 130 -22.37 -23.51 4.76
CA ALA B 130 -21.88 -22.63 3.70
C ALA B 130 -20.55 -21.98 4.09
N GLY B 131 -20.41 -21.58 5.36
CA GLY B 131 -19.16 -20.98 5.79
C GLY B 131 -18.00 -21.95 5.77
N GLN B 132 -18.23 -23.18 6.23
CA GLN B 132 -17.19 -24.20 6.16
C GLN B 132 -16.82 -24.51 4.72
N ILE B 133 -17.81 -24.56 3.83
CA ILE B 133 -17.54 -24.81 2.41
C ILE B 133 -16.71 -23.67 1.83
N ALA B 134 -17.04 -22.43 2.18
CA ALA B 134 -16.26 -21.29 1.70
C ALA B 134 -14.84 -21.35 2.22
N LEU B 135 -14.66 -21.74 3.49
CA LEU B 135 -13.31 -21.90 4.02
C LEU B 135 -12.54 -22.95 3.23
N ILE B 136 -13.14 -24.12 2.99
CA ILE B 136 -12.46 -25.16 2.23
C ILE B 136 -12.10 -24.67 0.84
N LYS B 137 -13.03 -23.96 0.19
CA LYS B 137 -12.84 -23.58 -1.21
C LYS B 137 -11.86 -22.41 -1.38
N HIS B 138 -11.73 -21.54 -0.37
CA HIS B 138 -10.91 -20.35 -0.55
C HIS B 138 -9.67 -20.32 0.33
N GLY B 139 -9.78 -20.67 1.62
CA GLY B 139 -8.63 -20.58 2.49
C GLY B 139 -8.35 -19.15 2.89
N SER B 140 -7.06 -18.78 2.89
CA SER B 140 -6.65 -17.43 3.21
C SER B 140 -7.04 -16.42 2.13
N ARG B 141 -7.52 -16.90 0.97
CA ARG B 141 -8.04 -16.00 -0.05
C ARG B 141 -9.29 -15.26 0.41
N LEU B 142 -9.92 -15.70 1.50
CA LEU B 142 -11.02 -14.98 2.11
C LEU B 142 -10.57 -13.70 2.81
N LYS B 143 -9.28 -13.40 2.81
CA LYS B 143 -8.78 -12.19 3.45
C LYS B 143 -9.39 -10.96 2.78
N ASN B 144 -9.88 -10.04 3.61
CA ASN B 144 -10.50 -8.80 3.16
C ASN B 144 -11.71 -9.03 2.27
N CYS B 145 -12.35 -10.19 2.39
CA CYS B 145 -13.51 -10.51 1.57
C CYS B 145 -14.79 -10.18 2.33
N ASP B 146 -15.85 -9.90 1.57
CA ASP B 146 -17.17 -9.68 2.11
C ASP B 146 -18.03 -10.91 1.87
N LEU B 147 -18.60 -11.45 2.94
CA LEU B 147 -19.40 -12.67 2.88
C LEU B 147 -20.84 -12.32 3.19
N TYR B 148 -21.74 -12.65 2.27
CA TYR B 148 -23.16 -12.39 2.41
C TYR B 148 -23.85 -13.74 2.61
N PHE B 149 -24.39 -13.93 3.81
CA PHE B 149 -25.02 -15.17 4.21
C PHE B 149 -26.54 -15.03 4.16
N SER B 150 -27.21 -16.09 3.72
CA SER B 150 -28.67 -16.10 3.78
C SER B 150 -29.19 -16.31 5.20
N ARG B 151 -28.36 -16.85 6.09
CA ARG B 151 -28.68 -16.96 7.51
C ARG B 151 -27.43 -16.62 8.30
N LYS B 152 -27.62 -16.18 9.53
CA LYS B 152 -26.48 -15.84 10.37
C LYS B 152 -25.65 -17.09 10.63
N PRO B 153 -24.35 -17.08 10.31
CA PRO B 153 -23.54 -18.30 10.48
C PRO B 153 -23.38 -18.67 11.95
N CYS B 154 -23.18 -19.95 12.18
CA CYS B 154 -22.97 -20.46 13.53
C CYS B 154 -21.58 -20.07 14.04
N SER B 155 -21.36 -20.33 15.33
CA SER B 155 -20.08 -19.97 15.95
C SER B 155 -18.92 -20.73 15.31
N ALA B 156 -19.14 -22.00 14.98
CA ALA B 156 -18.09 -22.78 14.32
C ALA B 156 -17.74 -22.17 12.96
N CYS B 157 -18.75 -21.77 12.19
CA CYS B 157 -18.49 -21.12 10.91
C CYS B 157 -17.87 -19.75 11.10
N LEU B 158 -18.39 -18.97 12.05
CA LEU B 158 -17.94 -17.59 12.21
C LEU B 158 -16.50 -17.53 12.68
N LYS B 159 -16.10 -18.40 13.61
CA LYS B 159 -14.72 -18.35 14.09
C LYS B 159 -13.73 -18.66 12.98
N MET B 160 -14.05 -19.64 12.12
CA MET B 160 -13.16 -19.97 11.02
C MET B 160 -13.15 -18.87 9.97
N ILE B 161 -14.30 -18.27 9.70
CA ILE B 161 -14.38 -17.18 8.73
C ILE B 161 -13.57 -15.98 9.22
N VAL B 162 -13.67 -15.65 10.50
CA VAL B 162 -12.88 -14.56 11.06
C VAL B 162 -11.40 -14.90 11.06
N ASN B 163 -11.06 -16.15 11.37
CA ASN B 163 -9.66 -16.57 11.32
C ASN B 163 -9.09 -16.45 9.92
N ALA B 164 -9.92 -16.69 8.89
CA ALA B 164 -9.49 -16.52 7.52
C ALA B 164 -9.25 -15.07 7.14
N GLY B 165 -9.70 -14.11 7.95
CA GLY B 165 -9.38 -12.72 7.72
C GLY B 165 -10.37 -11.94 6.88
N VAL B 166 -11.65 -12.34 6.86
CA VAL B 166 -12.62 -11.62 6.06
C VAL B 166 -12.85 -10.23 6.65
N ASN B 167 -13.34 -9.33 5.80
CA ASN B 167 -13.59 -7.96 6.23
C ASN B 167 -14.98 -7.77 6.79
N ARG B 168 -16.00 -8.33 6.12
CA ARG B 168 -17.38 -8.05 6.45
C ARG B 168 -18.20 -9.33 6.33
N ILE B 169 -19.13 -9.54 7.26
CA ILE B 169 -20.08 -10.64 7.21
C ILE B 169 -21.47 -10.02 7.31
N SER B 170 -22.12 -9.84 6.17
CA SER B 170 -23.51 -9.43 6.11
C SER B 170 -24.39 -10.65 6.15
N TYR B 171 -25.50 -10.57 6.88
CA TYR B 171 -26.41 -11.72 6.94
C TYR B 171 -27.86 -11.25 6.85
N TRP B 172 -28.70 -12.15 6.35
CA TRP B 172 -30.14 -11.95 6.30
C TRP B 172 -30.73 -12.20 7.68
N PRO B 173 -31.42 -11.21 8.29
CA PRO B 173 -31.84 -11.31 9.69
C PRO B 173 -33.12 -12.12 9.91
N ALA B 174 -33.21 -13.28 9.26
CA ALA B 174 -34.21 -14.28 9.50
C ALA B 174 -33.67 -15.30 10.51
N ASP B 175 -34.32 -16.45 10.60
CA ASP B 175 -33.81 -17.54 11.42
C ASP B 175 -32.37 -17.86 11.03
N PRO B 176 -31.45 -17.89 11.98
CA PRO B 176 -30.03 -18.11 11.65
C PRO B 176 -29.76 -19.55 11.27
N GLU B 177 -28.47 -19.85 11.06
CA GLU B 177 -28.05 -21.19 10.65
C GLU B 177 -28.47 -22.24 11.66
N ILE B 178 -28.20 -22.00 12.94
CA ILE B 178 -28.71 -22.85 14.01
C ILE B 178 -30.10 -22.34 14.34
N SER B 179 -31.13 -23.07 13.91
CA SER B 179 -32.50 -22.57 13.96
C SER B 179 -32.93 -22.28 15.39
N LEU B 180 -33.53 -21.11 15.59
CA LEU B 180 -34.11 -20.71 16.86
C LEU B 180 -35.59 -21.01 16.96
N LEU B 181 -36.17 -21.61 15.92
CA LEU B 181 -37.59 -21.96 15.91
C LEU B 181 -37.82 -23.45 16.15
N THR B 182 -36.80 -24.19 16.55
CA THR B 182 -36.93 -25.62 16.78
C THR B 182 -37.85 -25.93 17.95
N SER B 187 -33.58 -25.65 22.02
CA SER B 187 -33.41 -24.23 21.73
C SER B 187 -32.31 -23.63 22.59
N GLU B 188 -31.95 -24.33 23.67
CA GLU B 188 -30.86 -23.87 24.53
C GLU B 188 -29.53 -23.89 23.79
N ASP B 189 -29.27 -24.94 23.01
CA ASP B 189 -28.04 -25.00 22.23
C ASP B 189 -28.00 -23.90 21.17
N ALA B 190 -29.14 -23.63 20.53
CA ALA B 190 -29.19 -22.57 19.52
C ALA B 190 -28.93 -21.20 20.16
N LYS B 191 -29.52 -20.95 21.33
CA LYS B 191 -29.28 -19.68 22.01
C LYS B 191 -27.83 -19.56 22.45
N LEU B 192 -27.24 -20.66 22.94
CA LEU B 192 -25.83 -20.63 23.33
C LEU B 192 -24.94 -20.37 22.12
N ASP B 193 -25.28 -20.95 20.98
CA ASP B 193 -24.53 -20.68 19.75
C ASP B 193 -24.66 -19.22 19.34
N ALA B 194 -25.85 -18.64 19.49
CA ALA B 194 -26.03 -17.24 19.15
C ALA B 194 -25.21 -16.34 20.07
N LYS B 195 -25.18 -16.66 21.37
CA LYS B 195 -24.34 -15.90 22.29
C LYS B 195 -22.86 -16.03 21.94
N ALA B 196 -22.43 -17.23 21.56
CA ALA B 196 -21.04 -17.42 21.13
C ALA B 196 -20.74 -16.61 19.87
N VAL B 197 -21.69 -16.55 18.95
CA VAL B 197 -21.52 -15.76 17.74
C VAL B 197 -21.37 -14.28 18.09
N GLU B 198 -22.20 -13.80 19.03
CA GLU B 198 -22.11 -12.40 19.45
C GLU B 198 -20.77 -12.11 20.10
N ARG B 199 -20.28 -13.03 20.94
CA ARG B 199 -18.98 -12.83 21.56
C ARG B 199 -17.86 -12.84 20.54
N LEU B 200 -17.95 -13.72 19.53
CA LEU B 200 -16.97 -13.71 18.45
C LEU B 200 -16.98 -12.40 17.70
N LYS B 201 -18.18 -11.86 17.42
CA LYS B 201 -18.29 -10.58 16.75
C LYS B 201 -17.69 -9.45 17.58
N SER B 202 -17.91 -9.48 18.89
CA SER B 202 -17.45 -8.39 19.74
C SER B 202 -15.94 -8.30 19.80
N ASN B 203 -15.23 -9.42 19.63
CA ASN B 203 -13.79 -9.48 19.82
C ASN B 203 -13.05 -9.80 18.53
N SER B 204 -13.54 -9.29 17.39
CA SER B 204 -12.91 -9.54 16.10
C SER B 204 -12.93 -8.27 15.27
N ARG B 205 -11.92 -8.15 14.40
CA ARG B 205 -11.88 -7.01 13.48
C ARG B 205 -12.93 -7.14 12.40
N ALA B 206 -13.41 -8.35 12.13
CA ALA B 206 -14.46 -8.55 11.14
C ALA B 206 -15.76 -7.88 11.61
N HIS B 207 -16.46 -7.27 10.66
CA HIS B 207 -17.69 -6.53 10.93
C HIS B 207 -18.88 -7.43 10.57
N VAL B 208 -19.54 -7.97 11.59
CA VAL B 208 -20.74 -8.76 11.39
C VAL B 208 -21.94 -7.83 11.47
N CYS B 209 -22.79 -7.86 10.44
CA CYS B 209 -23.82 -6.84 10.31
C CYS B 209 -24.93 -7.33 9.38
N VAL B 210 -26.00 -6.54 9.35
CA VAL B 210 -27.09 -6.70 8.39
C VAL B 210 -27.03 -5.50 7.45
N LEU B 211 -26.76 -5.75 6.18
CA LEU B 211 -26.49 -4.68 5.22
C LEU B 211 -27.57 -4.51 4.17
N LEU B 212 -28.70 -5.21 4.28
CA LEU B 212 -29.77 -5.04 3.31
C LEU B 212 -30.31 -3.62 3.36
N GLN B 213 -30.56 -3.05 2.19
CA GLN B 213 -31.01 -1.68 2.06
C GLN B 213 -32.43 -1.61 1.52
N PRO B 214 -33.16 -0.53 1.82
CA PRO B 214 -34.45 -0.33 1.16
C PRO B 214 -34.28 -0.12 -0.33
N LEU B 215 -35.25 -0.60 -1.09
CA LEU B 215 -35.30 -0.38 -2.52
C LEU B 215 -36.05 0.93 -2.81
N VAL B 216 -35.78 1.51 -3.97
CA VAL B 216 -36.59 2.64 -4.39
C VAL B 216 -38.02 2.17 -4.65
N CYS B 217 -38.96 3.10 -4.58
CA CYS B 217 -40.37 2.75 -4.66
C CYS B 217 -40.73 2.14 -6.01
N TYR B 218 -39.98 2.48 -7.05
CA TYR B 218 -40.24 1.99 -8.40
C TYR B 218 -39.46 0.72 -8.73
N MET B 219 -38.56 0.28 -7.85
CA MET B 219 -37.67 -0.84 -8.19
C MET B 219 -38.47 -2.12 -8.41
N VAL B 220 -39.43 -2.41 -7.53
CA VAL B 220 -40.19 -3.65 -7.66
C VAL B 220 -41.10 -3.60 -8.88
N GLN B 221 -41.74 -2.46 -9.12
CA GLN B 221 -42.59 -2.31 -10.30
C GLN B 221 -41.77 -2.44 -11.58
N PHE B 222 -40.59 -1.82 -11.61
CA PHE B 222 -39.72 -1.92 -12.78
C PHE B 222 -39.25 -3.36 -12.99
N VAL B 223 -38.91 -4.05 -11.90
CA VAL B 223 -38.49 -5.44 -12.00
C VAL B 223 -39.61 -6.30 -12.55
N GLU B 224 -40.85 -6.07 -12.09
CA GLU B 224 -42.00 -6.80 -12.62
C GLU B 224 -42.19 -6.50 -14.10
N GLU B 225 -42.08 -5.23 -14.49
CA GLU B 225 -42.27 -4.85 -15.89
C GLU B 225 -41.24 -5.52 -16.80
N THR B 226 -39.98 -5.50 -16.38
CA THR B 226 -38.93 -6.11 -17.20
C THR B 226 -38.97 -7.63 -17.14
N SER B 227 -39.51 -8.19 -16.06
CA SER B 227 -39.61 -9.64 -15.97
C SER B 227 -40.72 -10.17 -16.86
N TYR B 228 -41.82 -9.42 -16.98
CA TYR B 228 -42.85 -9.82 -17.93
C TYR B 228 -42.37 -9.67 -19.37
N LYS B 229 -41.44 -8.74 -19.62
CA LYS B 229 -40.96 -8.47 -20.97
C LYS B 229 -39.59 -9.08 -21.23
N CYS B 230 -39.23 -10.12 -20.49
CA CYS B 230 -37.95 -10.81 -20.68
C CYS B 230 -38.09 -11.89 -21.74
N ASP B 231 -36.94 -12.40 -22.21
CA ASP B 231 -36.92 -13.33 -23.32
C ASP B 231 -37.73 -14.59 -23.02
N PHE B 232 -37.62 -15.13 -21.82
CA PHE B 232 -38.24 -16.40 -21.45
C PHE B 232 -39.75 -16.28 -21.29
N ILE B 233 -40.23 -15.25 -20.61
CA ILE B 233 -41.66 -15.05 -20.46
C ILE B 233 -42.31 -14.78 -21.81
N GLN B 234 -41.69 -13.95 -22.63
CA GLN B 234 -42.23 -13.69 -23.97
C GLN B 234 -42.18 -14.94 -24.84
N LYS B 235 -41.13 -15.74 -24.72
CA LYS B 235 -41.05 -16.98 -25.49
C LYS B 235 -42.17 -17.94 -25.10
N ILE B 236 -42.47 -18.04 -23.80
CA ILE B 236 -43.61 -18.85 -23.38
C ILE B 236 -44.92 -18.26 -23.89
N THR B 237 -45.05 -16.92 -23.83
CA THR B 237 -46.29 -16.26 -24.23
C THR B 237 -46.59 -16.50 -25.70
N LYS B 238 -45.58 -16.40 -26.56
CA LYS B 238 -45.79 -16.63 -27.99
C LYS B 238 -46.26 -18.06 -28.25
N THR B 239 -45.67 -19.03 -27.55
CA THR B 239 -46.06 -20.43 -27.70
C THR B 239 -47.36 -20.71 -26.96
N PHE B 247 -50.43 -16.26 -16.77
CA PHE B 247 -49.69 -17.43 -16.31
C PHE B 247 -48.48 -17.01 -15.49
N TYR B 248 -47.85 -15.91 -15.90
CA TYR B 248 -46.64 -15.46 -15.22
C TYR B 248 -46.96 -14.93 -13.83
N TYR B 249 -48.12 -14.26 -13.68
CA TYR B 249 -48.49 -13.70 -12.39
C TYR B 249 -48.91 -14.78 -11.39
N GLU B 250 -49.50 -15.88 -11.88
CA GLU B 250 -49.81 -17.00 -11.00
C GLU B 250 -48.54 -17.62 -10.43
N CYS B 251 -47.54 -17.84 -11.30
CA CYS B 251 -46.24 -18.32 -10.83
C CYS B 251 -45.59 -17.32 -9.90
N LYS B 252 -45.76 -16.03 -10.18
CA LYS B 252 -45.22 -15.00 -9.29
C LYS B 252 -45.85 -15.10 -7.91
N GLN B 253 -47.16 -15.27 -7.84
CA GLN B 253 -47.84 -15.39 -6.54
C GLN B 253 -47.39 -16.64 -5.81
N GLU B 254 -47.25 -17.76 -6.53
CA GLU B 254 -46.78 -18.99 -5.88
C GLU B 254 -45.38 -18.83 -5.32
N ARG B 255 -44.47 -18.22 -6.09
CA ARG B 255 -43.13 -17.97 -5.60
C ARG B 255 -43.14 -16.99 -4.45
N ILE B 256 -44.02 -15.99 -4.48
CA ILE B 256 -44.13 -15.05 -3.36
C ILE B 256 -44.48 -15.80 -2.09
N LYS B 257 -45.49 -16.66 -2.16
CA LYS B 257 -45.88 -17.43 -0.97
C LYS B 257 -44.75 -18.31 -0.49
N GLU B 258 -44.12 -19.06 -1.40
CA GLU B 258 -43.07 -20.00 -1.01
C GLU B 258 -41.88 -19.28 -0.40
N TYR B 259 -41.43 -18.19 -1.03
CA TYR B 259 -40.23 -17.51 -0.56
C TYR B 259 -40.52 -16.68 0.68
N GLU B 260 -41.74 -16.19 0.85
CA GLU B 260 -42.10 -15.55 2.11
C GLU B 260 -42.13 -16.56 3.25
N MET B 261 -42.59 -17.78 2.97
CA MET B 261 -42.53 -18.82 3.98
C MET B 261 -41.10 -19.19 4.32
N LEU B 262 -40.23 -19.30 3.31
CA LEU B 262 -38.87 -19.78 3.54
C LEU B 262 -37.98 -18.72 4.18
N PHE B 263 -38.07 -17.46 3.73
CA PHE B 263 -37.10 -16.45 4.07
C PHE B 263 -37.57 -15.42 5.10
N LEU B 264 -38.87 -15.28 5.29
CA LEU B 264 -39.41 -14.30 6.23
C LEU B 264 -39.98 -15.00 7.45
N VAL B 265 -40.11 -14.24 8.53
CA VAL B 265 -40.76 -14.70 9.76
C VAL B 265 -42.05 -13.92 9.88
N SER B 266 -43.17 -14.56 9.55
CA SER B 266 -44.45 -13.86 9.52
C SER B 266 -44.85 -13.36 10.90
N ASN B 267 -44.65 -14.19 11.93
CA ASN B 267 -45.01 -13.79 13.29
C ASN B 267 -44.04 -12.72 13.78
N GLU B 268 -44.58 -11.57 14.18
CA GLU B 268 -43.73 -10.45 14.59
C GLU B 268 -43.04 -10.74 15.92
N GLU B 269 -43.72 -11.41 16.85
CA GLU B 269 -43.10 -11.73 18.12
C GLU B 269 -41.95 -12.72 17.95
N MET B 270 -42.12 -13.72 17.09
CA MET B 270 -41.05 -14.66 16.81
C MET B 270 -39.85 -13.96 16.19
N HIS B 271 -40.10 -13.04 15.25
CA HIS B 271 -39.00 -12.30 14.64
C HIS B 271 -38.31 -11.40 15.66
N LYS B 272 -39.07 -10.79 16.56
CA LYS B 272 -38.47 -9.98 17.62
C LYS B 272 -37.59 -10.83 18.52
N GLN B 273 -38.05 -12.03 18.86
CA GLN B 273 -37.23 -12.94 19.65
C GLN B 273 -35.96 -13.31 18.92
N ILE B 274 -36.06 -13.60 17.62
CA ILE B 274 -34.89 -13.95 16.83
C ILE B 274 -33.89 -12.79 16.82
N LEU B 275 -34.38 -11.58 16.59
CA LEU B 275 -33.50 -10.42 16.52
C LEU B 275 -32.86 -10.13 17.88
N MET B 276 -33.59 -10.34 18.97
CA MET B 276 -33.00 -10.21 20.29
C MET B 276 -31.90 -11.24 20.51
N THR B 277 -32.13 -12.47 20.07
CA THR B 277 -31.17 -13.55 20.31
C THR B 277 -29.89 -13.35 19.51
N ILE B 278 -30.00 -12.83 18.29
CA ILE B 278 -28.84 -12.72 17.40
C ILE B 278 -28.20 -11.33 17.54
N GLY B 279 -28.53 -10.64 18.62
CA GLY B 279 -27.93 -9.34 18.90
C GLY B 279 -28.33 -8.24 17.96
N LEU B 280 -29.60 -8.20 17.56
CA LEU B 280 -30.14 -7.12 16.73
C LEU B 280 -31.24 -6.39 17.49
N GLU B 281 -30.98 -6.10 18.77
CA GLU B 281 -31.98 -5.44 19.60
C GLU B 281 -32.30 -4.04 19.12
N ASN B 282 -31.38 -3.40 18.40
CA ASN B 282 -31.63 -2.06 17.89
C ASN B 282 -32.75 -2.03 16.86
N LEU B 283 -33.06 -3.17 16.24
CA LEU B 283 -34.09 -3.25 15.22
C LEU B 283 -35.34 -3.99 15.72
N CYS B 284 -35.58 -3.99 17.03
CA CYS B 284 -36.70 -4.72 17.60
C CYS B 284 -37.91 -3.86 17.91
N GLU B 285 -37.75 -2.53 17.95
CA GLU B 285 -38.86 -1.63 18.22
C GLU B 285 -39.05 -0.66 17.05
N ASN B 286 -40.29 -0.22 16.88
CA ASN B 286 -40.67 0.58 15.73
C ASN B 286 -39.98 1.95 15.78
N PRO B 287 -39.73 2.56 14.62
CA PRO B 287 -40.08 2.10 13.26
C PRO B 287 -39.04 1.17 12.66
N TYR B 288 -37.94 0.91 13.39
CA TYR B 288 -36.85 0.11 12.84
C TYR B 288 -37.28 -1.33 12.61
N PHE B 289 -38.10 -1.89 13.49
CA PHE B 289 -38.60 -3.26 13.30
C PHE B 289 -39.47 -3.35 12.05
N SER B 290 -40.45 -2.44 11.93
CA SER B 290 -41.31 -2.43 10.75
C SER B 290 -40.53 -2.11 9.49
N ASN B 291 -39.58 -1.18 9.57
CA ASN B 291 -38.77 -0.85 8.40
C ASN B 291 -37.95 -2.04 7.94
N LEU B 292 -37.34 -2.76 8.89
CA LEU B 292 -36.56 -3.95 8.53
C LEU B 292 -37.45 -5.01 7.89
N ARG B 293 -38.62 -5.26 8.49
CA ARG B 293 -39.52 -6.26 7.91
C ARG B 293 -40.02 -5.84 6.53
N GLN B 294 -40.28 -4.55 6.32
CA GLN B 294 -40.73 -4.09 5.01
C GLN B 294 -39.63 -4.21 3.97
N ASN B 295 -38.39 -3.88 4.33
CA ASN B 295 -37.28 -4.05 3.39
C ASN B 295 -37.08 -5.52 3.04
N MET B 296 -37.18 -6.40 4.04
CA MET B 296 -37.06 -7.82 3.78
C MET B 296 -38.17 -8.31 2.86
N LYS B 297 -39.40 -7.86 3.10
CA LYS B 297 -40.53 -8.25 2.26
C LYS B 297 -40.36 -7.74 0.83
N ASP B 298 -39.85 -6.51 0.67
CA ASP B 298 -39.62 -5.98 -0.66
C ASP B 298 -38.54 -6.77 -1.40
N LEU B 299 -37.47 -7.12 -0.71
CA LEU B 299 -36.43 -7.93 -1.34
C LEU B 299 -36.94 -9.31 -1.72
N ILE B 300 -37.78 -9.92 -0.87
CA ILE B 300 -38.34 -11.22 -1.21
C ILE B 300 -39.32 -11.11 -2.38
N LEU B 301 -40.08 -10.02 -2.45
CA LEU B 301 -40.96 -9.81 -3.60
C LEU B 301 -40.15 -9.69 -4.88
N LEU B 302 -39.04 -8.93 -4.83
CA LEU B 302 -38.19 -8.82 -6.01
C LEU B 302 -37.59 -10.17 -6.40
N LEU B 303 -37.15 -10.94 -5.40
CA LEU B 303 -36.60 -12.27 -5.67
C LEU B 303 -37.63 -13.18 -6.31
N ALA B 304 -38.86 -13.17 -5.78
CA ALA B 304 -39.92 -14.00 -6.35
C ALA B 304 -40.24 -13.56 -7.78
N THR B 305 -40.26 -12.25 -8.03
CA THR B 305 -40.50 -11.75 -9.38
C THR B 305 -39.43 -12.27 -10.34
N VAL B 306 -38.16 -12.11 -9.98
CA VAL B 306 -37.08 -12.52 -10.86
C VAL B 306 -37.10 -14.03 -11.08
N ALA B 307 -37.34 -14.80 -10.01
CA ALA B 307 -37.39 -16.25 -10.13
C ALA B 307 -38.55 -16.70 -11.01
N SER B 308 -39.70 -16.04 -10.90
CA SER B 308 -40.84 -16.37 -11.73
C SER B 308 -40.63 -15.97 -13.18
N SER B 309 -39.75 -15.00 -13.44
CA SER B 309 -39.45 -14.63 -14.82
C SER B 309 -38.76 -15.75 -15.60
N VAL B 310 -38.24 -16.77 -14.92
CA VAL B 310 -37.72 -17.97 -15.56
C VAL B 310 -38.46 -19.15 -14.92
N PRO B 311 -39.70 -19.41 -15.32
CA PRO B 311 -40.58 -20.27 -14.52
C PRO B 311 -40.50 -21.75 -14.88
N ASN B 312 -40.81 -22.58 -13.88
CA ASN B 312 -41.06 -24.01 -14.08
C ASN B 312 -42.48 -24.14 -14.60
N PHE B 313 -42.63 -23.94 -15.91
CA PHE B 313 -43.93 -23.84 -16.55
C PHE B 313 -44.02 -24.83 -17.69
N LYS B 314 -45.05 -25.68 -17.65
CA LYS B 314 -45.34 -26.68 -18.69
C LYS B 314 -44.07 -27.48 -18.94
N HIS B 315 -43.62 -27.62 -20.18
CA HIS B 315 -42.39 -28.33 -20.50
C HIS B 315 -41.37 -27.38 -21.12
N PHE B 316 -41.36 -26.13 -20.65
CA PHE B 316 -40.41 -25.13 -21.14
C PHE B 316 -39.10 -25.26 -20.39
N GLY B 317 -38.01 -25.39 -21.14
CA GLY B 317 -36.69 -25.46 -20.56
C GLY B 317 -35.63 -25.09 -21.58
N PHE B 318 -34.39 -25.40 -21.29
CA PHE B 318 -33.27 -25.09 -22.18
C PHE B 318 -32.94 -26.32 -23.00
N TYR B 319 -33.05 -26.19 -24.32
CA TYR B 319 -32.88 -27.34 -25.20
C TYR B 319 -32.10 -26.94 -26.44
N ARG B 320 -31.93 -27.90 -27.34
CA ARG B 320 -31.10 -27.83 -28.55
C ARG B 320 -29.63 -27.92 -28.19
N ASN B 331 -21.86 -32.47 -24.30
CA ASN B 331 -22.96 -31.86 -25.05
C ASN B 331 -24.28 -32.07 -24.31
N GLN B 332 -24.24 -32.85 -23.24
CA GLN B 332 -25.44 -33.12 -22.45
C GLN B 332 -25.86 -31.87 -21.70
N SER B 333 -27.15 -31.56 -21.75
CA SER B 333 -27.67 -30.38 -21.05
C SER B 333 -27.67 -30.61 -19.55
N LEU B 334 -27.64 -29.50 -18.81
CA LEU B 334 -27.76 -29.55 -17.37
C LEU B 334 -29.18 -29.93 -16.99
N PRO B 335 -29.39 -30.40 -15.76
CA PRO B 335 -30.76 -30.54 -15.26
C PRO B 335 -31.48 -29.20 -15.31
N GLN B 336 -32.77 -29.25 -15.66
CA GLN B 336 -33.51 -28.02 -15.90
C GLN B 336 -33.57 -27.13 -14.66
N GLU B 337 -33.56 -27.74 -13.48
CA GLU B 337 -33.60 -26.95 -12.25
C GLU B 337 -32.34 -26.11 -12.08
N ILE B 338 -31.17 -26.72 -12.32
CA ILE B 338 -29.91 -25.98 -12.19
C ILE B 338 -29.81 -24.91 -13.26
N ALA B 339 -30.24 -25.23 -14.48
CA ALA B 339 -30.22 -24.24 -15.56
C ALA B 339 -31.11 -23.06 -15.23
N ARG B 340 -32.30 -23.32 -14.70
CA ARG B 340 -33.19 -22.24 -14.29
C ARG B 340 -32.59 -21.41 -13.17
N HIS B 341 -31.94 -22.07 -12.19
CA HIS B 341 -31.32 -21.34 -11.09
C HIS B 341 -30.22 -20.41 -11.60
N CYS B 342 -29.37 -20.92 -12.50
CA CYS B 342 -28.30 -20.08 -13.05
C CYS B 342 -28.84 -18.95 -13.90
N MET B 343 -29.91 -19.21 -14.66
CA MET B 343 -30.52 -18.15 -15.45
C MET B 343 -31.16 -17.09 -14.55
N VAL B 344 -31.72 -17.49 -13.41
CA VAL B 344 -32.23 -16.49 -12.47
C VAL B 344 -31.09 -15.69 -11.85
N GLN B 345 -29.94 -16.33 -11.61
CA GLN B 345 -28.75 -15.58 -11.21
C GLN B 345 -28.41 -14.50 -12.23
N ALA B 346 -28.40 -14.89 -13.51
CA ALA B 346 -28.09 -13.93 -14.57
C ALA B 346 -29.14 -12.83 -14.63
N ARG B 347 -30.41 -13.17 -14.45
CA ARG B 347 -31.47 -12.15 -14.44
C ARG B 347 -31.28 -11.18 -13.30
N LEU B 348 -30.92 -11.68 -12.12
CA LEU B 348 -30.65 -10.80 -10.98
C LEU B 348 -29.49 -9.86 -11.28
N LEU B 349 -28.42 -10.40 -11.87
CA LEU B 349 -27.29 -9.55 -12.22
C LEU B 349 -27.64 -8.53 -13.30
N ALA B 350 -28.64 -8.85 -14.14
CA ALA B 350 -29.05 -7.92 -15.19
C ALA B 350 -29.60 -6.61 -14.62
N TYR B 351 -30.01 -6.60 -13.36
CA TYR B 351 -30.55 -5.40 -12.73
C TYR B 351 -29.48 -4.50 -12.13
N ARG B 352 -28.21 -4.86 -12.25
CA ARG B 352 -27.10 -3.98 -11.91
C ARG B 352 -26.62 -3.17 -13.11
N THR B 353 -27.37 -3.19 -14.20
CA THR B 353 -26.90 -2.64 -15.47
C THR B 353 -26.63 -1.14 -15.37
N GLU B 354 -25.53 -0.71 -15.99
CA GLU B 354 -25.27 0.70 -16.20
C GLU B 354 -25.98 1.23 -17.42
N ASP B 355 -26.54 0.36 -18.26
CA ASP B 355 -27.30 0.79 -19.41
C ASP B 355 -28.59 1.48 -18.97
N HIS B 356 -29.05 2.41 -19.81
CA HIS B 356 -30.27 3.15 -19.52
C HIS B 356 -31.53 2.48 -20.07
N LYS B 357 -31.39 1.49 -20.95
CA LYS B 357 -32.54 0.85 -21.56
C LYS B 357 -32.67 -0.62 -21.18
N THR B 358 -31.64 -1.44 -21.43
CA THR B 358 -31.76 -2.88 -21.30
C THR B 358 -30.65 -3.42 -20.42
N GLY B 359 -31.01 -4.27 -19.46
CA GLY B 359 -30.05 -4.93 -18.61
C GLY B 359 -29.86 -6.38 -19.04
N VAL B 360 -28.60 -6.77 -19.19
CA VAL B 360 -28.22 -8.12 -19.57
C VAL B 360 -27.29 -8.68 -18.50
N GLY B 361 -27.55 -9.90 -18.07
CA GLY B 361 -26.73 -10.57 -17.08
C GLY B 361 -26.16 -11.86 -17.62
N ALA B 362 -25.00 -12.25 -17.08
CA ALA B 362 -24.33 -13.47 -17.51
C ALA B 362 -23.65 -14.11 -16.31
N VAL B 363 -23.80 -15.42 -16.18
CA VAL B 363 -23.11 -16.21 -15.17
C VAL B 363 -22.41 -17.39 -15.83
N ILE B 364 -21.13 -17.56 -15.53
CA ILE B 364 -20.34 -18.69 -15.99
C ILE B 364 -20.16 -19.64 -14.81
N TRP B 365 -20.59 -20.88 -14.99
CA TRP B 365 -20.42 -21.97 -14.05
C TRP B 365 -19.64 -23.08 -14.73
N ALA B 366 -19.01 -23.94 -13.94
CA ALA B 366 -18.30 -25.09 -14.46
C ALA B 366 -18.60 -26.31 -13.62
N GLU B 367 -18.62 -27.47 -14.26
CA GLU B 367 -18.84 -28.75 -13.59
C GLU B 367 -17.50 -29.45 -13.43
N GLY B 368 -17.09 -29.69 -12.19
CA GLY B 368 -15.86 -30.40 -11.94
C GLY B 368 -16.00 -31.88 -12.21
N LYS B 369 -14.84 -32.52 -12.41
CA LYS B 369 -14.83 -33.97 -12.66
C LYS B 369 -15.10 -34.77 -11.39
N SER B 370 -14.59 -34.31 -10.25
CA SER B 370 -14.77 -34.99 -8.99
C SER B 370 -15.75 -34.21 -8.11
N ARG B 371 -16.43 -34.94 -7.22
CA ARG B 371 -17.39 -34.32 -6.32
C ARG B 371 -16.66 -33.44 -5.30
N SER B 372 -17.27 -32.30 -4.99
CA SER B 372 -16.70 -31.34 -4.07
C SER B 372 -17.52 -31.28 -2.79
N CYS B 373 -17.09 -30.41 -1.87
CA CYS B 373 -17.76 -30.26 -0.59
C CYS B 373 -18.98 -29.34 -0.67
N ASP B 374 -19.12 -28.59 -1.75
CA ASP B 374 -20.17 -27.58 -1.85
C ASP B 374 -21.55 -28.24 -1.97
N GLY B 375 -22.57 -27.47 -1.58
CA GLY B 375 -23.94 -27.88 -1.80
C GLY B 375 -24.41 -27.75 -3.22
N THR B 376 -23.61 -27.12 -4.08
CA THR B 376 -23.88 -27.05 -5.51
C THR B 376 -23.40 -28.29 -6.25
N GLY B 377 -22.80 -29.25 -5.55
CA GLY B 377 -22.29 -30.45 -6.18
C GLY B 377 -20.95 -30.22 -6.87
N ALA B 378 -20.73 -30.92 -7.98
CA ALA B 378 -19.52 -30.69 -8.75
C ALA B 378 -19.48 -29.31 -9.39
N MET B 379 -20.64 -28.67 -9.53
CA MET B 379 -20.70 -27.37 -10.18
C MET B 379 -20.16 -26.27 -9.26
N TYR B 380 -19.36 -25.38 -9.84
CA TYR B 380 -18.79 -24.28 -9.08
C TYR B 380 -18.87 -23.00 -9.91
N PHE B 381 -18.98 -21.88 -9.21
CA PHE B 381 -19.12 -20.58 -9.85
C PHE B 381 -17.79 -20.13 -10.43
N VAL B 382 -17.82 -19.66 -11.67
CA VAL B 382 -16.63 -19.20 -12.38
C VAL B 382 -16.61 -17.69 -12.51
N GLY B 383 -17.69 -17.10 -12.99
CA GLY B 383 -17.70 -15.66 -13.21
C GLY B 383 -19.11 -15.12 -13.36
N CYS B 384 -19.22 -13.81 -13.29
CA CYS B 384 -20.50 -13.14 -13.46
C CYS B 384 -20.26 -11.76 -14.03
N GLY B 385 -21.28 -11.23 -14.69
CA GLY B 385 -21.17 -9.90 -15.26
C GLY B 385 -22.51 -9.38 -15.71
N TYR B 386 -22.54 -8.07 -15.94
CA TYR B 386 -23.69 -7.37 -16.50
C TYR B 386 -23.15 -6.35 -17.48
N ASN B 387 -24.03 -5.85 -18.35
CA ASN B 387 -23.60 -4.80 -19.28
C ASN B 387 -23.36 -3.49 -18.53
N ALA B 388 -22.20 -2.91 -18.77
CA ALA B 388 -21.79 -1.69 -18.08
C ALA B 388 -20.67 -1.03 -18.88
N PHE B 389 -20.41 0.22 -18.56
CA PHE B 389 -19.30 0.93 -19.15
C PHE B 389 -17.99 0.52 -18.45
N PRO B 390 -16.84 0.77 -19.08
CA PRO B 390 -15.57 0.33 -18.47
C PRO B 390 -15.41 0.85 -17.05
N VAL B 391 -14.85 -0.01 -16.20
CA VAL B 391 -14.78 0.30 -14.77
C VAL B 391 -14.01 1.59 -14.55
N GLY B 392 -14.57 2.46 -13.71
CA GLY B 392 -14.01 3.77 -13.46
C GLY B 392 -14.62 4.89 -14.26
N SER B 393 -15.71 4.63 -14.99
CA SER B 393 -16.35 5.66 -15.81
C SER B 393 -17.44 6.35 -15.00
N GLU B 394 -17.60 7.65 -15.26
CA GLU B 394 -18.63 8.43 -14.61
C GLU B 394 -19.95 8.31 -15.38
N TYR B 395 -20.96 9.05 -14.92
CA TYR B 395 -22.26 9.02 -15.59
C TYR B 395 -22.17 9.60 -16.99
N ALA B 396 -21.41 10.69 -17.16
CA ALA B 396 -21.32 11.39 -18.43
C ALA B 396 -20.03 11.11 -19.18
N ASP B 397 -19.25 10.12 -18.75
CA ASP B 397 -18.00 9.82 -19.44
C ASP B 397 -18.25 9.30 -20.84
N PHE B 398 -19.23 8.42 -21.01
CA PHE B 398 -19.47 7.77 -22.28
C PHE B 398 -20.90 7.99 -22.75
N PRO B 399 -21.14 7.99 -24.06
CA PRO B 399 -22.51 8.13 -24.56
C PRO B 399 -23.40 6.98 -24.11
N HIS B 400 -24.67 7.29 -23.87
CA HIS B 400 -25.66 6.31 -23.45
C HIS B 400 -26.76 6.11 -24.49
N MET B 401 -26.66 6.73 -25.65
CA MET B 401 -27.72 6.68 -26.64
C MET B 401 -27.84 5.30 -27.27
N ASP B 402 -29.06 4.94 -27.64
CA ASP B 402 -29.34 3.75 -28.44
C ASP B 402 -29.10 4.10 -29.91
N ASP B 403 -29.57 3.23 -30.81
CA ASP B 403 -29.38 3.44 -32.24
C ASP B 403 -30.13 4.65 -32.76
N LYS B 404 -31.05 5.22 -31.96
CA LYS B 404 -31.79 6.39 -32.41
C LYS B 404 -30.88 7.56 -32.73
N GLN B 405 -29.75 7.68 -32.02
CA GLN B 405 -28.82 8.77 -32.26
C GLN B 405 -28.28 8.70 -33.69
N LYS B 406 -28.30 9.85 -34.38
CA LYS B 406 -27.87 9.88 -35.76
C LYS B 406 -26.37 9.62 -35.89
N ASP B 407 -25.57 10.28 -35.05
CA ASP B 407 -24.12 10.13 -35.12
C ASP B 407 -23.71 8.80 -34.50
N ARG B 408 -23.11 7.92 -35.30
CA ARG B 408 -22.65 6.64 -34.79
C ARG B 408 -21.54 6.80 -33.77
N GLU B 409 -20.82 7.92 -33.78
CA GLU B 409 -19.74 8.13 -32.82
C GLU B 409 -20.28 8.28 -31.40
N ILE B 410 -21.47 8.85 -31.25
CA ILE B 410 -22.05 9.13 -29.94
C ILE B 410 -23.05 8.05 -29.57
N ARG B 411 -22.93 6.88 -30.18
CA ARG B 411 -23.74 5.73 -29.81
C ARG B 411 -23.02 4.90 -28.75
N LYS B 412 -23.79 4.38 -27.80
CA LYS B 412 -23.22 3.67 -26.66
C LYS B 412 -22.57 2.35 -27.04
N PHE B 413 -22.86 1.82 -28.23
CA PHE B 413 -22.53 0.43 -28.54
C PHE B 413 -21.02 0.19 -28.59
N ARG B 414 -20.25 1.21 -28.98
CA ARG B 414 -18.81 1.05 -29.10
C ARG B 414 -18.09 1.18 -27.77
N TYR B 415 -18.79 1.51 -26.69
CA TYR B 415 -18.17 1.70 -25.38
C TYR B 415 -18.77 0.87 -24.27
N ILE B 416 -19.88 0.18 -24.51
CA ILE B 416 -20.52 -0.62 -23.48
C ILE B 416 -19.83 -1.99 -23.41
N ILE B 417 -19.45 -2.40 -22.21
CA ILE B 417 -18.92 -3.74 -22.00
C ILE B 417 -20.10 -4.68 -21.79
N HIS B 418 -20.12 -5.78 -22.55
CA HIS B 418 -21.24 -6.69 -22.49
C HIS B 418 -21.17 -7.58 -21.25
N ALA B 419 -22.30 -8.23 -20.96
CA ALA B 419 -22.40 -9.06 -19.76
C ALA B 419 -21.44 -10.24 -19.82
N ALA B 420 -21.35 -10.89 -20.98
CA ALA B 420 -20.43 -12.02 -21.11
C ALA B 420 -18.97 -11.56 -21.06
N GLN B 421 -18.69 -10.40 -21.64
CA GLN B 421 -17.33 -9.85 -21.58
C GLN B 421 -16.93 -9.54 -20.15
N ASN B 422 -17.85 -8.99 -19.35
CA ASN B 422 -17.58 -8.74 -17.95
C ASN B 422 -17.46 -10.03 -17.14
N ALA B 423 -18.27 -11.03 -17.47
CA ALA B 423 -18.17 -12.32 -16.78
C ALA B 423 -16.82 -12.96 -17.04
N LEU B 424 -16.33 -12.89 -18.28
CA LEU B 424 -15.02 -13.45 -18.59
C LEU B 424 -13.89 -12.61 -18.03
N THR B 425 -14.05 -11.29 -17.95
CA THR B 425 -12.99 -10.44 -17.46
C THR B 425 -12.73 -10.66 -15.98
N PHE B 426 -13.79 -10.67 -15.17
CA PHE B 426 -13.66 -10.76 -13.72
C PHE B 426 -13.97 -12.15 -13.19
N ARG B 427 -13.64 -13.18 -13.97
CA ARG B 427 -13.80 -14.55 -13.51
C ARG B 427 -12.87 -14.83 -12.34
N CYS B 428 -13.37 -15.58 -11.35
CA CYS B 428 -12.56 -15.98 -10.21
C CYS B 428 -11.88 -17.33 -10.42
N GLN B 429 -12.23 -18.05 -11.49
CA GLN B 429 -11.66 -19.34 -11.78
C GLN B 429 -11.21 -19.39 -13.24
N GLU B 430 -10.32 -20.31 -13.53
CA GLU B 430 -9.88 -20.55 -14.90
C GLU B 430 -10.80 -21.57 -15.56
N ILE B 431 -11.07 -21.37 -16.84
CA ILE B 431 -11.89 -22.31 -17.60
C ILE B 431 -11.03 -23.54 -17.89
N LYS B 432 -11.46 -24.68 -17.39
CA LYS B 432 -10.72 -25.92 -17.57
C LYS B 432 -11.15 -26.60 -18.86
N PRO B 433 -10.23 -26.86 -19.79
CA PRO B 433 -10.64 -27.50 -21.06
C PRO B 433 -11.32 -28.84 -20.88
N GLU B 434 -10.90 -29.63 -19.89
CA GLU B 434 -11.52 -30.95 -19.70
C GLU B 434 -12.90 -30.83 -19.08
N GLU B 435 -13.12 -29.82 -18.24
CA GLU B 435 -14.39 -29.66 -17.57
C GLU B 435 -15.44 -29.09 -18.50
N ARG B 436 -16.70 -29.45 -18.24
CA ARG B 436 -17.81 -28.80 -18.90
C ARG B 436 -18.02 -27.41 -18.30
N SER B 437 -18.14 -26.41 -19.15
CA SER B 437 -18.36 -25.04 -18.71
C SER B 437 -19.56 -24.46 -19.42
N MET B 438 -20.38 -23.73 -18.66
CA MET B 438 -21.63 -23.19 -19.15
C MET B 438 -21.69 -21.70 -18.85
N ILE B 439 -22.19 -20.93 -19.81
CA ILE B 439 -22.48 -19.52 -19.60
C ILE B 439 -23.96 -19.29 -19.84
N PHE B 440 -24.61 -18.67 -18.86
CA PHE B 440 -26.04 -18.36 -18.91
C PHE B 440 -26.17 -16.86 -19.13
N VAL B 441 -26.80 -16.48 -20.25
CA VAL B 441 -26.93 -15.09 -20.64
C VAL B 441 -28.42 -14.79 -20.83
N THR B 442 -28.88 -13.68 -20.27
CA THR B 442 -30.30 -13.33 -20.32
C THR B 442 -30.75 -12.99 -21.74
N LYS B 443 -29.85 -12.55 -22.60
CA LYS B 443 -30.15 -12.26 -23.99
C LYS B 443 -29.33 -13.16 -24.90
N CYS B 444 -29.62 -13.09 -26.19
CA CYS B 444 -28.79 -13.78 -27.16
C CYS B 444 -27.41 -13.14 -27.20
N PRO B 445 -26.34 -13.93 -27.15
CA PRO B 445 -25.00 -13.35 -27.29
C PRO B 445 -24.82 -12.70 -28.66
N CYS B 446 -24.09 -11.58 -28.68
CA CYS B 446 -23.89 -10.81 -29.90
C CYS B 446 -22.68 -11.35 -30.67
N ASP B 447 -22.40 -10.70 -31.79
CA ASP B 447 -21.32 -11.15 -32.67
C ASP B 447 -19.94 -10.81 -32.14
N GLU B 448 -19.84 -9.96 -31.13
CA GLU B 448 -18.56 -9.74 -30.46
C GLU B 448 -18.45 -10.50 -29.15
N CYS B 449 -19.52 -11.15 -28.70
CA CYS B 449 -19.51 -11.99 -27.50
C CYS B 449 -19.32 -13.46 -27.82
N VAL B 450 -19.92 -13.94 -28.91
CA VAL B 450 -19.81 -15.36 -29.26
C VAL B 450 -18.35 -15.76 -29.53
N PRO B 451 -17.56 -15.01 -30.30
CA PRO B 451 -16.14 -15.39 -30.45
C PRO B 451 -15.39 -15.40 -29.13
N LEU B 452 -15.69 -14.47 -28.22
CA LEU B 452 -15.01 -14.46 -26.92
C LEU B 452 -15.39 -15.69 -26.09
N ILE B 453 -16.67 -16.06 -26.10
CA ILE B 453 -17.11 -17.25 -25.37
C ILE B 453 -16.46 -18.50 -25.94
N LYS B 454 -16.41 -18.59 -27.27
CA LYS B 454 -15.80 -19.75 -27.91
C LYS B 454 -14.30 -19.81 -27.62
N GLY B 455 -13.61 -18.67 -27.69
CA GLY B 455 -12.18 -18.66 -27.42
C GLY B 455 -11.85 -18.97 -25.97
N ALA B 456 -12.70 -18.53 -25.05
CA ALA B 456 -12.49 -18.83 -23.65
C ALA B 456 -12.61 -20.32 -23.36
N GLY B 457 -13.16 -21.10 -24.29
CA GLY B 457 -13.34 -22.51 -24.09
C GLY B 457 -14.63 -22.91 -23.40
N ILE B 458 -15.60 -22.01 -23.34
CA ILE B 458 -16.88 -22.33 -22.69
C ILE B 458 -17.64 -23.31 -23.58
N LYS B 459 -18.02 -24.45 -23.00
CA LYS B 459 -18.61 -25.53 -23.78
C LYS B 459 -20.06 -25.28 -24.16
N GLN B 460 -20.83 -24.62 -23.29
CA GLN B 460 -22.26 -24.49 -23.48
C GLN B 460 -22.70 -23.06 -23.22
N ILE B 461 -23.67 -22.60 -24.01
CA ILE B 461 -24.32 -21.31 -23.84
C ILE B 461 -25.81 -21.56 -23.65
N TYR B 462 -26.31 -21.21 -22.48
CA TYR B 462 -27.75 -21.21 -22.21
C TYR B 462 -28.22 -19.76 -22.29
N ALA B 463 -29.12 -19.49 -23.24
CA ALA B 463 -29.47 -18.10 -23.50
C ALA B 463 -30.89 -18.00 -24.03
N GLY B 464 -31.44 -16.80 -23.91
CA GLY B 464 -32.67 -16.48 -24.64
C GLY B 464 -32.39 -16.28 -26.10
N ASP B 465 -33.40 -16.56 -26.93
CA ASP B 465 -33.24 -16.55 -28.38
C ASP B 465 -34.21 -15.59 -29.05
N VAL B 466 -34.59 -14.51 -28.36
CA VAL B 466 -35.50 -13.54 -28.96
C VAL B 466 -34.82 -12.77 -30.08
N ASP B 467 -33.55 -12.41 -29.89
CA ASP B 467 -32.82 -11.55 -30.81
C ASP B 467 -32.00 -12.32 -31.84
N VAL B 468 -32.13 -13.65 -31.89
CA VAL B 468 -31.35 -14.44 -32.83
C VAL B 468 -31.66 -14.03 -34.26
N GLY B 469 -30.63 -13.77 -35.05
CA GLY B 469 -30.78 -13.39 -36.43
C GLY B 469 -30.97 -11.91 -36.68
N LYS B 470 -31.12 -11.11 -35.63
CA LYS B 470 -31.27 -9.67 -35.82
C LYS B 470 -29.93 -9.04 -36.18
N LYS B 471 -29.96 -8.16 -37.18
CA LYS B 471 -28.75 -7.46 -37.63
C LYS B 471 -29.04 -5.96 -37.58
N LYS B 472 -28.54 -5.30 -36.54
CA LYS B 472 -28.64 -3.86 -36.43
C LYS B 472 -27.35 -3.20 -36.91
N ALA B 473 -27.35 -1.87 -36.91
CA ALA B 473 -26.19 -1.13 -37.43
C ALA B 473 -24.95 -1.39 -36.59
N ASP B 474 -25.09 -1.44 -35.27
CA ASP B 474 -23.95 -1.56 -34.38
C ASP B 474 -23.81 -2.92 -33.71
N ILE B 475 -24.90 -3.66 -33.55
CA ILE B 475 -24.88 -4.95 -32.87
C ILE B 475 -25.64 -5.96 -33.72
N SER B 476 -25.06 -7.16 -33.85
CA SER B 476 -25.64 -8.22 -34.66
C SER B 476 -25.68 -9.52 -33.88
N TYR B 477 -26.48 -10.47 -34.38
CA TYR B 477 -26.69 -11.76 -33.71
C TYR B 477 -26.57 -12.91 -34.69
N MET B 478 -25.83 -12.73 -35.77
CA MET B 478 -25.74 -13.75 -36.81
C MET B 478 -24.84 -14.92 -36.39
N ARG B 479 -23.83 -14.67 -35.56
CA ARG B 479 -22.85 -15.70 -35.27
C ARG B 479 -23.38 -16.75 -34.30
N PHE B 480 -24.37 -16.41 -33.48
CA PHE B 480 -24.90 -17.39 -32.53
C PHE B 480 -25.57 -18.55 -33.25
N GLY B 481 -26.33 -18.26 -34.31
CA GLY B 481 -27.03 -19.33 -35.01
C GLY B 481 -26.09 -20.32 -35.67
N GLU B 482 -25.00 -19.82 -36.26
CA GLU B 482 -24.04 -20.65 -36.98
C GLU B 482 -22.88 -21.10 -36.11
N LEU B 483 -22.95 -20.86 -34.80
CA LEU B 483 -21.85 -21.20 -33.90
C LEU B 483 -21.60 -22.69 -33.89
N GLU B 484 -20.32 -23.07 -33.99
CA GLU B 484 -19.90 -24.47 -33.98
C GLU B 484 -18.93 -24.71 -32.83
N GLY B 485 -18.94 -25.93 -32.32
CA GLY B 485 -18.06 -26.33 -31.24
C GLY B 485 -18.55 -25.94 -29.86
N VAL B 486 -19.67 -25.24 -29.76
CA VAL B 486 -20.25 -24.85 -28.48
C VAL B 486 -21.71 -25.27 -28.50
N SER B 487 -22.10 -26.09 -27.52
CA SER B 487 -23.51 -26.46 -27.39
C SER B 487 -24.34 -25.23 -27.05
N LYS B 488 -25.51 -25.12 -27.65
CA LYS B 488 -26.41 -23.99 -27.44
C LYS B 488 -27.74 -24.50 -26.94
N PHE B 489 -28.21 -23.93 -25.83
CA PHE B 489 -29.48 -24.30 -25.23
C PHE B 489 -30.31 -23.04 -25.05
N THR B 490 -31.47 -23.03 -25.69
CA THR B 490 -32.38 -21.90 -25.66
C THR B 490 -33.68 -22.29 -24.95
N TRP B 491 -34.36 -21.27 -24.44
CA TRP B 491 -35.66 -21.46 -23.82
C TRP B 491 -36.69 -21.85 -24.87
N GLN B 492 -37.35 -22.98 -24.66
CA GLN B 492 -38.30 -23.51 -25.62
C GLN B 492 -39.03 -24.69 -24.98
N LEU B 493 -40.15 -25.07 -25.59
CA LEU B 493 -40.83 -26.29 -25.20
C LEU B 493 -39.94 -27.49 -25.50
N ASN B 494 -40.06 -28.53 -24.68
CA ASN B 494 -39.21 -29.70 -24.85
C ASN B 494 -39.52 -30.38 -26.18
N PRO B 495 -38.53 -30.47 -27.08
CA PRO B 495 -38.79 -31.11 -28.37
C PRO B 495 -39.12 -32.59 -28.26
N SER B 496 -38.75 -33.24 -27.17
CA SER B 496 -38.99 -34.67 -27.01
C SER B 496 -39.76 -34.94 -25.71
N ILE C 50 1.56 -22.48 30.01
CA ILE C 50 2.57 -23.30 29.35
C ILE C 50 3.45 -22.43 28.47
N PRO C 51 4.75 -22.75 28.41
CA PRO C 51 5.65 -21.98 27.54
C PRO C 51 5.34 -22.24 26.08
N ARG C 52 5.64 -21.23 25.26
CA ARG C 52 5.31 -21.25 23.85
C ARG C 52 6.56 -21.09 23.00
N LEU C 53 6.64 -21.87 21.94
CA LEU C 53 7.74 -21.74 20.99
C LEU C 53 7.55 -20.48 20.15
N SER C 54 8.64 -19.76 19.91
CA SER C 54 8.57 -18.59 19.06
C SER C 54 8.49 -19.00 17.59
N LYS C 55 8.00 -18.07 16.75
CA LYS C 55 7.87 -18.36 15.33
C LYS C 55 9.23 -18.65 14.71
N VAL C 56 10.23 -17.83 15.04
CA VAL C 56 11.54 -17.98 14.41
C VAL C 56 12.22 -19.27 14.86
N ASN C 57 12.05 -19.65 16.12
CA ASN C 57 12.60 -20.92 16.59
C ASN C 57 11.86 -22.10 16.00
N LEU C 58 10.54 -21.98 15.82
CA LEU C 58 9.79 -22.99 15.08
C LEU C 58 10.35 -23.18 13.68
N PHE C 59 10.60 -22.08 12.98
CA PHE C 59 11.08 -22.18 11.60
C PHE C 59 12.50 -22.75 11.55
N THR C 60 13.35 -22.35 12.51
CA THR C 60 14.70 -22.92 12.57
C THR C 60 14.66 -24.43 12.83
N LEU C 61 13.84 -24.84 13.80
CA LEU C 61 13.71 -26.26 14.11
C LEU C 61 13.14 -27.02 12.92
N LEU C 62 12.18 -26.43 12.21
CA LEU C 62 11.58 -27.10 11.07
C LEU C 62 12.56 -27.21 9.91
N SER C 63 13.43 -26.21 9.72
CA SER C 63 14.44 -26.33 8.67
C SER C 63 15.46 -27.40 9.01
N LEU C 64 15.89 -27.46 10.27
CA LEU C 64 16.81 -28.52 10.69
C LEU C 64 16.16 -29.89 10.55
N TRP C 65 14.86 -30.00 10.87
CA TRP C 65 14.17 -31.27 10.72
C TRP C 65 13.97 -31.63 9.25
N MET C 66 13.72 -30.62 8.40
CA MET C 66 13.59 -30.86 6.97
C MET C 66 14.89 -31.35 6.36
N GLU C 67 16.03 -30.92 6.91
CA GLU C 67 17.30 -31.51 6.50
C GLU C 67 17.33 -33.02 6.73
N LEU C 68 16.57 -33.51 7.70
CA LEU C 68 16.52 -34.93 8.03
C LEU C 68 15.39 -35.67 7.34
N PHE C 69 14.76 -35.06 6.34
CA PHE C 69 13.67 -35.72 5.64
C PHE C 69 14.17 -36.99 4.97
N PRO C 70 13.49 -38.13 5.15
CA PRO C 70 14.00 -39.39 4.58
C PRO C 70 14.00 -39.37 3.07
N ALA C 71 15.17 -39.59 2.49
CA ALA C 71 15.34 -39.59 1.05
C ALA C 71 14.99 -40.94 0.44
N VAL C 105 29.53 -30.86 -0.41
CA VAL C 105 28.22 -30.25 -0.28
C VAL C 105 27.33 -31.07 0.64
N LYS C 106 26.71 -30.41 1.61
CA LYS C 106 25.91 -31.06 2.63
C LYS C 106 24.44 -30.81 2.40
N ARG C 107 23.61 -31.75 2.88
CA ARG C 107 22.17 -31.63 2.75
C ARG C 107 21.66 -30.44 3.55
N THR C 108 20.71 -29.71 2.97
CA THR C 108 20.13 -28.54 3.61
C THR C 108 18.62 -28.64 3.63
N GLY C 109 18.02 -28.33 4.78
CA GLY C 109 16.60 -28.16 4.90
C GLY C 109 16.24 -26.69 4.79
N LEU C 110 15.03 -26.40 4.36
CA LEU C 110 14.62 -25.03 4.08
C LEU C 110 13.15 -24.85 4.39
N VAL C 111 12.83 -23.77 5.10
CA VAL C 111 11.46 -23.36 5.40
C VAL C 111 11.22 -22.03 4.72
N VAL C 112 10.20 -21.97 3.87
CA VAL C 112 9.79 -20.75 3.20
C VAL C 112 8.54 -20.24 3.88
N VAL C 113 8.62 -19.02 4.42
CA VAL C 113 7.56 -18.42 5.21
C VAL C 113 7.14 -17.13 4.54
N LYS C 114 5.82 -16.93 4.41
CA LYS C 114 5.27 -15.70 3.86
C LYS C 114 4.19 -15.20 4.81
N ASN C 115 4.33 -13.95 5.27
CA ASN C 115 3.40 -13.35 6.23
C ASN C 115 3.28 -14.21 7.49
N MET C 116 4.42 -14.68 8.00
CA MET C 116 4.51 -15.54 9.18
C MET C 116 3.78 -16.86 9.00
N LYS C 117 3.52 -17.26 7.75
CA LYS C 117 2.89 -18.54 7.45
C LYS C 117 3.84 -19.37 6.60
N ILE C 118 3.96 -20.65 6.93
CA ILE C 118 4.83 -21.54 6.18
C ILE C 118 4.20 -21.80 4.82
N VAL C 119 4.92 -21.44 3.76
CA VAL C 119 4.48 -21.70 2.39
C VAL C 119 5.37 -22.71 1.69
N GLY C 120 6.43 -23.19 2.33
CA GLY C 120 7.22 -24.25 1.72
C GLY C 120 8.13 -25.00 2.66
N LEU C 121 8.22 -26.32 2.48
CA LEU C 121 9.16 -27.15 3.24
C LEU C 121 9.98 -27.96 2.24
N HIS C 122 11.27 -27.69 2.18
CA HIS C 122 12.12 -28.27 1.14
C HIS C 122 13.36 -28.91 1.75
N CYS C 123 13.90 -29.88 1.03
CA CYS C 123 15.16 -30.51 1.38
C CYS C 123 16.02 -30.59 0.13
N SER C 124 17.33 -30.52 0.33
CA SER C 124 18.25 -30.70 -0.79
C SER C 124 18.13 -32.12 -1.34
N SER C 125 18.23 -32.24 -2.65
CA SER C 125 18.22 -33.54 -3.31
C SER C 125 19.64 -33.90 -3.72
N GLU C 126 19.78 -35.01 -4.44
CA GLU C 126 21.09 -35.38 -4.96
C GLU C 126 21.56 -34.40 -6.03
N ASP C 127 20.63 -33.81 -6.78
CA ASP C 127 20.96 -32.92 -7.88
C ASP C 127 20.98 -31.46 -7.46
N LEU C 128 19.95 -30.99 -6.76
CA LEU C 128 19.74 -29.58 -6.52
C LEU C 128 19.79 -29.27 -5.03
N HIS C 129 20.26 -28.08 -4.71
CA HIS C 129 20.27 -27.58 -3.35
C HIS C 129 18.88 -27.10 -2.94
N ALA C 130 18.72 -26.87 -1.64
CA ALA C 130 17.42 -26.43 -1.11
C ALA C 130 17.03 -25.07 -1.70
N GLY C 131 17.99 -24.16 -1.84
CA GLY C 131 17.69 -22.86 -2.41
C GLY C 131 17.30 -22.93 -3.87
N GLN C 132 18.01 -23.74 -4.65
CA GLN C 132 17.64 -23.94 -6.05
C GLN C 132 16.27 -24.58 -6.18
N ILE C 133 15.97 -25.55 -5.30
CA ILE C 133 14.66 -26.19 -5.31
C ILE C 133 13.58 -25.18 -4.97
N ALA C 134 13.82 -24.33 -3.98
CA ALA C 134 12.85 -23.30 -3.62
C ALA C 134 12.63 -22.33 -4.78
N LEU C 135 13.71 -21.97 -5.47
CA LEU C 135 13.56 -21.12 -6.66
C LEU C 135 12.68 -21.80 -7.70
N ILE C 136 12.97 -23.05 -8.03
CA ILE C 136 12.17 -23.78 -9.02
C ILE C 136 10.71 -23.85 -8.59
N LYS C 137 10.48 -24.09 -7.29
CA LYS C 137 9.11 -24.34 -6.82
C LYS C 137 8.30 -23.06 -6.73
N HIS C 138 8.93 -21.93 -6.39
CA HIS C 138 8.19 -20.71 -6.11
C HIS C 138 8.36 -19.61 -7.16
N GLY C 139 9.57 -19.39 -7.66
CA GLY C 139 9.76 -18.32 -8.62
C GLY C 139 9.74 -16.96 -7.94
N SER C 140 9.08 -16.01 -8.58
CA SER C 140 8.94 -14.66 -8.02
C SER C 140 8.01 -14.63 -6.82
N ARG C 141 7.31 -15.72 -6.53
CA ARG C 141 6.50 -15.80 -5.32
C ARG C 141 7.35 -15.77 -4.05
N LEU C 142 8.67 -15.95 -4.17
CA LEU C 142 9.59 -15.77 -3.07
C LEU C 142 9.75 -14.31 -2.67
N LYS C 143 9.09 -13.39 -3.36
CA LYS C 143 9.18 -11.98 -3.03
C LYS C 143 8.70 -11.73 -1.60
N ASN C 144 9.51 -10.99 -0.84
CA ASN C 144 9.21 -10.63 0.55
C ASN C 144 9.08 -11.85 1.45
N CYS C 145 9.63 -12.99 1.06
CA CYS C 145 9.55 -14.20 1.84
C CYS C 145 10.75 -14.32 2.78
N ASP C 146 10.54 -15.03 3.89
CA ASP C 146 11.61 -15.34 4.83
C ASP C 146 12.02 -16.80 4.62
N LEU C 147 13.30 -17.02 4.38
CA LEU C 147 13.83 -18.35 4.12
C LEU C 147 14.72 -18.76 5.28
N TYR C 148 14.40 -19.88 5.90
CA TYR C 148 15.14 -20.43 7.03
C TYR C 148 15.88 -21.67 6.54
N PHE C 149 17.20 -21.56 6.46
CA PHE C 149 18.06 -22.63 5.97
C PHE C 149 18.70 -23.35 7.14
N SER C 150 18.84 -24.67 7.01
CA SER C 150 19.57 -25.44 8.00
C SER C 150 21.08 -25.26 7.87
N ARG C 151 21.56 -24.84 6.71
CA ARG C 151 22.95 -24.47 6.50
C ARG C 151 22.98 -23.19 5.68
N LYS C 152 24.07 -22.43 5.81
CA LYS C 152 24.18 -21.20 5.05
C LYS C 152 24.25 -21.53 3.56
N PRO C 153 23.36 -20.96 2.75
CA PRO C 153 23.35 -21.32 1.32
C PRO C 153 24.60 -20.84 0.61
N CYS C 154 24.94 -21.56 -0.47
CA CYS C 154 26.08 -21.20 -1.29
C CYS C 154 25.79 -19.91 -2.07
N SER C 155 26.84 -19.40 -2.72
CA SER C 155 26.69 -18.17 -3.50
C SER C 155 25.73 -18.36 -4.67
N ALA C 156 25.76 -19.54 -5.31
CA ALA C 156 24.83 -19.80 -6.40
C ALA C 156 23.40 -19.79 -5.91
N CYS C 157 23.13 -20.38 -4.74
CA CYS C 157 21.79 -20.35 -4.18
C CYS C 157 21.42 -18.94 -3.70
N LEU C 158 22.36 -18.27 -3.04
CA LEU C 158 22.05 -16.97 -2.45
C LEU C 158 21.76 -15.92 -3.52
N LYS C 159 22.52 -15.92 -4.62
CA LYS C 159 22.28 -14.94 -5.66
C LYS C 159 20.91 -15.12 -6.29
N MET C 160 20.50 -16.36 -6.53
CA MET C 160 19.19 -16.62 -7.10
C MET C 160 18.08 -16.26 -6.11
N ILE C 161 18.28 -16.58 -4.83
CA ILE C 161 17.28 -16.27 -3.81
C ILE C 161 17.12 -14.76 -3.68
N VAL C 162 18.23 -14.01 -3.71
CA VAL C 162 18.17 -12.56 -3.63
C VAL C 162 17.53 -11.97 -4.88
N ASN C 163 17.85 -12.54 -6.05
CA ASN C 163 17.22 -12.09 -7.29
C ASN C 163 15.71 -12.31 -7.26
N ALA C 164 15.26 -13.41 -6.63
CA ALA C 164 13.83 -13.66 -6.50
C ALA C 164 13.12 -12.66 -5.59
N GLY C 165 13.87 -11.91 -4.78
CA GLY C 165 13.29 -10.84 -3.99
C GLY C 165 12.89 -11.17 -2.57
N VAL C 166 13.56 -12.13 -1.93
CA VAL C 166 13.19 -12.49 -0.57
C VAL C 166 13.55 -11.35 0.40
N ASN C 167 12.97 -11.43 1.59
CA ASN C 167 13.20 -10.41 2.62
C ASN C 167 14.33 -10.81 3.56
N ARG C 168 14.20 -11.97 4.20
CA ARG C 168 15.18 -12.43 5.18
C ARG C 168 15.68 -13.82 4.81
N ILE C 169 16.96 -14.07 5.06
CA ILE C 169 17.55 -15.39 4.95
C ILE C 169 18.17 -15.70 6.31
N SER C 170 17.43 -16.37 7.17
CA SER C 170 17.98 -16.87 8.42
C SER C 170 18.65 -18.21 8.15
N TYR C 171 19.80 -18.44 8.80
CA TYR C 171 20.47 -19.72 8.64
C TYR C 171 21.00 -20.21 9.98
N TRP C 172 21.11 -21.53 10.07
CA TRP C 172 21.69 -22.19 11.23
C TRP C 172 23.22 -22.12 11.12
N PRO C 173 23.92 -21.51 12.11
CA PRO C 173 25.35 -21.22 11.97
C PRO C 173 26.27 -22.40 12.28
N ALA C 174 25.94 -23.56 11.73
CA ALA C 174 26.82 -24.72 11.73
C ALA C 174 27.61 -24.71 10.42
N ASP C 175 28.22 -25.85 10.07
CA ASP C 175 28.89 -25.98 8.79
C ASP C 175 27.95 -25.59 7.65
N PRO C 176 28.34 -24.67 6.76
CA PRO C 176 27.42 -24.22 5.72
C PRO C 176 27.19 -25.25 4.62
N GLU C 177 26.46 -24.84 3.58
CA GLU C 177 26.11 -25.76 2.50
C GLU C 177 27.36 -26.29 1.80
N ILE C 178 28.28 -25.40 1.44
CA ILE C 178 29.59 -25.80 0.95
C ILE C 178 30.46 -26.04 2.19
N SER C 179 30.71 -27.31 2.50
CA SER C 179 31.31 -27.68 3.78
C SER C 179 32.68 -27.06 3.95
N LEU C 180 32.92 -26.45 5.10
CA LEU C 180 34.21 -25.91 5.48
C LEU C 180 35.05 -26.89 6.27
N LEU C 181 34.53 -28.08 6.56
CA LEU C 181 35.24 -29.11 7.29
C LEU C 181 35.91 -30.13 6.39
N THR C 182 35.83 -29.95 5.07
CA THR C 182 36.44 -30.88 4.13
C THR C 182 37.96 -30.74 4.13
N SER C 187 39.04 -26.85 0.45
CA SER C 187 38.79 -25.83 1.45
C SER C 187 38.88 -24.43 0.84
N GLU C 188 39.74 -24.28 -0.17
CA GLU C 188 39.88 -22.99 -0.84
C GLU C 188 38.61 -22.62 -1.59
N ASP C 189 38.00 -23.59 -2.27
CA ASP C 189 36.75 -23.33 -2.97
C ASP C 189 35.63 -22.98 -1.99
N ALA C 190 35.56 -23.69 -0.86
CA ALA C 190 34.55 -23.38 0.14
C ALA C 190 34.75 -21.98 0.73
N LYS C 191 36.00 -21.61 1.00
CA LYS C 191 36.27 -20.27 1.52
C LYS C 191 35.92 -19.20 0.50
N LEU C 192 36.24 -19.44 -0.78
CA LEU C 192 35.88 -18.49 -1.82
C LEU C 192 34.37 -18.35 -1.93
N ASP C 193 33.65 -19.47 -1.82
CA ASP C 193 32.19 -19.41 -1.84
C ASP C 193 31.65 -18.62 -0.66
N ALA C 194 32.26 -18.79 0.52
CA ALA C 194 31.84 -18.03 1.69
C ALA C 194 32.08 -16.53 1.50
N LYS C 195 33.22 -16.18 0.92
CA LYS C 195 33.49 -14.76 0.63
C LYS C 195 32.48 -14.21 -0.38
N ALA C 196 32.16 -14.98 -1.41
CA ALA C 196 31.15 -14.55 -2.37
C ALA C 196 29.79 -14.37 -1.72
N VAL C 197 29.44 -15.27 -0.80
CA VAL C 197 28.19 -15.13 -0.06
C VAL C 197 28.20 -13.85 0.77
N GLU C 198 29.33 -13.55 1.40
CA GLU C 198 29.43 -12.32 2.19
C GLU C 198 29.27 -11.09 1.31
N ARG C 199 29.89 -11.08 0.13
CA ARG C 199 29.74 -9.95 -0.79
C ARG C 199 28.30 -9.80 -1.26
N LEU C 200 27.65 -10.92 -1.61
CA LEU C 200 26.26 -10.88 -2.01
C LEU C 200 25.38 -10.34 -0.90
N LYS C 201 25.62 -10.76 0.33
CA LYS C 201 24.86 -10.27 1.46
C LYS C 201 25.07 -8.77 1.67
N SER C 202 26.32 -8.32 1.54
CA SER C 202 26.63 -6.91 1.77
C SER C 202 26.15 -6.01 0.64
N ASN C 203 25.86 -6.55 -0.54
CA ASN C 203 25.42 -5.74 -1.67
C ASN C 203 24.00 -6.10 -2.12
N SER C 204 23.12 -6.44 -1.18
CA SER C 204 21.75 -6.79 -1.50
C SER C 204 20.80 -6.25 -0.44
N ARG C 205 19.54 -6.04 -0.84
CA ARG C 205 18.51 -5.62 0.10
C ARG C 205 18.12 -6.73 1.06
N ALA C 206 18.30 -7.99 0.65
CA ALA C 206 17.96 -9.10 1.52
C ALA C 206 18.86 -9.12 2.76
N HIS C 207 18.26 -9.46 3.89
CA HIS C 207 18.94 -9.50 5.17
C HIS C 207 19.32 -10.95 5.48
N VAL C 208 20.59 -11.28 5.32
CA VAL C 208 21.11 -12.60 5.67
C VAL C 208 21.58 -12.54 7.11
N CYS C 209 21.09 -13.46 7.94
CA CYS C 209 21.30 -13.35 9.37
C CYS C 209 21.13 -14.72 10.03
N VAL C 210 21.47 -14.76 11.31
CA VAL C 210 21.19 -15.90 12.18
C VAL C 210 20.14 -15.43 13.17
N LEU C 211 18.94 -16.01 13.09
CA LEU C 211 17.80 -15.52 13.86
C LEU C 211 17.40 -16.44 14.99
N LEU C 212 18.11 -17.54 15.23
CA LEU C 212 17.79 -18.38 16.37
C LEU C 212 17.97 -17.60 17.66
N GLN C 213 17.04 -17.78 18.59
CA GLN C 213 17.00 -17.02 19.83
C GLN C 213 16.90 -17.98 21.00
N PRO C 214 17.33 -17.55 22.19
CA PRO C 214 17.29 -18.45 23.35
C PRO C 214 15.88 -18.86 23.71
N LEU C 215 15.76 -20.09 24.21
CA LEU C 215 14.52 -20.60 24.76
C LEU C 215 14.37 -20.17 26.20
N VAL C 216 13.12 -20.19 26.69
CA VAL C 216 12.92 -20.00 28.12
C VAL C 216 13.47 -21.21 28.86
N CYS C 217 13.84 -21.02 30.12
CA CYS C 217 14.52 -22.07 30.87
C CYS C 217 13.64 -23.30 31.06
N TYR C 218 12.32 -23.13 31.04
CA TYR C 218 11.38 -24.22 31.24
C TYR C 218 10.95 -24.88 29.93
N MET C 219 11.34 -24.33 28.77
CA MET C 219 10.83 -24.81 27.49
C MET C 219 11.24 -26.26 27.24
N VAL C 220 12.50 -26.59 27.49
CA VAL C 220 12.98 -27.94 27.22
C VAL C 220 12.33 -28.94 28.17
N GLN C 221 12.22 -28.58 29.45
CA GLN C 221 11.59 -29.46 30.42
C GLN C 221 10.11 -29.67 30.09
N PHE C 222 9.41 -28.60 29.69
CA PHE C 222 8.01 -28.72 29.31
C PHE C 222 7.84 -29.56 28.06
N VAL C 223 8.75 -29.41 27.09
CA VAL C 223 8.69 -30.21 25.87
C VAL C 223 8.90 -31.68 26.20
N GLU C 224 9.85 -31.98 27.08
CA GLU C 224 10.06 -33.36 27.50
C GLU C 224 8.84 -33.92 28.22
N GLU C 225 8.23 -33.12 29.11
CA GLU C 225 7.05 -33.58 29.83
C GLU C 225 5.90 -33.88 28.89
N THR C 226 5.66 -33.00 27.92
CA THR C 226 4.57 -33.23 26.98
C THR C 226 4.89 -34.34 25.99
N SER C 227 6.18 -34.56 25.71
CA SER C 227 6.56 -35.62 24.78
C SER C 227 6.40 -36.99 25.41
N TYR C 228 6.66 -37.08 26.72
CA TYR C 228 6.36 -38.34 27.41
C TYR C 228 4.86 -38.59 27.53
N LYS C 229 4.05 -37.53 27.58
CA LYS C 229 2.61 -37.66 27.78
C LYS C 229 1.82 -37.45 26.50
N CYS C 230 2.42 -37.78 25.35
CA CYS C 230 1.75 -37.62 24.06
C CYS C 230 1.15 -38.96 23.61
N ASP C 231 0.32 -38.88 22.56
CA ASP C 231 -0.39 -40.05 22.09
C ASP C 231 0.55 -41.17 21.67
N PHE C 232 1.60 -40.84 20.94
CA PHE C 232 2.48 -41.84 20.34
C PHE C 232 3.43 -42.49 21.34
N ILE C 233 3.66 -41.85 22.48
CA ILE C 233 4.46 -42.46 23.54
C ILE C 233 3.58 -43.25 24.50
N GLN C 234 2.41 -42.71 24.85
CA GLN C 234 1.49 -43.42 25.73
C GLN C 234 0.95 -44.68 25.06
N LYS C 235 0.73 -44.63 23.74
CA LYS C 235 0.27 -45.80 23.02
C LYS C 235 1.28 -46.94 23.12
N ILE C 236 2.57 -46.61 23.00
CA ILE C 236 3.60 -47.63 23.17
C ILE C 236 3.67 -48.09 24.62
N THR C 237 3.55 -47.15 25.56
CA THR C 237 3.67 -47.47 26.98
C THR C 237 2.59 -48.46 27.42
N LYS C 238 1.35 -48.24 26.97
CA LYS C 238 0.27 -49.16 27.31
C LYS C 238 0.54 -50.55 26.73
N THR C 239 1.03 -50.61 25.51
CA THR C 239 1.36 -51.88 24.87
C THR C 239 2.69 -52.43 25.40
N PHE C 247 12.07 -46.52 27.96
CA PHE C 247 12.34 -46.75 26.55
C PHE C 247 12.41 -45.44 25.79
N TYR C 248 11.56 -44.49 26.19
CA TYR C 248 11.51 -43.21 25.49
C TYR C 248 12.77 -42.40 25.72
N TYR C 249 13.34 -42.47 26.93
CA TYR C 249 14.54 -41.70 27.22
C TYR C 249 15.77 -42.28 26.55
N GLU C 250 15.81 -43.59 26.35
CA GLU C 250 16.91 -44.17 25.59
C GLU C 250 16.90 -43.68 24.15
N CYS C 251 15.72 -43.67 23.52
CA CYS C 251 15.59 -43.11 22.18
C CYS C 251 15.94 -41.63 22.17
N LYS C 252 15.54 -40.91 23.23
CA LYS C 252 15.87 -39.50 23.31
C LYS C 252 17.38 -39.28 23.36
N GLN C 253 18.09 -40.10 24.15
CA GLN C 253 19.54 -39.98 24.23
C GLN C 253 20.20 -40.31 22.89
N GLU C 254 19.70 -41.34 22.20
CA GLU C 254 20.25 -41.68 20.90
C GLU C 254 20.04 -40.54 19.90
N ARG C 255 18.84 -39.95 19.88
CA ARG C 255 18.59 -38.82 18.99
C ARG C 255 19.44 -37.62 19.38
N ILE C 256 19.66 -37.41 20.69
CA ILE C 256 20.51 -36.31 21.14
C ILE C 256 21.91 -36.48 20.57
N LYS C 257 22.47 -37.67 20.71
CA LYS C 257 23.82 -37.92 20.18
C LYS C 257 23.86 -37.72 18.67
N GLU C 258 22.90 -38.30 17.94
CA GLU C 258 22.92 -38.22 16.48
C GLU C 258 22.76 -36.78 16.00
N TYR C 259 21.81 -36.04 16.59
CA TYR C 259 21.54 -34.68 16.13
C TYR C 259 22.61 -33.70 16.60
N GLU C 260 23.27 -33.96 17.72
CA GLU C 260 24.43 -33.15 18.09
C GLU C 260 25.58 -33.40 17.15
N MET C 261 25.76 -34.64 16.71
CA MET C 261 26.78 -34.94 15.71
C MET C 261 26.46 -34.25 14.38
N LEU C 262 25.20 -34.24 13.98
CA LEU C 262 24.82 -33.74 12.66
C LEU C 262 24.71 -32.22 12.60
N PHE C 263 24.16 -31.57 13.63
CA PHE C 263 23.81 -30.16 13.56
C PHE C 263 24.74 -29.25 14.35
N LEU C 264 25.53 -29.78 15.27
CA LEU C 264 26.44 -28.97 16.08
C LEU C 264 27.87 -29.23 15.68
N VAL C 265 28.73 -28.28 16.00
CA VAL C 265 30.17 -28.40 15.84
C VAL C 265 30.76 -28.50 17.24
N SER C 266 31.12 -29.71 17.66
CA SER C 266 31.57 -29.93 19.04
C SER C 266 32.86 -29.18 19.32
N ASN C 267 33.81 -29.21 18.37
CA ASN C 267 35.08 -28.54 18.56
C ASN C 267 34.87 -27.03 18.50
N GLU C 268 35.29 -26.33 19.56
CA GLU C 268 35.06 -24.89 19.64
C GLU C 268 35.93 -24.13 18.64
N GLU C 269 37.17 -24.58 18.43
CA GLU C 269 38.03 -23.91 17.46
C GLU C 269 37.50 -24.07 16.05
N MET C 270 37.00 -25.26 15.71
CA MET C 270 36.41 -25.46 14.39
C MET C 270 35.18 -24.57 14.19
N HIS C 271 34.34 -24.46 15.21
CA HIS C 271 33.16 -23.61 15.10
C HIS C 271 33.55 -22.14 14.98
N LYS C 272 34.59 -21.71 15.71
CA LYS C 272 35.06 -20.35 15.58
C LYS C 272 35.59 -20.08 14.18
N GLN C 273 36.31 -21.04 13.61
CA GLN C 273 36.78 -20.90 12.23
C GLN C 273 35.61 -20.79 11.27
N ILE C 274 34.58 -21.62 11.47
CA ILE C 274 33.40 -21.57 10.60
C ILE C 274 32.73 -20.21 10.69
N LEU C 275 32.54 -19.72 11.92
CA LEU C 275 31.86 -18.44 12.10
C LEU C 275 32.68 -17.28 11.53
N MET C 276 34.00 -17.35 11.64
CA MET C 276 34.85 -16.35 11.01
C MET C 276 34.72 -16.40 9.49
N THR C 277 34.65 -17.60 8.92
CA THR C 277 34.61 -17.73 7.46
C THR C 277 33.27 -17.25 6.89
N ILE C 278 32.18 -17.47 7.63
CA ILE C 278 30.85 -17.16 7.12
C ILE C 278 30.43 -15.77 7.56
N GLY C 279 31.40 -14.96 7.99
CA GLY C 279 31.13 -13.59 8.37
C GLY C 279 30.31 -13.42 9.63
N LEU C 280 30.54 -14.26 10.63
CA LEU C 280 29.91 -14.15 11.94
C LEU C 280 30.95 -13.89 13.02
N GLU C 281 31.88 -12.97 12.73
CA GLU C 281 32.95 -12.67 13.67
C GLU C 281 32.42 -12.05 14.96
N ASN C 282 31.27 -11.39 14.89
CA ASN C 282 30.69 -10.79 16.09
C ASN C 282 30.31 -11.84 17.13
N LEU C 283 30.10 -13.09 16.71
CA LEU C 283 29.73 -14.17 17.61
C LEU C 283 30.90 -15.10 17.93
N CYS C 284 32.12 -14.70 17.62
CA CYS C 284 33.29 -15.53 17.88
C CYS C 284 33.95 -15.25 19.22
N GLU C 285 33.52 -14.22 19.94
CA GLU C 285 34.10 -13.85 21.22
C GLU C 285 33.09 -14.06 22.33
N ASN C 286 33.56 -14.52 23.49
CA ASN C 286 32.70 -14.74 24.63
C ASN C 286 32.15 -13.42 25.15
N PRO C 287 30.95 -13.42 25.73
CA PRO C 287 30.07 -14.57 25.96
C PRO C 287 29.18 -14.90 24.77
N TYR C 288 29.32 -14.18 23.66
CA TYR C 288 28.45 -14.40 22.51
C TYR C 288 28.70 -15.77 21.87
N PHE C 289 29.95 -16.23 21.84
CA PHE C 289 30.26 -17.55 21.30
C PHE C 289 29.59 -18.64 22.14
N SER C 290 29.80 -18.59 23.45
CA SER C 290 29.19 -19.58 24.34
C SER C 290 27.67 -19.46 24.34
N ASN C 291 27.14 -18.25 24.29
CA ASN C 291 25.69 -18.09 24.25
C ASN C 291 25.10 -18.69 22.98
N LEU C 292 25.74 -18.45 21.83
CA LEU C 292 25.27 -19.03 20.58
C LEU C 292 25.32 -20.55 20.63
N ARG C 293 26.44 -21.09 21.13
CA ARG C 293 26.55 -22.55 21.21
C ARG C 293 25.51 -23.13 22.17
N GLN C 294 25.23 -22.46 23.27
CA GLN C 294 24.23 -22.95 24.22
C GLN C 294 22.83 -22.89 23.62
N ASN C 295 22.50 -21.82 22.90
CA ASN C 295 21.20 -21.75 22.25
C ASN C 295 21.06 -22.85 21.20
N MET C 296 22.12 -23.10 20.43
CA MET C 296 22.08 -24.17 19.44
C MET C 296 21.91 -25.53 20.11
N LYS C 297 22.61 -25.75 21.22
CA LYS C 297 22.47 -27.01 21.94
C LYS C 297 21.06 -27.18 22.50
N ASP C 298 20.47 -26.11 23.01
CA ASP C 298 19.11 -26.20 23.54
C ASP C 298 18.11 -26.50 22.42
N LEU C 299 18.28 -25.86 21.27
CA LEU C 299 17.40 -26.14 20.14
C LEU C 299 17.56 -27.58 19.66
N ILE C 300 18.81 -28.09 19.65
CA ILE C 300 19.03 -29.48 19.25
C ILE C 300 18.43 -30.44 20.25
N LEU C 301 18.51 -30.11 21.55
CA LEU C 301 17.87 -30.95 22.57
C LEU C 301 16.36 -30.97 22.40
N LEU C 302 15.76 -29.82 22.12
CA LEU C 302 14.32 -29.77 21.87
C LEU C 302 13.95 -30.59 20.63
N LEU C 303 14.73 -30.46 19.57
CA LEU C 303 14.46 -31.20 18.35
C LEU C 303 14.57 -32.71 18.58
N ALA C 304 15.60 -33.14 19.31
CA ALA C 304 15.73 -34.56 19.62
C ALA C 304 14.58 -35.05 20.48
N THR C 305 14.15 -34.25 21.45
CA THR C 305 13.01 -34.61 22.29
C THR C 305 11.76 -34.81 21.43
N VAL C 306 11.44 -33.85 20.58
CA VAL C 306 10.25 -33.96 19.74
C VAL C 306 10.35 -35.13 18.78
N ALA C 307 11.53 -35.34 18.19
CA ALA C 307 11.71 -36.45 17.26
C ALA C 307 11.54 -37.78 17.95
N SER C 308 12.08 -37.94 19.15
CA SER C 308 11.91 -39.16 19.91
C SER C 308 10.50 -39.34 20.45
N SER C 309 9.72 -38.26 20.50
CA SER C 309 8.31 -38.41 20.87
C SER C 309 7.51 -39.22 19.86
N VAL C 310 8.01 -39.37 18.64
CA VAL C 310 7.41 -40.26 17.65
C VAL C 310 8.53 -41.20 17.21
N PRO C 311 8.82 -42.25 17.97
CA PRO C 311 10.07 -42.99 17.79
C PRO C 311 9.98 -44.15 16.81
N ASN C 312 11.14 -44.49 16.27
CA ASN C 312 11.33 -45.73 15.51
C ASN C 312 11.55 -46.85 16.54
N PHE C 313 10.46 -47.34 17.10
CA PHE C 313 10.51 -48.26 18.23
C PHE C 313 9.75 -49.53 17.90
N LYS C 314 10.44 -50.67 18.01
CA LYS C 314 9.87 -52.00 17.79
C LYS C 314 9.20 -51.99 16.40
N HIS C 315 7.94 -52.45 16.29
CA HIS C 315 7.21 -52.41 15.03
C HIS C 315 6.07 -51.40 15.08
N PHE C 316 6.23 -50.35 15.87
CA PHE C 316 5.19 -49.33 16.00
C PHE C 316 5.21 -48.39 14.81
N GLY C 317 4.05 -48.14 14.24
CA GLY C 317 3.93 -47.23 13.13
C GLY C 317 2.49 -46.87 12.91
N PHE C 318 2.22 -46.26 11.75
CA PHE C 318 0.88 -45.84 11.39
C PHE C 318 0.24 -46.91 10.52
N TYR C 319 -0.87 -47.47 10.99
CA TYR C 319 -1.51 -48.58 10.32
C TYR C 319 -3.02 -48.45 10.42
N ARG C 320 -3.71 -49.51 9.98
CA ARG C 320 -5.17 -49.59 9.94
C ARG C 320 -5.74 -48.62 8.92
N ASN C 331 -5.11 -45.79 -1.11
CA ASN C 331 -5.32 -46.27 0.25
C ASN C 331 -4.03 -46.81 0.84
N GLN C 332 -2.99 -46.88 0.01
CA GLN C 332 -1.70 -47.37 0.47
C GLN C 332 -1.07 -46.38 1.45
N SER C 333 -0.53 -46.91 2.54
CA SER C 333 0.10 -46.08 3.55
C SER C 333 1.43 -45.54 3.04
N LEU C 334 1.83 -44.40 3.59
CA LEU C 334 3.14 -43.85 3.31
C LEU C 334 4.22 -44.72 3.95
N PRO C 335 5.46 -44.63 3.46
CA PRO C 335 6.56 -45.27 4.19
C PRO C 335 6.63 -44.74 5.61
N GLN C 336 6.92 -45.65 6.55
CA GLN C 336 6.83 -45.28 7.96
C GLN C 336 7.78 -44.16 8.32
N GLU C 337 8.93 -44.07 7.64
CA GLU C 337 9.88 -43.00 7.92
C GLU C 337 9.29 -41.64 7.57
N ILE C 338 8.66 -41.51 6.41
CA ILE C 338 8.06 -40.24 6.01
C ILE C 338 6.88 -39.89 6.92
N ALA C 339 6.09 -40.90 7.30
CA ALA C 339 4.97 -40.66 8.20
C ALA C 339 5.46 -40.15 9.56
N ARG C 340 6.53 -40.76 10.07
CA ARG C 340 7.11 -40.30 11.34
C ARG C 340 7.67 -38.89 11.20
N HIS C 341 8.31 -38.58 10.08
CA HIS C 341 8.85 -37.24 9.88
C HIS C 341 7.76 -36.19 9.84
N CYS C 342 6.66 -36.48 9.13
CA CYS C 342 5.55 -35.53 9.08
C CYS C 342 4.86 -35.40 10.44
N MET C 343 4.75 -36.50 11.18
CA MET C 343 4.19 -36.42 12.52
C MET C 343 5.07 -35.58 13.45
N VAL C 344 6.39 -35.67 13.31
CA VAL C 344 7.27 -34.83 14.10
C VAL C 344 7.13 -33.37 13.68
N GLN C 345 6.90 -33.11 12.38
CA GLN C 345 6.59 -31.75 11.95
C GLN C 345 5.36 -31.21 12.68
N ALA C 346 4.28 -32.00 12.67
CA ALA C 346 3.05 -31.57 13.34
C ALA C 346 3.28 -31.40 14.84
N ARG C 347 4.10 -32.27 15.43
CA ARG C 347 4.37 -32.17 16.87
C ARG C 347 5.17 -30.92 17.20
N LEU C 348 6.11 -30.54 16.33
CA LEU C 348 6.81 -29.28 16.51
C LEU C 348 5.85 -28.10 16.40
N LEU C 349 4.92 -28.17 15.45
CA LEU C 349 3.91 -27.12 15.34
C LEU C 349 3.04 -27.05 16.59
N ALA C 350 2.80 -28.18 17.25
CA ALA C 350 1.93 -28.20 18.42
C ALA C 350 2.46 -27.33 19.55
N TYR C 351 3.74 -26.98 19.54
CA TYR C 351 4.33 -26.16 20.58
C TYR C 351 4.18 -24.66 20.32
N ARG C 352 3.55 -24.28 19.22
CA ARG C 352 3.17 -22.90 18.96
C ARG C 352 1.76 -22.58 19.47
N THR C 353 1.17 -23.48 20.24
CA THR C 353 -0.24 -23.39 20.59
C THR C 353 -0.54 -22.14 21.40
N GLU C 354 -1.66 -21.50 21.08
CA GLU C 354 -2.21 -20.45 21.92
C GLU C 354 -3.03 -21.00 23.08
N ASP C 355 -3.35 -22.29 23.06
CA ASP C 355 -4.06 -22.92 24.15
C ASP C 355 -3.20 -22.93 25.41
N HIS C 356 -3.85 -22.89 26.56
CA HIS C 356 -3.16 -22.90 27.84
C HIS C 356 -2.93 -24.30 28.39
N LYS C 357 -3.57 -25.32 27.82
CA LYS C 357 -3.44 -26.68 28.32
C LYS C 357 -2.79 -27.62 27.32
N THR C 358 -3.34 -27.76 26.11
CA THR C 358 -2.93 -28.79 25.18
C THR C 358 -2.59 -28.18 23.83
N GLY C 359 -1.44 -28.57 23.28
CA GLY C 359 -1.03 -28.15 21.96
C GLY C 359 -1.26 -29.26 20.93
N VAL C 360 -1.94 -28.90 19.85
CA VAL C 360 -2.24 -29.81 18.75
C VAL C 360 -1.64 -29.23 17.48
N GLY C 361 -0.95 -30.07 16.71
CA GLY C 361 -0.35 -29.66 15.46
C GLY C 361 -0.88 -30.48 14.30
N ALA C 362 -0.84 -29.89 13.11
CA ALA C 362 -1.33 -30.56 11.91
C ALA C 362 -0.51 -30.13 10.71
N VAL C 363 -0.08 -31.11 9.91
CA VAL C 363 0.60 -30.85 8.64
C VAL C 363 -0.12 -31.59 7.53
N ILE C 364 -0.43 -30.88 6.45
CA ILE C 364 -1.00 -31.46 5.25
C ILE C 364 0.09 -31.52 4.19
N TRP C 365 0.39 -32.73 3.73
CA TRP C 365 1.31 -32.99 2.63
C TRP C 365 0.53 -33.65 1.50
N ALA C 366 1.08 -33.59 0.29
CA ALA C 366 0.48 -34.25 -0.86
C ALA C 366 1.57 -34.90 -1.69
N GLU C 367 1.23 -36.04 -2.30
CA GLU C 367 2.12 -36.77 -3.18
C GLU C 367 1.76 -36.45 -4.62
N GLY C 368 2.72 -35.89 -5.36
CA GLY C 368 2.49 -35.60 -6.76
C GLY C 368 2.54 -36.84 -7.62
N LYS C 369 1.91 -36.74 -8.79
CA LYS C 369 1.89 -37.86 -9.73
C LYS C 369 3.23 -37.99 -10.46
N SER C 370 3.86 -36.89 -10.80
CA SER C 370 5.10 -36.89 -11.56
C SER C 370 6.30 -36.64 -10.66
N ARG C 371 7.48 -36.84 -11.22
CA ARG C 371 8.71 -36.64 -10.47
C ARG C 371 8.96 -35.16 -10.22
N SER C 372 9.49 -34.84 -9.04
CA SER C 372 9.75 -33.48 -8.63
C SER C 372 11.25 -33.27 -8.41
N CYS C 373 11.65 -32.00 -8.41
CA CYS C 373 13.05 -31.64 -8.17
C CYS C 373 13.41 -31.62 -6.68
N ASP C 374 12.42 -31.62 -5.80
CA ASP C 374 12.68 -31.47 -4.37
C ASP C 374 13.33 -32.73 -3.81
N GLY C 375 14.02 -32.56 -2.68
CA GLY C 375 14.56 -33.68 -1.95
C GLY C 375 13.55 -34.50 -1.19
N THR C 376 12.31 -34.01 -1.11
CA THR C 376 11.20 -34.76 -0.52
C THR C 376 10.55 -35.70 -1.52
N GLY C 377 11.03 -35.74 -2.76
CA GLY C 377 10.43 -36.60 -3.76
C GLY C 377 9.17 -35.99 -4.35
N ALA C 378 8.22 -36.87 -4.69
CA ALA C 378 6.94 -36.40 -5.19
C ALA C 378 6.12 -35.68 -4.13
N MET C 379 6.46 -35.89 -2.85
CA MET C 379 5.70 -35.28 -1.77
C MET C 379 6.04 -33.81 -1.63
N TYR C 380 5.02 -32.98 -1.49
CA TYR C 380 5.21 -31.54 -1.32
C TYR C 380 4.30 -31.04 -0.20
N PHE C 381 4.78 -30.01 0.48
CA PHE C 381 4.06 -29.42 1.60
C PHE C 381 2.85 -28.64 1.12
N VAL C 382 1.72 -28.85 1.78
CA VAL C 382 0.46 -28.20 1.43
C VAL C 382 0.06 -27.17 2.49
N GLY C 383 0.05 -27.56 3.75
CA GLY C 383 -0.39 -26.64 4.79
C GLY C 383 0.07 -27.08 6.16
N CYS C 384 -0.05 -26.17 7.11
CA CYS C 384 0.30 -26.46 8.49
C CYS C 384 -0.52 -25.60 9.42
N GLY C 385 -0.70 -26.08 10.64
CA GLY C 385 -1.46 -25.32 11.61
C GLY C 385 -1.32 -25.88 13.00
N TYR C 386 -1.75 -25.08 13.96
CA TYR C 386 -1.84 -25.48 15.36
C TYR C 386 -3.11 -24.87 15.93
N ASN C 387 -3.54 -25.36 17.09
CA ASN C 387 -4.72 -24.79 17.72
C ASN C 387 -4.42 -23.40 18.26
N ALA C 388 -5.28 -22.45 17.94
CA ALA C 388 -5.09 -21.06 18.33
C ALA C 388 -6.42 -20.34 18.20
N PHE C 389 -6.47 -19.15 18.73
CA PHE C 389 -7.64 -18.30 18.58
C PHE C 389 -7.59 -17.56 17.25
N PRO C 390 -8.72 -17.04 16.77
CA PRO C 390 -8.72 -16.38 15.45
C PRO C 390 -7.67 -15.29 15.36
N VAL C 391 -7.03 -15.21 14.19
CA VAL C 391 -5.88 -14.33 14.00
C VAL C 391 -6.26 -12.90 14.33
N GLY C 392 -5.40 -12.23 15.08
CA GLY C 392 -5.67 -10.88 15.53
C GLY C 392 -6.31 -10.78 16.89
N SER C 393 -6.32 -11.86 17.68
CA SER C 393 -6.93 -11.87 18.99
C SER C 393 -5.88 -11.62 20.06
N GLU C 394 -6.26 -10.87 21.10
CA GLU C 394 -5.37 -10.57 22.21
C GLU C 394 -5.39 -11.72 23.22
N TYR C 395 -4.64 -11.55 24.30
CA TYR C 395 -4.60 -12.58 25.35
C TYR C 395 -5.95 -12.73 26.02
N ALA C 396 -6.64 -11.62 26.28
CA ALA C 396 -7.92 -11.64 26.99
C ALA C 396 -9.11 -11.46 26.05
N ASP C 397 -8.91 -11.55 24.74
CA ASP C 397 -10.01 -11.39 23.80
C ASP C 397 -11.04 -12.50 23.96
N PHE C 398 -10.58 -13.74 24.11
CA PHE C 398 -11.46 -14.88 24.16
C PHE C 398 -11.21 -15.70 25.43
N PRO C 399 -12.23 -16.41 25.93
CA PRO C 399 -12.03 -17.22 27.12
C PRO C 399 -11.06 -18.36 26.86
N HIS C 400 -10.29 -18.70 27.90
CA HIS C 400 -9.34 -19.80 27.84
C HIS C 400 -9.71 -20.96 28.75
N MET C 401 -10.83 -20.86 29.47
CA MET C 401 -11.21 -21.90 30.42
C MET C 401 -11.58 -23.18 29.70
N ASP C 402 -11.25 -24.31 30.34
CA ASP C 402 -11.62 -25.62 29.83
C ASP C 402 -13.05 -25.94 30.26
N ASP C 403 -13.44 -27.21 30.15
CA ASP C 403 -14.81 -27.61 30.46
C ASP C 403 -15.14 -27.42 31.94
N LYS C 404 -14.14 -27.19 32.80
CA LYS C 404 -14.39 -26.99 34.21
C LYS C 404 -15.25 -25.76 34.48
N GLN C 405 -15.28 -24.81 33.54
CA GLN C 405 -16.06 -23.60 33.72
C GLN C 405 -17.54 -23.92 33.84
N LYS C 406 -18.20 -23.32 34.83
CA LYS C 406 -19.61 -23.59 35.08
C LYS C 406 -20.52 -22.98 34.02
N ASP C 407 -20.01 -22.13 33.15
CA ASP C 407 -20.79 -21.53 32.07
C ASP C 407 -20.18 -21.93 30.74
N ARG C 408 -20.98 -22.56 29.88
CA ARG C 408 -20.49 -22.98 28.58
C ARG C 408 -20.17 -21.79 27.67
N GLU C 409 -20.73 -20.62 27.96
CA GLU C 409 -20.45 -19.44 27.15
C GLU C 409 -19.01 -19.00 27.29
N ILE C 410 -18.42 -19.19 28.47
CA ILE C 410 -17.07 -18.71 28.75
C ILE C 410 -16.08 -19.86 28.60
N ARG C 411 -16.46 -20.88 27.83
CA ARG C 411 -15.56 -21.97 27.50
C ARG C 411 -14.86 -21.69 26.18
N LYS C 412 -13.58 -22.08 26.11
CA LYS C 412 -12.75 -21.76 24.95
C LYS C 412 -13.17 -22.49 23.68
N PHE C 413 -14.01 -23.53 23.80
CA PHE C 413 -14.24 -24.43 22.68
C PHE C 413 -14.98 -23.74 21.54
N ARG C 414 -15.89 -22.82 21.87
CA ARG C 414 -16.64 -22.12 20.83
C ARG C 414 -15.78 -21.16 20.02
N TYR C 415 -14.55 -20.88 20.45
CA TYR C 415 -13.73 -19.86 19.82
C TYR C 415 -12.35 -20.33 19.40
N ILE C 416 -11.93 -21.53 19.80
CA ILE C 416 -10.60 -22.02 19.45
C ILE C 416 -10.62 -22.57 18.03
N ILE C 417 -9.67 -22.12 17.21
CA ILE C 417 -9.47 -22.68 15.88
C ILE C 417 -8.56 -23.90 16.02
N HIS C 418 -8.98 -25.01 15.43
CA HIS C 418 -8.24 -26.26 15.59
C HIS C 418 -7.04 -26.30 14.64
N ALA C 419 -6.15 -27.26 14.91
CA ALA C 419 -4.93 -27.39 14.11
C ALA C 419 -5.24 -27.72 12.66
N ALA C 420 -6.16 -28.67 12.43
CA ALA C 420 -6.53 -29.03 11.07
C ALA C 420 -7.25 -27.88 10.37
N GLN C 421 -8.10 -27.16 11.11
CA GLN C 421 -8.77 -26.00 10.53
C GLN C 421 -7.78 -24.93 10.13
N ASN C 422 -6.75 -24.70 10.94
CA ASN C 422 -5.72 -23.72 10.59
C ASN C 422 -4.89 -24.21 9.41
N ALA C 423 -4.58 -25.50 9.36
CA ALA C 423 -3.81 -26.05 8.24
C ALA C 423 -4.58 -25.91 6.93
N LEU C 424 -5.89 -26.16 6.96
CA LEU C 424 -6.71 -25.98 5.76
C LEU C 424 -6.90 -24.51 5.42
N THR C 425 -6.98 -23.64 6.42
CA THR C 425 -7.21 -22.23 6.16
C THR C 425 -6.02 -21.59 5.46
N PHE C 426 -4.82 -21.82 5.99
CA PHE C 426 -3.61 -21.18 5.47
C PHE C 426 -2.76 -22.13 4.63
N ARG C 427 -3.41 -23.02 3.88
CA ARG C 427 -2.68 -23.88 2.95
C ARG C 427 -2.06 -23.05 1.84
N CYS C 428 -0.84 -23.42 1.46
CA CYS C 428 -0.15 -22.76 0.35
C CYS C 428 -0.41 -23.44 -0.98
N GLN C 429 -1.05 -24.60 -0.99
CA GLN C 429 -1.33 -25.35 -2.20
C GLN C 429 -2.79 -25.78 -2.20
N GLU C 430 -3.29 -26.09 -3.39
CA GLU C 430 -4.64 -26.59 -3.54
C GLU C 430 -4.64 -28.11 -3.45
N ILE C 431 -5.63 -28.66 -2.76
CA ILE C 431 -5.77 -30.11 -2.67
C ILE C 431 -6.26 -30.62 -4.02
N LYS C 432 -5.47 -31.49 -4.65
CA LYS C 432 -5.78 -32.00 -5.97
C LYS C 432 -6.51 -33.32 -5.85
N PRO C 433 -7.70 -33.45 -6.44
CA PRO C 433 -8.46 -34.71 -6.26
C PRO C 433 -7.73 -35.95 -6.75
N GLU C 434 -6.92 -35.82 -7.81
CA GLU C 434 -6.24 -36.99 -8.34
C GLU C 434 -5.08 -37.42 -7.44
N GLU C 435 -4.42 -36.46 -6.80
CA GLU C 435 -3.25 -36.75 -5.98
C GLU C 435 -3.66 -37.33 -4.64
N ARG C 436 -2.80 -38.19 -4.09
CA ARG C 436 -2.93 -38.61 -2.71
C ARG C 436 -2.55 -37.44 -1.80
N SER C 437 -3.36 -37.20 -0.78
CA SER C 437 -3.11 -36.13 0.17
C SER C 437 -3.31 -36.66 1.58
N MET C 438 -2.40 -36.27 2.47
CA MET C 438 -2.34 -36.77 3.83
C MET C 438 -2.32 -35.61 4.80
N ILE C 439 -3.02 -35.76 5.91
CA ILE C 439 -2.95 -34.82 7.02
C ILE C 439 -2.50 -35.58 8.26
N PHE C 440 -1.46 -35.07 8.91
CA PHE C 440 -0.91 -35.64 10.13
C PHE C 440 -1.30 -34.73 11.27
N VAL C 441 -2.02 -35.28 12.25
CA VAL C 441 -2.52 -34.53 13.39
C VAL C 441 -2.08 -35.24 14.66
N THR C 442 -1.58 -34.46 15.63
CA THR C 442 -1.01 -35.04 16.84
C THR C 442 -2.07 -35.70 17.71
N LYS C 443 -3.29 -35.17 17.72
CA LYS C 443 -4.40 -35.75 18.45
C LYS C 443 -5.42 -36.30 17.47
N CYS C 444 -6.40 -37.03 17.98
CA CYS C 444 -7.49 -37.50 17.15
C CYS C 444 -8.28 -36.31 16.63
N PRO C 445 -8.60 -36.25 15.34
CA PRO C 445 -9.45 -35.17 14.84
C PRO C 445 -10.83 -35.22 15.48
N CYS C 446 -11.38 -34.04 15.77
CA CYS C 446 -12.67 -33.96 16.43
C CYS C 446 -13.81 -34.05 15.41
N ASP C 447 -15.03 -34.05 15.94
CA ASP C 447 -16.22 -34.07 15.09
C ASP C 447 -16.37 -32.77 14.31
N GLU C 448 -15.63 -31.73 14.68
CA GLU C 448 -15.65 -30.48 13.95
C GLU C 448 -14.64 -30.48 12.80
N CYS C 449 -13.53 -31.22 12.95
CA CYS C 449 -12.48 -31.23 11.95
C CYS C 449 -12.66 -32.32 10.90
N VAL C 450 -13.18 -33.49 11.29
CA VAL C 450 -13.30 -34.60 10.34
C VAL C 450 -14.15 -34.23 9.13
N PRO C 451 -15.34 -33.63 9.27
CA PRO C 451 -16.06 -33.19 8.07
C PRO C 451 -15.30 -32.20 7.22
N LEU C 452 -14.53 -31.30 7.83
CA LEU C 452 -13.73 -30.35 7.06
C LEU C 452 -12.63 -31.06 6.29
N ILE C 453 -11.96 -32.03 6.92
CA ILE C 453 -10.91 -32.79 6.25
C ILE C 453 -11.49 -33.58 5.09
N LYS C 454 -12.65 -34.21 5.30
CA LYS C 454 -13.29 -34.97 4.24
C LYS C 454 -13.73 -34.07 3.09
N GLY C 455 -14.31 -32.91 3.40
CA GLY C 455 -14.75 -32.00 2.36
C GLY C 455 -13.60 -31.40 1.58
N ALA C 456 -12.47 -31.17 2.25
CA ALA C 456 -11.30 -30.66 1.56
C ALA C 456 -10.73 -31.65 0.56
N GLY C 457 -11.17 -32.91 0.62
CA GLY C 457 -10.66 -33.93 -0.26
C GLY C 457 -9.39 -34.61 0.22
N ILE C 458 -9.01 -34.44 1.48
CA ILE C 458 -7.81 -35.08 2.00
C ILE C 458 -8.05 -36.59 2.06
N LYS C 459 -7.15 -37.34 1.42
CA LYS C 459 -7.35 -38.79 1.27
C LYS C 459 -7.03 -39.58 2.53
N GLN C 460 -6.07 -39.12 3.32
CA GLN C 460 -5.58 -39.92 4.44
C GLN C 460 -5.37 -39.05 5.67
N ILE C 461 -5.68 -39.61 6.84
CA ILE C 461 -5.45 -38.96 8.12
C ILE C 461 -4.55 -39.87 8.95
N TYR C 462 -3.37 -39.37 9.30
CA TYR C 462 -2.48 -40.03 10.24
C TYR C 462 -2.63 -39.32 11.58
N ALA C 463 -3.14 -40.04 12.59
CA ALA C 463 -3.60 -39.38 13.79
C ALA C 463 -3.23 -40.19 15.03
N GLY C 464 -3.29 -39.52 16.17
CA GLY C 464 -3.27 -40.21 17.44
C GLY C 464 -4.58 -40.92 17.72
N ASP C 465 -4.49 -41.95 18.56
CA ASP C 465 -5.62 -42.85 18.82
C ASP C 465 -6.14 -42.75 20.25
N VAL C 466 -5.59 -41.84 21.07
CA VAL C 466 -5.93 -41.81 22.49
C VAL C 466 -7.37 -41.37 22.71
N ASP C 467 -7.79 -40.31 22.00
CA ASP C 467 -9.07 -39.69 22.26
C ASP C 467 -10.21 -40.25 21.40
N VAL C 468 -9.95 -41.30 20.63
CA VAL C 468 -10.98 -41.86 19.75
C VAL C 468 -12.15 -42.36 20.60
N GLY C 469 -13.36 -41.93 20.23
CA GLY C 469 -14.57 -42.35 20.90
C GLY C 469 -14.97 -41.52 22.09
N LYS C 470 -14.13 -40.57 22.51
CA LYS C 470 -14.49 -39.71 23.63
C LYS C 470 -15.60 -38.74 23.22
N LYS C 471 -16.56 -38.54 24.12
CA LYS C 471 -17.70 -37.66 23.87
C LYS C 471 -17.83 -36.72 25.07
N LYS C 472 -17.24 -35.54 24.95
CA LYS C 472 -17.36 -34.51 25.98
C LYS C 472 -18.48 -33.54 25.63
N ALA C 473 -18.74 -32.61 26.55
CA ALA C 473 -19.85 -31.67 26.37
C ALA C 473 -19.65 -30.79 25.14
N ASP C 474 -18.43 -30.31 24.93
CA ASP C 474 -18.17 -29.36 23.85
C ASP C 474 -17.44 -29.97 22.67
N ILE C 475 -16.60 -30.98 22.88
CA ILE C 475 -15.80 -31.59 21.82
C ILE C 475 -16.01 -33.09 21.87
N SER C 476 -16.22 -33.70 20.70
CA SER C 476 -16.47 -35.12 20.59
C SER C 476 -15.57 -35.73 19.52
N TYR C 477 -15.46 -37.06 19.55
CA TYR C 477 -14.58 -37.80 18.67
C TYR C 477 -15.29 -39.00 18.05
N MET C 478 -16.61 -38.90 17.85
CA MET C 478 -17.37 -40.04 17.36
C MET C 478 -17.25 -40.20 15.84
N ARG C 479 -16.97 -39.13 15.12
CA ARG C 479 -16.98 -39.20 13.66
C ARG C 479 -15.70 -39.80 13.08
N PHE C 480 -14.60 -39.76 13.81
CA PHE C 480 -13.36 -40.32 13.29
C PHE C 480 -13.45 -41.83 13.11
N GLY C 481 -14.07 -42.52 14.08
CA GLY C 481 -14.17 -43.97 13.99
C GLY C 481 -15.03 -44.44 12.83
N GLU C 482 -16.15 -43.76 12.59
CA GLU C 482 -17.07 -44.13 11.54
C GLU C 482 -16.79 -43.43 10.22
N LEU C 483 -15.69 -42.70 10.12
CA LEU C 483 -15.38 -41.94 8.91
C LEU C 483 -15.22 -42.86 7.71
N GLU C 484 -15.85 -42.48 6.61
CA GLU C 484 -15.80 -43.24 5.37
C GLU C 484 -15.20 -42.38 4.26
N GLY C 485 -14.54 -43.04 3.31
CA GLY C 485 -13.95 -42.36 2.17
C GLY C 485 -12.59 -41.75 2.43
N VAL C 486 -12.09 -41.82 3.65
CA VAL C 486 -10.77 -41.31 4.01
C VAL C 486 -10.02 -42.41 4.73
N SER C 487 -8.85 -42.78 4.22
CA SER C 487 -8.01 -43.75 4.91
C SER C 487 -7.54 -43.18 6.23
N LYS C 488 -7.53 -44.01 7.27
CA LYS C 488 -7.13 -43.60 8.60
C LYS C 488 -5.97 -44.48 9.06
N PHE C 489 -4.89 -43.84 9.52
CA PHE C 489 -3.72 -44.53 10.01
C PHE C 489 -3.41 -44.03 11.42
N THR C 490 -3.38 -44.94 12.36
CA THR C 490 -3.12 -44.62 13.76
C THR C 490 -1.84 -45.29 14.21
N TRP C 491 -1.24 -44.72 15.26
CA TRP C 491 -0.06 -45.30 15.88
C TRP C 491 -0.44 -46.60 16.58
N GLN C 492 0.28 -47.67 16.25
CA GLN C 492 -0.02 -49.00 16.77
C GLN C 492 1.07 -49.96 16.30
N LEU C 493 1.09 -51.15 16.90
CA LEU C 493 1.93 -52.23 16.40
C LEU C 493 1.48 -52.63 15.00
N ASN C 494 2.44 -53.07 14.19
CA ASN C 494 2.14 -53.51 12.84
C ASN C 494 1.26 -54.76 12.92
N PRO C 495 0.04 -54.71 12.40
CA PRO C 495 -0.84 -55.88 12.47
C PRO C 495 -0.31 -57.07 11.68
N SER C 496 0.57 -56.85 10.72
CA SER C 496 1.11 -57.94 9.90
C SER C 496 2.62 -58.01 10.02
N ILE D 50 21.16 -8.57 29.74
CA ILE D 50 20.22 -7.89 30.62
C ILE D 50 18.80 -8.02 30.10
N PRO D 51 17.83 -8.15 31.00
CA PRO D 51 16.43 -8.23 30.56
C PRO D 51 15.95 -6.91 29.98
N ARG D 52 14.99 -7.00 29.07
CA ARG D 52 14.49 -5.85 28.34
C ARG D 52 13.00 -5.69 28.57
N LEU D 53 12.57 -4.46 28.80
CA LEU D 53 11.16 -4.16 28.92
C LEU D 53 10.49 -4.28 27.56
N SER D 54 9.31 -4.90 27.52
CA SER D 54 8.58 -5.00 26.27
C SER D 54 7.97 -3.64 25.90
N LYS D 55 7.68 -3.47 24.62
CA LYS D 55 7.12 -2.22 24.14
C LYS D 55 5.77 -1.93 24.78
N VAL D 56 4.91 -2.94 24.86
CA VAL D 56 3.57 -2.74 25.39
C VAL D 56 3.62 -2.45 26.88
N ASN D 57 4.55 -3.09 27.60
CA ASN D 57 4.71 -2.79 29.02
C ASN D 57 5.32 -1.42 29.24
N LEU D 58 6.24 -1.00 28.36
CA LEU D 58 6.71 0.38 28.39
C LEU D 58 5.56 1.36 28.25
N PHE D 59 4.68 1.13 27.27
CA PHE D 59 3.58 2.06 27.03
C PHE D 59 2.59 2.05 28.20
N THR D 60 2.32 0.88 28.76
CA THR D 60 1.43 0.81 29.92
C THR D 60 2.02 1.55 31.11
N LEU D 61 3.31 1.33 31.39
CA LEU D 61 3.96 2.03 32.49
C LEU D 61 3.99 3.52 32.25
N LEU D 62 4.21 3.94 31.01
CA LEU D 62 4.27 5.37 30.70
C LEU D 62 2.89 6.01 30.83
N SER D 63 1.82 5.29 30.48
CA SER D 63 0.48 5.82 30.69
C SER D 63 0.18 5.96 32.18
N LEU D 64 0.56 4.95 32.98
CA LEU D 64 0.37 5.05 34.42
C LEU D 64 1.17 6.21 35.01
N TRP D 65 2.40 6.41 34.53
CA TRP D 65 3.23 7.50 35.01
C TRP D 65 2.72 8.86 34.54
N MET D 66 2.15 8.92 33.33
CA MET D 66 1.54 10.15 32.84
C MET D 66 0.33 10.52 33.68
N GLU D 67 -0.39 9.53 34.20
CA GLU D 67 -1.47 9.84 35.13
C GLU D 67 -0.96 10.56 36.38
N LEU D 68 0.33 10.44 36.69
CA LEU D 68 0.93 11.08 37.85
C LEU D 68 1.66 12.38 37.51
N PHE D 69 1.45 12.92 36.31
CA PHE D 69 2.15 14.13 35.92
C PHE D 69 1.78 15.27 36.86
N PRO D 70 2.75 16.07 37.31
CA PRO D 70 2.45 17.16 38.26
C PRO D 70 1.48 18.17 37.66
N ALA D 71 0.32 18.30 38.30
CA ALA D 71 -0.71 19.21 37.83
C ALA D 71 -0.35 20.66 38.13
N VAL D 105 -15.17 11.06 38.28
CA VAL D 105 -14.20 11.00 37.20
C VAL D 105 -12.79 11.07 37.77
N LYS D 106 -11.92 10.17 37.30
CA LYS D 106 -10.57 10.05 37.80
C LYS D 106 -9.56 10.47 36.73
N ARG D 107 -8.40 10.93 37.20
CA ARG D 107 -7.34 11.33 36.28
C ARG D 107 -6.84 10.15 35.48
N THR D 108 -6.55 10.40 34.20
CA THR D 108 -6.10 9.35 33.30
C THR D 108 -4.86 9.81 32.55
N GLY D 109 -3.86 8.93 32.48
CA GLY D 109 -2.71 9.14 31.62
C GLY D 109 -2.90 8.41 30.31
N LEU D 110 -2.25 8.91 29.26
CA LEU D 110 -2.46 8.39 27.92
C LEU D 110 -1.15 8.45 27.14
N VAL D 111 -0.82 7.35 26.47
CA VAL D 111 0.31 7.27 25.57
C VAL D 111 -0.24 7.01 24.17
N VAL D 112 0.08 7.89 23.23
CA VAL D 112 -0.30 7.74 21.83
C VAL D 112 0.93 7.27 21.07
N VAL D 113 0.81 6.12 20.42
CA VAL D 113 1.91 5.45 19.73
C VAL D 113 1.51 5.27 18.28
N LYS D 114 2.42 5.58 17.36
CA LYS D 114 2.23 5.31 15.95
C LYS D 114 3.48 4.64 15.40
N ASN D 115 3.29 3.50 14.74
CA ASN D 115 4.40 2.69 14.21
C ASN D 115 5.41 2.36 15.30
N MET D 116 4.91 1.95 16.46
CA MET D 116 5.70 1.58 17.63
C MET D 116 6.56 2.73 18.14
N LYS D 117 6.19 3.97 17.79
CA LYS D 117 6.88 5.15 18.27
C LYS D 117 5.91 6.03 19.03
N ILE D 118 6.35 6.55 20.18
CA ILE D 118 5.49 7.41 20.98
C ILE D 118 5.34 8.75 20.28
N VAL D 119 4.10 9.11 19.96
CA VAL D 119 3.79 10.39 19.34
C VAL D 119 2.99 11.29 20.27
N GLY D 120 2.63 10.82 21.45
CA GLY D 120 1.97 11.70 22.40
C GLY D 120 1.96 11.22 23.83
N LEU D 121 2.16 12.12 24.79
CA LEU D 121 2.03 11.82 26.21
C LEU D 121 1.07 12.83 26.82
N HIS D 122 -0.06 12.35 27.32
CA HIS D 122 -1.12 13.24 27.77
C HIS D 122 -1.61 12.84 29.15
N CYS D 123 -2.15 13.83 29.86
CA CYS D 123 -2.80 13.61 31.14
C CYS D 123 -4.12 14.33 31.15
N SER D 124 -5.09 13.77 31.87
CA SER D 124 -6.36 14.44 32.04
C SER D 124 -6.18 15.74 32.83
N SER D 125 -6.95 16.75 32.46
CA SER D 125 -6.96 18.02 33.15
C SER D 125 -8.26 18.14 33.96
N GLU D 126 -8.43 19.32 34.58
CA GLU D 126 -9.66 19.58 35.31
C GLU D 126 -10.86 19.64 34.38
N ASP D 127 -10.65 20.08 33.14
CA ASP D 127 -11.74 20.27 32.18
C ASP D 127 -11.95 19.04 31.30
N LEU D 128 -10.88 18.53 30.70
CA LEU D 128 -10.97 17.53 29.64
C LEU D 128 -10.30 16.24 30.05
N HIS D 129 -10.86 15.12 29.59
CA HIS D 129 -10.26 13.81 29.80
C HIS D 129 -9.06 13.63 28.86
N ALA D 130 -8.28 12.58 29.13
CA ALA D 130 -7.10 12.30 28.33
C ALA D 130 -7.46 11.99 26.88
N GLY D 131 -8.56 11.25 26.67
CA GLY D 131 -8.97 10.95 25.31
C GLY D 131 -9.42 12.17 24.53
N GLN D 132 -10.18 13.05 25.18
CA GLN D 132 -10.59 14.30 24.55
C GLN D 132 -9.38 15.18 24.23
N ILE D 133 -8.41 15.22 25.15
CA ILE D 133 -7.19 15.98 24.92
C ILE D 133 -6.43 15.42 23.74
N ALA D 134 -6.33 14.09 23.65
CA ALA D 134 -5.65 13.47 22.51
C ALA D 134 -6.37 13.78 21.22
N LEU D 135 -7.70 13.77 21.24
CA LEU D 135 -8.45 14.14 20.04
C LEU D 135 -8.13 15.57 19.63
N ILE D 136 -8.18 16.51 20.57
CA ILE D 136 -7.88 17.90 20.25
C ILE D 136 -6.47 18.03 19.69
N LYS D 137 -5.51 17.35 20.30
CA LYS D 137 -4.11 17.51 19.93
C LYS D 137 -3.74 16.82 18.62
N HIS D 138 -4.45 15.77 18.24
CA HIS D 138 -4.05 15.00 17.06
C HIS D 138 -5.06 15.05 15.93
N GLY D 139 -6.35 14.85 16.20
CA GLY D 139 -7.31 14.83 15.12
C GLY D 139 -7.22 13.56 14.31
N SER D 140 -7.21 13.72 12.99
CA SER D 140 -7.13 12.58 12.07
C SER D 140 -5.80 11.84 12.20
N ARG D 141 -4.78 12.48 12.80
CA ARG D 141 -3.50 11.83 12.99
C ARG D 141 -3.57 10.64 13.94
N LEU D 142 -4.67 10.50 14.69
CA LEU D 142 -4.91 9.32 15.51
C LEU D 142 -5.23 8.09 14.68
N LYS D 143 -5.36 8.22 13.37
CA LYS D 143 -5.65 7.08 12.50
C LYS D 143 -4.57 6.03 12.63
N ASN D 144 -4.98 4.77 12.82
CA ASN D 144 -4.10 3.62 12.96
C ASN D 144 -3.14 3.75 14.14
N CYS D 145 -3.50 4.55 15.13
CA CYS D 145 -2.66 4.75 16.31
C CYS D 145 -3.08 3.80 17.43
N ASP D 146 -2.12 3.48 18.29
CA ASP D 146 -2.37 2.70 19.49
C ASP D 146 -2.39 3.62 20.70
N LEU D 147 -3.48 3.57 21.46
CA LEU D 147 -3.66 4.43 22.61
C LEU D 147 -3.64 3.58 23.88
N TYR D 148 -2.74 3.92 24.79
CA TYR D 148 -2.58 3.22 26.06
C TYR D 148 -3.08 4.14 27.16
N PHE D 149 -4.18 3.74 27.80
CA PHE D 149 -4.85 4.52 28.82
C PHE D 149 -4.53 3.96 30.19
N SER D 150 -4.33 4.84 31.17
CA SER D 150 -4.17 4.40 32.55
C SER D 150 -5.49 3.96 33.17
N ARG D 151 -6.61 4.39 32.60
CA ARG D 151 -7.94 3.93 33.00
C ARG D 151 -8.77 3.73 31.74
N LYS D 152 -9.77 2.86 31.81
CA LYS D 152 -10.61 2.63 30.65
C LYS D 152 -11.36 3.90 30.30
N PRO D 153 -11.26 4.40 29.07
CA PRO D 153 -11.92 5.65 28.73
C PRO D 153 -13.44 5.54 28.76
N CYS D 154 -14.08 6.67 29.01
CA CYS D 154 -15.53 6.72 29.03
C CYS D 154 -16.10 6.62 27.61
N SER D 155 -17.42 6.48 27.53
CA SER D 155 -18.07 6.34 26.24
C SER D 155 -17.88 7.58 25.38
N ALA D 156 -17.93 8.77 26.00
CA ALA D 156 -17.70 10.00 25.24
C ALA D 156 -16.29 10.03 24.65
N CYS D 157 -15.30 9.63 25.44
CA CYS D 157 -13.94 9.56 24.92
C CYS D 157 -13.79 8.46 23.88
N LEU D 158 -14.38 7.29 24.16
CA LEU D 158 -14.18 6.14 23.27
C LEU D 158 -14.80 6.37 21.90
N LYS D 159 -16.01 6.95 21.85
CA LYS D 159 -16.66 7.16 20.56
C LYS D 159 -15.85 8.11 19.68
N MET D 160 -15.31 9.18 20.27
CA MET D 160 -14.48 10.10 19.51
C MET D 160 -13.15 9.47 19.11
N ILE D 161 -12.57 8.66 19.98
CA ILE D 161 -11.31 8.01 19.67
C ILE D 161 -11.48 7.03 18.50
N VAL D 162 -12.56 6.24 18.51
CA VAL D 162 -12.78 5.30 17.42
C VAL D 162 -13.25 6.02 16.16
N ASN D 163 -13.89 7.18 16.31
CA ASN D 163 -14.22 8.01 15.15
C ASN D 163 -12.96 8.53 14.49
N ALA D 164 -11.95 8.88 15.29
CA ALA D 164 -10.66 9.33 14.76
C ALA D 164 -9.91 8.23 14.03
N GLY D 165 -10.29 6.97 14.22
CA GLY D 165 -9.71 5.89 13.44
C GLY D 165 -8.54 5.17 14.06
N VAL D 166 -8.45 5.12 15.39
CA VAL D 166 -7.34 4.44 16.05
C VAL D 166 -7.42 2.94 15.81
N ASN D 167 -6.28 2.27 15.91
CA ASN D 167 -6.23 0.83 15.69
C ASN D 167 -6.49 0.05 16.98
N ARG D 168 -5.78 0.41 18.05
CA ARG D 168 -5.82 -0.34 19.30
C ARG D 168 -6.00 0.62 20.46
N ILE D 169 -6.73 0.17 21.48
CA ILE D 169 -6.95 0.93 22.71
C ILE D 169 -6.68 -0.04 23.87
N SER D 170 -5.46 -0.03 24.38
CA SER D 170 -5.11 -0.80 25.56
C SER D 170 -5.40 0.04 26.79
N TYR D 171 -5.89 -0.62 27.85
CA TYR D 171 -6.16 0.11 29.09
C TYR D 171 -5.72 -0.72 30.29
N TRP D 172 -5.43 0.00 31.37
CA TRP D 172 -5.09 -0.61 32.64
C TRP D 172 -6.37 -1.07 33.33
N PRO D 173 -6.52 -2.37 33.66
CA PRO D 173 -7.79 -2.92 34.16
C PRO D 173 -8.07 -2.64 35.63
N ALA D 174 -7.88 -1.39 36.04
CA ALA D 174 -8.29 -0.90 37.34
C ALA D 174 -9.58 -0.10 37.17
N ASP D 175 -9.96 0.63 38.22
CA ASP D 175 -11.07 1.57 38.18
C ASP D 175 -11.01 2.42 36.92
N PRO D 176 -12.04 2.40 36.08
CA PRO D 176 -12.00 3.12 34.81
C PRO D 176 -12.12 4.63 35.02
N GLU D 177 -12.21 5.35 33.89
CA GLU D 177 -12.28 6.80 33.93
C GLU D 177 -13.49 7.28 34.74
N ILE D 178 -14.66 6.73 34.45
CA ILE D 178 -15.85 6.96 35.27
C ILE D 178 -15.79 5.97 36.41
N SER D 179 -15.47 6.46 37.61
CA SER D 179 -15.16 5.58 38.73
C SER D 179 -16.36 4.70 39.10
N LEU D 180 -16.09 3.42 39.27
CA LEU D 180 -17.08 2.46 39.73
C LEU D 180 -17.05 2.24 41.23
N LEU D 181 -16.17 2.95 41.95
CA LEU D 181 -16.05 2.83 43.39
C LEU D 181 -16.69 4.00 44.13
N THR D 182 -17.46 4.83 43.43
CA THR D 182 -18.08 6.00 44.04
C THR D 182 -19.14 5.61 45.06
N SER D 187 -23.51 5.30 41.11
CA SER D 187 -22.83 4.18 40.46
C SER D 187 -23.62 3.68 39.26
N GLU D 188 -24.90 4.05 39.20
CA GLU D 188 -25.73 3.67 38.06
C GLU D 188 -25.25 4.34 36.78
N ASP D 189 -24.88 5.62 36.85
CA ASP D 189 -24.35 6.31 35.69
C ASP D 189 -23.04 5.70 35.24
N ALA D 190 -22.16 5.34 36.19
CA ALA D 190 -20.90 4.72 35.84
C ALA D 190 -21.11 3.36 35.16
N LYS D 191 -22.03 2.56 35.69
CA LYS D 191 -22.32 1.26 35.08
C LYS D 191 -22.91 1.43 33.69
N LEU D 192 -23.80 2.41 33.53
CA LEU D 192 -24.40 2.65 32.22
C LEU D 192 -23.34 3.11 31.22
N ASP D 193 -22.40 3.95 31.67
CA ASP D 193 -21.29 4.36 30.81
C ASP D 193 -20.42 3.17 30.44
N ALA D 194 -20.19 2.24 31.37
CA ALA D 194 -19.41 1.05 31.06
C ALA D 194 -20.12 0.18 30.03
N LYS D 195 -21.44 0.04 30.16
CA LYS D 195 -22.20 -0.70 29.16
C LYS D 195 -22.13 -0.02 27.80
N ALA D 196 -22.20 1.31 27.77
CA ALA D 196 -22.07 2.04 26.52
C ALA D 196 -20.68 1.83 25.90
N VAL D 197 -19.65 1.80 26.74
CA VAL D 197 -18.30 1.52 26.26
C VAL D 197 -18.22 0.13 25.66
N GLU D 198 -18.86 -0.85 26.31
CA GLU D 198 -18.87 -2.20 25.77
C GLU D 198 -19.57 -2.24 24.41
N ARG D 199 -20.71 -1.55 24.29
CA ARG D 199 -21.42 -1.54 23.02
C ARG D 199 -20.61 -0.86 21.93
N LEU D 200 -19.91 0.23 22.27
CA LEU D 200 -19.03 0.88 21.31
C LEU D 200 -17.91 -0.04 20.87
N LYS D 201 -17.34 -0.79 21.82
CA LYS D 201 -16.27 -1.73 21.49
C LYS D 201 -16.79 -2.84 20.57
N SER D 202 -18.01 -3.31 20.82
CA SER D 202 -18.55 -4.43 20.04
C SER D 202 -18.78 -4.06 18.58
N ASN D 203 -19.05 -2.80 18.29
CA ASN D 203 -19.45 -2.36 16.95
C ASN D 203 -18.45 -1.41 16.31
N SER D 204 -17.16 -1.60 16.58
CA SER D 204 -16.12 -0.76 16.00
C SER D 204 -14.95 -1.62 15.57
N ARG D 205 -14.24 -1.14 14.54
CA ARG D 205 -13.05 -1.84 14.09
C ARG D 205 -11.90 -1.71 15.08
N ALA D 206 -11.94 -0.69 15.93
CA ALA D 206 -10.90 -0.52 16.94
C ALA D 206 -10.96 -1.65 17.95
N HIS D 207 -9.78 -2.10 18.37
CA HIS D 207 -9.63 -3.21 19.30
C HIS D 207 -9.37 -2.66 20.70
N VAL D 208 -10.39 -2.68 21.54
CA VAL D 208 -10.27 -2.27 22.94
C VAL D 208 -9.88 -3.49 23.75
N CYS D 209 -8.78 -3.40 24.50
CA CYS D 209 -8.20 -4.58 25.13
C CYS D 209 -7.33 -4.18 26.31
N VAL D 210 -6.88 -5.20 27.04
CA VAL D 210 -5.88 -5.08 28.08
C VAL D 210 -4.65 -5.81 27.58
N LEU D 211 -3.57 -5.07 27.34
CA LEU D 211 -2.38 -5.61 26.69
C LEU D 211 -1.18 -5.77 27.60
N LEU D 212 -1.32 -5.49 28.90
CA LEU D 212 -0.19 -5.64 29.80
C LEU D 212 0.25 -7.10 29.86
N GLN D 213 1.56 -7.31 29.87
CA GLN D 213 2.14 -8.63 29.84
C GLN D 213 2.90 -8.93 31.12
N PRO D 214 3.06 -10.20 31.46
CA PRO D 214 3.95 -10.56 32.58
C PRO D 214 5.39 -10.18 32.27
N LEU D 215 6.10 -9.79 33.32
CA LEU D 215 7.53 -9.53 33.22
C LEU D 215 8.30 -10.82 33.49
N VAL D 216 9.53 -10.87 33.00
CA VAL D 216 10.40 -11.99 33.36
C VAL D 216 10.69 -11.91 34.86
N CYS D 217 11.05 -13.06 35.44
CA CYS D 217 11.23 -13.14 36.89
C CYS D 217 12.36 -12.25 37.37
N TYR D 218 13.34 -11.98 36.52
CA TYR D 218 14.50 -11.17 36.87
C TYR D 218 14.31 -9.69 36.55
N MET D 219 13.21 -9.31 35.88
CA MET D 219 13.05 -7.94 35.42
C MET D 219 13.00 -6.96 36.59
N VAL D 220 12.23 -7.29 37.63
CA VAL D 220 12.08 -6.37 38.75
C VAL D 220 13.39 -6.28 39.55
N GLN D 221 14.05 -7.41 39.75
CA GLN D 221 15.33 -7.40 40.46
C GLN D 221 16.38 -6.62 39.68
N PHE D 222 16.43 -6.80 38.36
CA PHE D 222 17.36 -6.05 37.53
C PHE D 222 17.05 -4.56 37.55
N VAL D 223 15.76 -4.20 37.53
CA VAL D 223 15.37 -2.80 37.58
C VAL D 223 15.79 -2.19 38.91
N GLU D 224 15.61 -2.91 40.01
CA GLU D 224 16.07 -2.41 41.31
C GLU D 224 17.58 -2.25 41.34
N GLU D 225 18.31 -3.23 40.79
CA GLU D 225 19.77 -3.17 40.79
C GLU D 225 20.27 -1.96 40.01
N THR D 226 19.69 -1.73 38.83
CA THR D 226 20.11 -0.59 38.01
C THR D 226 19.61 0.74 38.55
N SER D 227 18.49 0.73 39.28
CA SER D 227 17.99 1.97 39.87
C SER D 227 18.83 2.39 41.06
N TYR D 228 19.35 1.43 41.83
CA TYR D 228 20.29 1.78 42.88
C TYR D 228 21.61 2.28 42.33
N LYS D 229 21.98 1.84 41.12
CA LYS D 229 23.25 2.21 40.51
C LYS D 229 23.11 3.33 39.49
N CYS D 230 21.96 3.99 39.42
CA CYS D 230 21.77 5.07 38.47
C CYS D 230 22.49 6.33 38.92
N ASP D 231 22.60 7.29 38.00
CA ASP D 231 23.38 8.50 38.27
C ASP D 231 22.85 9.27 39.46
N PHE D 232 21.53 9.38 39.60
CA PHE D 232 20.90 10.20 40.63
C PHE D 232 21.01 9.59 42.02
N ILE D 233 20.75 8.28 42.14
CA ILE D 233 20.88 7.62 43.43
C ILE D 233 22.34 7.64 43.89
N GLN D 234 23.28 7.38 42.98
CA GLN D 234 24.69 7.43 43.34
C GLN D 234 25.12 8.85 43.69
N LYS D 235 24.60 9.85 42.98
CA LYS D 235 24.93 11.24 43.28
C LYS D 235 24.45 11.61 44.68
N ILE D 236 23.26 11.16 45.06
CA ILE D 236 22.79 11.39 46.43
C ILE D 236 23.65 10.63 47.43
N THR D 237 24.01 9.39 47.10
CA THR D 237 24.77 8.55 48.02
C THR D 237 26.13 9.15 48.34
N LYS D 238 26.81 9.66 47.31
CA LYS D 238 28.13 10.26 47.53
C LYS D 238 28.03 11.48 48.44
N THR D 239 27.00 12.29 48.26
CA THR D 239 26.78 13.45 49.12
C THR D 239 26.20 13.04 50.46
N PHE D 247 18.36 4.78 52.23
CA PHE D 247 17.47 5.89 51.96
C PHE D 247 16.63 5.61 50.71
N TYR D 248 17.26 4.98 49.71
CA TYR D 248 16.57 4.72 48.45
C TYR D 248 15.47 3.67 48.63
N TYR D 249 15.71 2.67 49.47
CA TYR D 249 14.72 1.61 49.66
C TYR D 249 13.52 2.09 50.48
N GLU D 250 13.74 3.03 51.41
CA GLU D 250 12.61 3.62 52.12
C GLU D 250 11.72 4.41 51.17
N CYS D 251 12.31 5.21 50.30
CA CYS D 251 11.54 5.91 49.27
C CYS D 251 10.85 4.91 48.35
N LYS D 252 11.52 3.81 48.02
CA LYS D 252 10.90 2.78 47.19
C LYS D 252 9.67 2.20 47.87
N GLN D 253 9.75 1.93 49.18
CA GLN D 253 8.61 1.39 49.91
C GLN D 253 7.47 2.40 49.95
N GLU D 254 7.78 3.68 50.17
CA GLU D 254 6.74 4.70 50.18
C GLU D 254 6.05 4.80 48.82
N ARG D 255 6.83 4.79 47.74
CA ARG D 255 6.24 4.82 46.40
C ARG D 255 5.44 3.55 46.12
N ILE D 256 5.90 2.40 46.62
CA ILE D 256 5.15 1.16 46.45
C ILE D 256 3.77 1.30 47.09
N LYS D 257 3.73 1.78 48.33
CA LYS D 257 2.45 1.94 49.01
C LYS D 257 1.55 2.92 48.25
N GLU D 258 2.10 4.08 47.87
CA GLU D 258 1.29 5.10 47.22
C GLU D 258 0.75 4.62 45.87
N TYR D 259 1.61 4.00 45.06
CA TYR D 259 1.20 3.60 43.72
C TYR D 259 0.32 2.35 43.76
N GLU D 260 0.49 1.48 44.75
CA GLU D 260 -0.44 0.38 44.94
C GLU D 260 -1.81 0.90 45.33
N MET D 261 -1.85 1.93 46.18
CA MET D 261 -3.13 2.55 46.52
C MET D 261 -3.78 3.18 45.30
N LEU D 262 -2.99 3.89 44.49
CA LEU D 262 -3.55 4.64 43.37
C LEU D 262 -3.96 3.76 42.20
N PHE D 263 -3.14 2.76 41.85
CA PHE D 263 -3.30 2.04 40.59
C PHE D 263 -3.90 0.64 40.74
N LEU D 264 -3.83 0.05 41.93
CA LEU D 264 -4.34 -1.29 42.14
C LEU D 264 -5.62 -1.26 42.97
N VAL D 265 -6.39 -2.34 42.86
CA VAL D 265 -7.59 -2.54 43.67
C VAL D 265 -7.27 -3.67 44.63
N SER D 266 -6.98 -3.32 45.90
CA SER D 266 -6.55 -4.33 46.86
C SER D 266 -7.64 -5.36 47.12
N ASN D 267 -8.88 -4.90 47.26
CA ASN D 267 -10.00 -5.81 47.52
C ASN D 267 -10.29 -6.64 46.27
N GLU D 268 -10.24 -7.97 46.42
CA GLU D 268 -10.42 -8.84 45.26
C GLU D 268 -11.86 -8.83 44.75
N GLU D 269 -12.83 -8.74 45.66
CA GLU D 269 -14.23 -8.70 45.23
C GLU D 269 -14.53 -7.41 44.47
N MET D 270 -13.99 -6.28 44.94
CA MET D 270 -14.17 -5.02 44.22
C MET D 270 -13.56 -5.08 42.83
N HIS D 271 -12.35 -5.67 42.72
CA HIS D 271 -11.72 -5.78 41.41
C HIS D 271 -12.50 -6.72 40.50
N LYS D 272 -13.05 -7.80 41.05
CA LYS D 272 -13.88 -8.70 40.26
C LYS D 272 -15.12 -7.98 39.75
N GLN D 273 -15.75 -7.17 40.60
CA GLN D 273 -16.90 -6.39 40.18
C GLN D 273 -16.51 -5.41 39.07
N ILE D 274 -15.36 -4.75 39.21
CA ILE D 274 -14.90 -3.81 38.20
C ILE D 274 -14.69 -4.53 36.87
N LEU D 275 -14.02 -5.69 36.90
CA LEU D 275 -13.76 -6.42 35.67
C LEU D 275 -15.03 -6.95 35.03
N MET D 276 -16.02 -7.34 35.84
CA MET D 276 -17.32 -7.70 35.30
C MET D 276 -17.98 -6.52 34.62
N THR D 277 -17.91 -5.34 35.23
CA THR D 277 -18.59 -4.17 34.69
C THR D 277 -17.94 -3.68 33.39
N ILE D 278 -16.62 -3.79 33.26
CA ILE D 278 -15.92 -3.25 32.10
C ILE D 278 -15.73 -4.35 31.06
N GLY D 279 -16.50 -5.42 31.18
CA GLY D 279 -16.46 -6.49 30.18
C GLY D 279 -15.19 -7.28 30.15
N LEU D 280 -14.61 -7.56 31.32
CA LEU D 280 -13.42 -8.40 31.44
C LEU D 280 -13.75 -9.66 32.26
N GLU D 281 -14.90 -10.26 31.98
CA GLU D 281 -15.35 -11.43 32.73
C GLU D 281 -14.42 -12.62 32.53
N ASN D 282 -13.73 -12.68 31.39
CA ASN D 282 -12.79 -13.77 31.16
C ASN D 282 -11.63 -13.78 32.14
N LEU D 283 -11.33 -12.63 32.75
CA LEU D 283 -10.25 -12.52 33.72
C LEU D 283 -10.75 -12.50 35.16
N CYS D 284 -12.01 -12.87 35.40
CA CYS D 284 -12.56 -12.86 36.74
C CYS D 284 -12.43 -14.19 37.46
N GLU D 285 -12.01 -15.25 36.77
CA GLU D 285 -11.87 -16.58 37.36
C GLU D 285 -10.41 -16.99 37.40
N ASN D 286 -10.03 -17.68 38.46
CA ASN D 286 -8.67 -18.14 38.62
C ASN D 286 -8.33 -19.19 37.56
N PRO D 287 -7.07 -19.27 37.12
CA PRO D 287 -5.92 -18.49 37.58
C PRO D 287 -5.78 -17.14 36.87
N TYR D 288 -6.69 -16.82 35.95
CA TYR D 288 -6.56 -15.59 35.18
C TYR D 288 -6.72 -14.35 36.05
N PHE D 289 -7.60 -14.41 37.06
CA PHE D 289 -7.75 -13.28 37.97
C PHE D 289 -6.47 -13.05 38.77
N SER D 290 -5.94 -14.10 39.38
CA SER D 290 -4.71 -13.97 40.15
C SER D 290 -3.53 -13.61 39.25
N ASN D 291 -3.47 -14.17 38.04
CA ASN D 291 -2.39 -13.83 37.12
C ASN D 291 -2.44 -12.36 36.74
N LEU D 292 -3.65 -11.85 36.44
CA LEU D 292 -3.78 -10.44 36.09
C LEU D 292 -3.37 -9.55 37.25
N ARG D 293 -3.83 -9.87 38.46
CA ARG D 293 -3.47 -9.08 39.63
C ARG D 293 -1.98 -9.12 39.90
N GLN D 294 -1.34 -10.28 39.71
CA GLN D 294 0.10 -10.39 39.94
C GLN D 294 0.88 -9.60 38.91
N ASN D 295 0.46 -9.66 37.63
CA ASN D 295 1.13 -8.86 36.61
C ASN D 295 0.99 -7.38 36.89
N MET D 296 -0.20 -6.94 37.31
CA MET D 296 -0.40 -5.55 37.66
C MET D 296 0.47 -5.14 38.85
N LYS D 297 0.56 -6.00 39.86
CA LYS D 297 1.41 -5.70 41.01
C LYS D 297 2.88 -5.63 40.61
N ASP D 298 3.33 -6.52 39.73
CA ASP D 298 4.71 -6.48 39.27
C ASP D 298 5.00 -5.19 38.49
N LEU D 299 4.08 -4.78 37.62
CA LEU D 299 4.26 -3.54 36.89
C LEU D 299 4.28 -2.34 37.83
N ILE D 300 3.42 -2.33 38.84
CA ILE D 300 3.42 -1.22 39.80
C ILE D 300 4.69 -1.22 40.64
N LEU D 301 5.21 -2.40 41.00
CA LEU D 301 6.48 -2.46 41.70
C LEU D 301 7.61 -1.91 40.83
N LEU D 302 7.63 -2.25 39.55
CA LEU D 302 8.65 -1.71 38.66
C LEU D 302 8.52 -0.19 38.53
N LEU D 303 7.27 0.29 38.42
CA LEU D 303 7.04 1.73 38.32
C LEU D 303 7.52 2.46 39.58
N ALA D 304 7.23 1.89 40.75
CA ALA D 304 7.67 2.51 42.00
C ALA D 304 9.19 2.50 42.10
N THR D 305 9.82 1.41 41.69
CA THR D 305 11.28 1.34 41.66
C THR D 305 11.88 2.44 40.79
N VAL D 306 11.38 2.55 39.55
CA VAL D 306 11.90 3.55 38.63
C VAL D 306 11.66 4.96 39.14
N ALA D 307 10.47 5.21 39.68
CA ALA D 307 10.16 6.54 40.22
C ALA D 307 11.05 6.88 41.41
N SER D 308 11.37 5.89 42.24
CA SER D 308 12.28 6.11 43.35
C SER D 308 13.72 6.29 42.91
N SER D 309 14.08 5.81 41.72
CA SER D 309 15.41 6.06 41.20
C SER D 309 15.71 7.54 41.00
N VAL D 310 14.68 8.38 40.90
CA VAL D 310 14.84 9.83 40.86
C VAL D 310 14.00 10.40 41.98
N PRO D 311 14.48 10.36 43.22
CA PRO D 311 13.60 10.59 44.38
C PRO D 311 13.48 12.06 44.79
N ASN D 312 12.33 12.36 45.38
CA ASN D 312 12.12 13.63 46.08
C ASN D 312 12.78 13.50 47.45
N PHE D 313 14.09 13.78 47.49
CA PHE D 313 14.91 13.51 48.66
C PHE D 313 15.69 14.76 49.04
N LYS D 314 15.52 15.20 50.29
CA LYS D 314 16.25 16.35 50.86
C LYS D 314 16.06 17.54 49.93
N HIS D 315 17.13 18.22 49.51
CA HIS D 315 17.05 19.34 48.57
C HIS D 315 17.75 18.97 47.27
N PHE D 316 17.63 17.72 46.85
CA PHE D 316 18.25 17.24 45.62
C PHE D 316 17.32 17.51 44.44
N GLY D 317 17.86 18.14 43.42
CA GLY D 317 17.12 18.44 42.23
C GLY D 317 18.05 18.78 41.09
N PHE D 318 17.47 19.33 40.04
CA PHE D 318 18.21 19.71 38.84
C PHE D 318 18.55 21.19 38.92
N TYR D 319 19.84 21.50 38.91
CA TYR D 319 20.29 22.87 39.12
C TYR D 319 21.44 23.19 38.18
N ARG D 320 21.93 24.43 38.30
CA ARG D 320 22.92 25.04 37.41
C ARG D 320 22.31 25.35 36.06
N ASN D 331 16.28 30.43 30.46
CA ASN D 331 17.33 29.82 31.28
C ASN D 331 16.76 29.38 32.63
N GLN D 332 15.51 29.73 32.89
CA GLN D 332 14.86 29.35 34.14
C GLN D 332 14.60 27.85 34.15
N SER D 333 14.93 27.21 35.28
CA SER D 333 14.72 25.79 35.41
C SER D 333 13.23 25.47 35.54
N LEU D 334 12.87 24.24 35.17
CA LEU D 334 11.53 23.75 35.35
C LEU D 334 11.25 23.52 36.84
N PRO D 335 9.98 23.47 37.23
CA PRO D 335 9.66 23.02 38.59
C PRO D 335 10.22 21.62 38.82
N GLN D 336 10.73 21.39 40.03
CA GLN D 336 11.45 20.16 40.32
C GLN D 336 10.57 18.94 40.14
N GLU D 337 9.27 19.06 40.40
CA GLU D 337 8.36 17.93 40.23
C GLU D 337 8.26 17.51 38.77
N ILE D 338 8.12 18.48 37.86
CA ILE D 338 8.02 18.18 36.44
C ILE D 338 9.34 17.63 35.91
N ALA D 339 10.46 18.20 36.36
CA ALA D 339 11.76 17.69 35.95
C ALA D 339 11.96 16.25 36.40
N ARG D 340 11.56 15.94 37.64
CA ARG D 340 11.64 14.57 38.13
C ARG D 340 10.74 13.65 37.33
N HIS D 341 9.53 14.10 36.99
CA HIS D 341 8.62 13.27 36.20
C HIS D 341 9.21 12.95 34.82
N CYS D 342 9.77 13.96 34.15
CA CYS D 342 10.37 13.73 32.84
C CYS D 342 11.61 12.84 32.95
N MET D 343 12.41 13.02 33.99
CA MET D 343 13.57 12.15 34.17
C MET D 343 13.15 10.71 34.44
N VAL D 344 12.04 10.51 35.16
CA VAL D 344 11.53 9.15 35.34
C VAL D 344 11.01 8.59 34.03
N GLN D 345 10.44 9.43 33.17
CA GLN D 345 10.09 8.97 31.82
C GLN D 345 11.31 8.45 31.08
N ALA D 346 12.39 9.23 31.09
CA ALA D 346 13.62 8.80 30.43
C ALA D 346 14.18 7.54 31.09
N ARG D 347 14.06 7.45 32.41
CA ARG D 347 14.52 6.27 33.15
C ARG D 347 13.75 5.02 32.72
N LEU D 348 12.44 5.15 32.53
CA LEU D 348 11.64 4.04 32.03
C LEU D 348 12.04 3.67 30.61
N LEU D 349 12.30 4.66 29.77
CA LEU D 349 12.76 4.38 28.41
C LEU D 349 14.11 3.67 28.40
N ALA D 350 14.94 3.93 29.40
CA ALA D 350 16.26 3.31 29.45
C ALA D 350 16.19 1.78 29.53
N TYR D 351 15.05 1.23 29.93
CA TYR D 351 14.89 -0.21 30.06
C TYR D 351 14.44 -0.89 28.76
N ARG D 352 14.27 -0.13 27.69
CA ARG D 352 14.04 -0.69 26.35
C ARG D 352 15.34 -0.87 25.59
N THR D 353 16.48 -0.72 26.25
CA THR D 353 17.76 -0.64 25.56
C THR D 353 18.08 -1.94 24.83
N GLU D 354 18.65 -1.80 23.64
CA GLU D 354 19.24 -2.93 22.94
C GLU D 354 20.68 -3.20 23.38
N ASP D 355 21.28 -2.29 24.15
CA ASP D 355 22.61 -2.50 24.68
C ASP D 355 22.60 -3.65 25.67
N HIS D 356 23.74 -4.34 25.77
CA HIS D 356 23.87 -5.46 26.69
C HIS D 356 24.35 -5.05 28.07
N LYS D 357 24.85 -3.83 28.24
CA LYS D 357 25.39 -3.39 29.52
C LYS D 357 24.58 -2.25 30.14
N THR D 358 24.43 -1.12 29.43
CA THR D 358 23.89 0.09 30.02
C THR D 358 22.73 0.61 29.18
N GLY D 359 21.62 0.93 29.84
CA GLY D 359 20.48 1.54 29.18
C GLY D 359 20.42 3.03 29.47
N VAL D 360 20.25 3.81 28.41
CA VAL D 360 20.14 5.25 28.50
C VAL D 360 18.83 5.67 27.85
N GLY D 361 18.08 6.55 28.52
CA GLY D 361 16.83 7.04 28.01
C GLY D 361 16.85 8.55 27.87
N ALA D 362 16.04 9.06 26.94
CA ALA D 362 15.96 10.48 26.68
C ALA D 362 14.53 10.87 26.33
N VAL D 363 14.05 11.95 26.93
CA VAL D 363 12.75 12.54 26.58
C VAL D 363 12.94 14.01 26.29
N ILE D 364 12.42 14.45 25.14
CA ILE D 364 12.39 15.86 24.77
C ILE D 364 10.98 16.37 24.96
N TRP D 365 10.84 17.40 25.79
CA TRP D 365 9.60 18.11 26.03
C TRP D 365 9.78 19.57 25.64
N ALA D 366 8.68 20.25 25.36
CA ALA D 366 8.72 21.67 25.06
C ALA D 366 7.59 22.39 25.79
N GLU D 367 7.86 23.63 26.18
CA GLU D 367 6.88 24.47 26.84
C GLU D 367 6.30 25.44 25.83
N GLY D 368 4.99 25.36 25.60
CA GLY D 368 4.33 26.30 24.73
C GLY D 368 4.19 27.67 25.35
N LYS D 369 3.92 28.65 24.49
CA LYS D 369 3.77 30.03 24.92
C LYS D 369 2.32 30.43 25.18
N SER D 370 1.37 29.51 24.99
CA SER D 370 -0.03 29.80 25.18
C SER D 370 -0.68 28.68 26.00
N ARG D 371 -1.92 28.91 26.40
CA ARG D 371 -2.66 27.92 27.17
C ARG D 371 -2.96 26.69 26.33
N SER D 372 -2.90 25.53 26.96
CA SER D 372 -3.15 24.27 26.30
C SER D 372 -4.24 23.49 27.03
N CYS D 373 -4.93 22.63 26.30
CA CYS D 373 -5.99 21.81 26.87
C CYS D 373 -5.47 20.64 27.68
N ASP D 374 -4.20 20.27 27.50
CA ASP D 374 -3.65 19.10 28.15
C ASP D 374 -3.53 19.29 29.65
N GLY D 375 -3.51 18.17 30.37
CA GLY D 375 -3.23 18.19 31.80
C GLY D 375 -1.78 18.41 32.14
N THR D 376 -0.90 18.41 31.14
CA THR D 376 0.50 18.73 31.33
C THR D 376 0.77 20.23 31.27
N GLY D 377 -0.27 21.05 31.08
CA GLY D 377 -0.08 22.48 30.97
C GLY D 377 0.41 22.88 29.59
N ALA D 378 1.21 23.94 29.56
CA ALA D 378 1.83 24.38 28.32
C ALA D 378 2.84 23.37 27.80
N MET D 379 3.35 22.50 28.67
CA MET D 379 4.36 21.53 28.26
C MET D 379 3.74 20.42 27.43
N TYR D 380 4.43 20.06 26.34
CA TYR D 380 3.97 18.99 25.47
C TYR D 380 5.15 18.12 25.07
N PHE D 381 4.85 16.84 24.85
CA PHE D 381 5.86 15.85 24.51
C PHE D 381 6.34 16.05 23.08
N VAL D 382 7.66 16.04 22.90
CA VAL D 382 8.28 16.24 21.60
C VAL D 382 8.87 14.94 21.06
N GLY D 383 9.66 14.25 21.86
CA GLY D 383 10.30 13.03 21.38
C GLY D 383 10.81 12.18 22.51
N CYS D 384 11.15 10.93 22.16
CA CYS D 384 11.68 10.00 23.13
C CYS D 384 12.62 9.04 22.43
N GLY D 385 13.54 8.47 23.19
CA GLY D 385 14.49 7.53 22.63
C GLY D 385 15.26 6.80 23.70
N TYR D 386 15.88 5.71 23.27
CA TYR D 386 16.81 4.95 24.10
C TYR D 386 17.96 4.52 23.21
N ASN D 387 19.06 4.08 23.83
CA ASN D 387 20.19 3.59 23.05
C ASN D 387 19.86 2.25 22.41
N ALA D 388 20.09 2.16 21.11
CA ALA D 388 19.74 0.96 20.34
C ALA D 388 20.52 0.98 19.05
N PHE D 389 20.56 -0.16 18.38
CA PHE D 389 21.17 -0.24 17.07
C PHE D 389 20.20 0.27 16.01
N PRO D 390 20.69 0.61 14.82
CA PRO D 390 19.80 1.18 13.80
C PRO D 390 18.60 0.28 13.52
N VAL D 391 17.45 0.93 13.32
CA VAL D 391 16.18 0.21 13.21
C VAL D 391 16.26 -0.80 12.06
N GLY D 392 15.81 -2.01 12.35
CA GLY D 392 15.89 -3.10 11.39
C GLY D 392 17.08 -4.01 11.54
N SER D 393 17.83 -3.89 12.63
CA SER D 393 19.02 -4.71 12.85
C SER D 393 18.65 -5.94 13.68
N GLU D 394 19.30 -7.05 13.37
CA GLU D 394 19.11 -8.28 14.11
C GLU D 394 19.98 -8.30 15.36
N TYR D 395 19.92 -9.39 16.11
CA TYR D 395 20.73 -9.52 17.32
C TYR D 395 22.22 -9.55 16.98
N ALA D 396 22.59 -10.27 15.91
CA ALA D 396 23.99 -10.42 15.52
C ALA D 396 24.37 -9.52 14.36
N ASP D 397 23.52 -8.56 13.98
CA ASP D 397 23.85 -7.67 12.87
C ASP D 397 25.05 -6.80 13.19
N PHE D 398 25.13 -6.29 14.41
CA PHE D 398 26.18 -5.36 14.78
C PHE D 398 26.91 -5.86 16.02
N PRO D 399 28.19 -5.50 16.18
CA PRO D 399 28.92 -5.93 17.38
C PRO D 399 28.32 -5.35 18.65
N HIS D 400 28.35 -6.12 19.72
CA HIS D 400 27.86 -5.72 21.02
C HIS D 400 28.96 -5.51 22.05
N MET D 401 30.21 -5.78 21.69
CA MET D 401 31.30 -5.71 22.66
C MET D 401 31.54 -4.28 23.12
N ASP D 402 31.95 -4.15 24.38
CA ASP D 402 32.31 -2.88 24.97
C ASP D 402 33.78 -2.57 24.65
N ASP D 403 34.35 -1.60 25.36
CA ASP D 403 35.74 -1.22 25.10
C ASP D 403 36.73 -2.32 25.43
N LYS D 404 36.28 -3.37 26.13
CA LYS D 404 37.17 -4.48 26.44
C LYS D 404 37.69 -5.17 25.18
N GLN D 405 36.91 -5.13 24.11
CA GLN D 405 37.33 -5.74 22.85
C GLN D 405 38.58 -5.05 22.31
N LYS D 406 39.59 -5.85 21.94
CA LYS D 406 40.84 -5.30 21.47
C LYS D 406 40.67 -4.57 20.15
N ASP D 407 39.92 -5.15 19.21
CA ASP D 407 39.73 -4.55 17.90
C ASP D 407 38.67 -3.45 17.99
N ARG D 408 39.07 -2.22 17.67
CA ARG D 408 38.13 -1.11 17.70
C ARG D 408 37.03 -1.25 16.65
N GLU D 409 37.28 -2.03 15.60
CA GLU D 409 36.27 -2.21 14.56
C GLU D 409 35.07 -2.99 15.08
N ILE D 410 35.31 -3.94 15.98
CA ILE D 410 34.24 -4.82 16.47
C ILE D 410 33.70 -4.29 17.79
N ARG D 411 33.92 -3.00 18.05
CA ARG D 411 33.33 -2.34 19.22
C ARG D 411 31.98 -1.74 18.84
N LYS D 412 31.03 -1.81 19.78
CA LYS D 412 29.66 -1.39 19.52
C LYS D 412 29.53 0.12 19.34
N PHE D 413 30.53 0.90 19.75
CA PHE D 413 30.36 2.33 19.91
C PHE D 413 30.11 3.04 18.58
N ARG D 414 30.66 2.51 17.48
CA ARG D 414 30.49 3.15 16.19
C ARG D 414 29.19 2.77 15.49
N TYR D 415 28.37 1.91 16.10
CA TYR D 415 27.12 1.49 15.50
C TYR D 415 25.90 1.67 16.40
N ILE D 416 26.09 2.04 17.65
CA ILE D 416 24.96 2.22 18.56
C ILE D 416 24.38 3.61 18.39
N ILE D 417 23.06 3.69 18.21
CA ILE D 417 22.37 4.97 18.18
C ILE D 417 22.06 5.39 19.60
N HIS D 418 22.45 6.61 19.95
CA HIS D 418 22.29 7.06 21.33
C HIS D 418 20.85 7.47 21.61
N ALA D 419 20.54 7.60 22.90
CA ALA D 419 19.18 7.91 23.32
C ALA D 419 18.73 9.27 22.82
N ALA D 420 19.61 10.28 22.91
CA ALA D 420 19.26 11.61 22.41
C ALA D 420 19.12 11.60 20.89
N GLN D 421 19.98 10.85 20.20
CA GLN D 421 19.89 10.75 18.75
C GLN D 421 18.56 10.12 18.33
N ASN D 422 18.13 9.09 19.05
CA ASN D 422 16.84 8.47 18.75
C ASN D 422 15.68 9.39 19.11
N ALA D 423 15.81 10.16 20.19
CA ALA D 423 14.76 11.10 20.56
C ALA D 423 14.60 12.18 19.51
N LEU D 424 15.71 12.68 18.95
CA LEU D 424 15.65 13.67 17.90
C LEU D 424 15.21 13.09 16.57
N THR D 425 15.56 11.83 16.29
CA THR D 425 15.19 11.23 15.02
C THR D 425 13.69 11.01 14.91
N PHE D 426 13.08 10.43 15.94
CA PHE D 426 11.67 10.07 15.91
C PHE D 426 10.80 11.04 16.70
N ARG D 427 11.17 12.31 16.70
CA ARG D 427 10.34 13.33 17.34
C ARG D 427 9.02 13.47 16.60
N CYS D 428 7.94 13.65 17.35
CA CYS D 428 6.63 13.87 16.78
C CYS D 428 6.31 15.35 16.59
N GLN D 429 7.16 16.24 17.11
CA GLN D 429 6.95 17.67 17.01
C GLN D 429 8.24 18.34 16.54
N GLU D 430 8.10 19.53 15.99
CA GLU D 430 9.25 20.33 15.61
C GLU D 430 9.71 21.19 16.78
N ILE D 431 11.02 21.34 16.90
CA ILE D 431 11.56 22.20 17.95
C ILE D 431 11.34 23.65 17.56
N LYS D 432 10.58 24.38 18.36
CA LYS D 432 10.27 25.77 18.07
C LYS D 432 11.35 26.67 18.65
N PRO D 433 12.01 27.50 17.83
CA PRO D 433 13.07 28.36 18.38
C PRO D 433 12.60 29.30 19.48
N GLU D 434 11.37 29.79 19.39
CA GLU D 434 10.87 30.72 20.42
C GLU D 434 10.54 29.99 21.72
N GLU D 435 10.08 28.74 21.63
CA GLU D 435 9.68 27.99 22.80
C GLU D 435 10.88 27.47 23.56
N ARG D 436 10.73 27.34 24.87
CA ARG D 436 11.70 26.62 25.69
C ARG D 436 11.57 25.13 25.42
N SER D 437 12.69 24.48 25.19
CA SER D 437 12.72 23.04 24.94
C SER D 437 13.75 22.40 25.85
N MET D 438 13.39 21.25 26.41
CA MET D 438 14.21 20.55 27.38
C MET D 438 14.38 19.11 26.94
N ILE D 439 15.59 18.58 27.11
CA ILE D 439 15.86 17.16 26.91
C ILE D 439 16.37 16.59 28.23
N PHE D 440 15.73 15.52 28.69
CA PHE D 440 16.08 14.83 29.92
C PHE D 440 16.74 13.52 29.53
N VAL D 441 18.00 13.35 29.92
CA VAL D 441 18.79 12.17 29.57
C VAL D 441 19.34 11.56 30.86
N THR D 442 19.23 10.23 30.97
CA THR D 442 19.62 9.55 32.20
C THR D 442 21.13 9.53 32.40
N LYS D 443 21.90 9.71 31.34
CA LYS D 443 23.35 9.75 31.42
C LYS D 443 23.83 11.11 30.92
N CYS D 444 25.09 11.43 31.20
CA CYS D 444 25.67 12.63 30.65
C CYS D 444 25.74 12.52 29.13
N PRO D 445 25.27 13.52 28.39
CA PRO D 445 25.38 13.46 26.92
C PRO D 445 26.83 13.39 26.47
N CYS D 446 27.06 12.63 25.41
CA CYS D 446 28.42 12.42 24.92
C CYS D 446 28.82 13.52 23.94
N ASP D 447 30.04 13.40 23.41
CA ASP D 447 30.57 14.42 22.53
C ASP D 447 29.96 14.40 21.15
N GLU D 448 29.22 13.35 20.80
CA GLU D 448 28.48 13.33 19.55
C GLU D 448 27.00 13.64 19.74
N CYS D 449 26.51 13.62 20.98
CA CYS D 449 25.13 13.99 21.27
C CYS D 449 24.96 15.47 21.56
N VAL D 450 25.93 16.08 22.26
CA VAL D 450 25.82 17.49 22.60
C VAL D 450 25.73 18.38 21.37
N PRO D 451 26.58 18.22 20.34
CA PRO D 451 26.39 19.04 19.13
C PRO D 451 25.03 18.83 18.47
N LEU D 452 24.49 17.61 18.48
CA LEU D 452 23.18 17.37 17.89
C LEU D 452 22.10 18.07 18.69
N ILE D 453 22.18 18.01 20.02
CA ILE D 453 21.19 18.68 20.86
C ILE D 453 21.26 20.20 20.64
N LYS D 454 22.46 20.74 20.58
CA LYS D 454 22.63 22.18 20.36
C LYS D 454 22.11 22.59 18.98
N GLY D 455 22.43 21.81 17.95
CA GLY D 455 21.96 22.14 16.61
C GLY D 455 20.46 22.03 16.46
N ALA D 456 19.85 21.07 17.17
CA ALA D 456 18.40 20.94 17.13
C ALA D 456 17.69 22.13 17.75
N GLY D 457 18.42 22.97 18.48
CA GLY D 457 17.82 24.12 19.13
C GLY D 457 17.24 23.84 20.50
N ILE D 458 17.60 22.72 21.13
CA ILE D 458 17.09 22.41 22.46
C ILE D 458 17.74 23.35 23.46
N LYS D 459 16.90 24.05 24.24
CA LYS D 459 17.38 25.10 25.12
C LYS D 459 18.04 24.56 26.39
N GLN D 460 17.54 23.45 26.93
CA GLN D 460 17.99 22.96 28.22
C GLN D 460 18.23 21.46 28.17
N ILE D 461 19.26 21.03 28.89
CA ILE D 461 19.58 19.63 29.08
C ILE D 461 19.56 19.32 30.57
N TYR D 462 18.67 18.42 30.97
CA TYR D 462 18.64 17.89 32.32
C TYR D 462 19.28 16.50 32.29
N ALA D 463 20.29 16.30 33.12
CA ALA D 463 21.09 15.09 33.01
C ALA D 463 21.80 14.79 34.32
N GLY D 464 22.29 13.55 34.42
CA GLY D 464 23.27 13.23 35.43
C GLY D 464 24.68 13.51 34.95
N ASP D 465 25.59 13.69 35.90
CA ASP D 465 26.97 14.04 35.59
C ASP D 465 27.94 13.08 36.26
N VAL D 466 27.60 11.79 36.30
CA VAL D 466 28.54 10.79 36.78
C VAL D 466 29.70 10.64 35.80
N ASP D 467 29.42 10.67 34.51
CA ASP D 467 30.44 10.45 33.48
C ASP D 467 30.99 11.75 32.90
N VAL D 468 30.61 12.91 33.45
CA VAL D 468 31.08 14.18 32.89
C VAL D 468 32.58 14.28 33.05
N GLY D 469 33.25 14.78 32.00
CA GLY D 469 34.69 14.90 31.99
C GLY D 469 35.44 13.63 31.68
N LYS D 470 34.76 12.51 31.50
CA LYS D 470 35.43 11.26 31.19
C LYS D 470 35.75 11.18 29.70
N LYS D 471 36.97 10.74 29.39
CA LYS D 471 37.43 10.59 28.01
C LYS D 471 37.87 9.15 27.82
N LYS D 472 37.03 8.36 27.16
CA LYS D 472 37.38 7.00 26.79
C LYS D 472 37.84 6.96 25.33
N ALA D 473 38.24 5.77 24.89
CA ALA D 473 38.78 5.62 23.54
C ALA D 473 37.73 5.94 22.48
N ASP D 474 36.50 5.50 22.70
CA ASP D 474 35.46 5.65 21.68
C ASP D 474 34.40 6.69 22.04
N ILE D 475 34.16 6.94 23.32
CA ILE D 475 33.12 7.87 23.76
C ILE D 475 33.72 8.83 24.77
N SER D 476 33.43 10.12 24.60
CA SER D 476 33.97 11.16 25.48
C SER D 476 32.83 12.05 25.99
N TYR D 477 33.14 12.81 27.04
CA TYR D 477 32.16 13.67 27.69
C TYR D 477 32.71 15.08 27.93
N MET D 478 33.75 15.48 27.20
CA MET D 478 34.35 16.79 27.42
C MET D 478 33.47 17.92 26.89
N ARG D 479 32.55 17.63 25.97
CA ARG D 479 31.77 18.70 25.33
C ARG D 479 30.68 19.23 26.24
N PHE D 480 30.13 18.40 27.13
CA PHE D 480 29.03 18.84 27.98
C PHE D 480 29.47 19.93 28.94
N GLY D 481 30.67 19.80 29.52
CA GLY D 481 31.12 20.77 30.50
C GLY D 481 31.30 22.16 29.91
N GLU D 482 31.84 22.25 28.70
CA GLU D 482 32.11 23.53 28.05
C GLU D 482 30.97 23.99 27.14
N LEU D 483 29.83 23.32 27.19
CA LEU D 483 28.72 23.65 26.31
C LEU D 483 28.21 25.06 26.57
N GLU D 484 28.00 25.82 25.49
CA GLU D 484 27.52 27.19 25.55
C GLU D 484 26.22 27.31 24.78
N GLY D 485 25.36 28.23 25.22
CA GLY D 485 24.10 28.48 24.58
C GLY D 485 22.98 27.53 24.96
N VAL D 486 23.27 26.53 25.78
CA VAL D 486 22.28 25.57 26.25
C VAL D 486 22.38 25.50 27.76
N SER D 487 21.28 25.78 28.46
CA SER D 487 21.26 25.64 29.90
C SER D 487 21.44 24.18 30.28
N LYS D 488 22.21 23.93 31.33
CA LYS D 488 22.49 22.58 31.80
C LYS D 488 22.08 22.45 33.26
N PHE D 489 21.19 21.49 33.54
CA PHE D 489 20.71 21.24 34.88
C PHE D 489 21.05 19.80 35.25
N THR D 490 21.76 19.64 36.35
CA THR D 490 22.22 18.34 36.80
C THR D 490 21.69 18.05 38.20
N TRP D 491 21.63 16.76 38.52
CA TRP D 491 21.21 16.31 39.84
C TRP D 491 22.25 16.71 40.88
N GLN D 492 21.81 17.44 41.90
CA GLN D 492 22.70 17.96 42.93
C GLN D 492 21.85 18.57 44.03
N LEU D 493 22.50 18.83 45.17
CA LEU D 493 21.85 19.61 46.22
C LEU D 493 21.59 21.02 45.73
N ASN D 494 20.51 21.62 46.24
CA ASN D 494 20.15 22.97 45.84
C ASN D 494 21.25 23.93 46.28
N PRO D 495 21.92 24.62 45.35
CA PRO D 495 22.99 25.55 45.74
C PRO D 495 22.49 26.72 46.57
N SER D 496 21.21 27.07 46.46
CA SER D 496 20.66 28.20 47.20
C SER D 496 19.50 27.76 48.08
N ILE E 50 -35.30 10.47 7.33
CA ILE E 50 -35.07 11.72 6.63
C ILE E 50 -34.10 11.50 5.46
N PRO E 51 -34.31 12.22 4.36
CA PRO E 51 -33.41 12.09 3.21
C PRO E 51 -32.05 12.69 3.52
N ARG E 52 -31.03 12.16 2.86
CA ARG E 52 -29.65 12.55 3.11
C ARG E 52 -29.01 13.08 1.84
N LEU E 53 -28.29 14.18 1.97
CA LEU E 53 -27.52 14.72 0.85
C LEU E 53 -26.32 13.81 0.57
N SER E 54 -26.05 13.59 -0.72
CA SER E 54 -24.90 12.81 -1.09
C SER E 54 -23.62 13.62 -0.92
N LYS E 55 -22.50 12.93 -0.80
CA LYS E 55 -21.21 13.60 -0.64
C LYS E 55 -20.90 14.49 -1.84
N VAL E 56 -21.11 13.95 -3.05
CA VAL E 56 -20.75 14.69 -4.26
C VAL E 56 -21.66 15.90 -4.44
N ASN E 57 -22.94 15.77 -4.09
CA ASN E 57 -23.83 16.91 -4.17
C ASN E 57 -23.53 17.94 -3.09
N LEU E 58 -23.13 17.49 -1.90
CA LEU E 58 -22.64 18.41 -0.88
C LEU E 58 -21.45 19.21 -1.41
N PHE E 59 -20.49 18.54 -2.04
CA PHE E 59 -19.30 19.24 -2.52
C PHE E 59 -19.64 20.19 -3.66
N THR E 60 -20.54 19.79 -4.56
CA THR E 60 -20.97 20.68 -5.63
C THR E 60 -21.67 21.91 -5.07
N LEU E 61 -22.59 21.72 -4.13
CA LEU E 61 -23.29 22.85 -3.52
C LEU E 61 -22.31 23.76 -2.78
N LEU E 62 -21.32 23.17 -2.10
CA LEU E 62 -20.36 23.97 -1.36
C LEU E 62 -19.46 24.75 -2.30
N SER E 63 -19.10 24.18 -3.45
CA SER E 63 -18.30 24.95 -4.40
C SER E 63 -19.10 26.11 -4.99
N LEU E 64 -20.36 25.86 -5.33
CA LEU E 64 -21.22 26.95 -5.81
C LEU E 64 -21.41 28.02 -4.75
N TRP E 65 -21.54 27.62 -3.48
CA TRP E 65 -21.69 28.59 -2.40
C TRP E 65 -20.39 29.34 -2.15
N MET E 66 -19.25 28.66 -2.30
CA MET E 66 -17.95 29.31 -2.14
C MET E 66 -17.73 30.35 -3.23
N GLU E 67 -18.28 30.12 -4.42
CA GLU E 67 -18.26 31.17 -5.44
C GLU E 67 -18.94 32.44 -4.96
N LEU E 68 -19.88 32.33 -4.02
CA LEU E 68 -20.62 33.48 -3.50
C LEU E 68 -20.02 34.03 -2.20
N PHE E 69 -18.80 33.64 -1.86
CA PHE E 69 -18.19 34.12 -0.62
C PHE E 69 -18.05 35.64 -0.66
N PRO E 70 -18.38 36.33 0.42
CA PRO E 70 -18.32 37.81 0.41
C PRO E 70 -16.91 38.32 0.17
N ALA E 71 -16.74 39.04 -0.94
CA ALA E 71 -15.43 39.58 -1.30
C ALA E 71 -15.06 40.78 -0.44
N VAL E 105 -13.38 36.61 -17.46
CA VAL E 105 -13.12 35.62 -16.42
C VAL E 105 -14.11 35.80 -15.28
N LYS E 106 -14.71 34.68 -14.86
CA LYS E 106 -15.75 34.69 -13.85
C LYS E 106 -15.24 34.09 -12.53
N ARG E 107 -15.85 34.52 -11.44
CA ARG E 107 -15.49 34.02 -10.12
C ARG E 107 -15.80 32.53 -10.01
N THR E 108 -14.90 31.79 -9.39
CA THR E 108 -15.05 30.36 -9.23
C THR E 108 -14.87 29.98 -7.77
N GLY E 109 -15.77 29.14 -7.27
CA GLY E 109 -15.62 28.51 -5.98
C GLY E 109 -15.03 27.13 -6.14
N LEU E 110 -14.36 26.64 -5.10
CA LEU E 110 -13.62 25.39 -5.20
C LEU E 110 -13.63 24.68 -3.86
N VAL E 111 -13.93 23.38 -3.89
CA VAL E 111 -13.87 22.51 -2.73
C VAL E 111 -12.79 21.47 -2.97
N VAL E 112 -11.83 21.39 -2.05
CA VAL E 112 -10.76 20.40 -2.11
C VAL E 112 -11.06 19.34 -1.07
N VAL E 113 -11.19 18.09 -1.54
CA VAL E 113 -11.60 16.97 -0.72
C VAL E 113 -10.50 15.91 -0.79
N LYS E 114 -10.11 15.36 0.36
CA LYS E 114 -9.19 14.24 0.41
C LYS E 114 -9.77 13.18 1.32
N ASN E 115 -9.85 11.95 0.82
CA ASN E 115 -10.44 10.82 1.56
C ASN E 115 -11.86 11.16 2.02
N MET E 116 -12.65 11.74 1.11
CA MET E 116 -14.03 12.15 1.36
C MET E 116 -14.14 13.16 2.49
N LYS E 117 -13.06 13.86 2.81
CA LYS E 117 -13.06 14.91 3.81
C LYS E 117 -12.65 16.23 3.16
N ILE E 118 -13.38 17.29 3.48
CA ILE E 118 -13.07 18.61 2.94
C ILE E 118 -11.77 19.10 3.55
N VAL E 119 -10.78 19.36 2.72
CA VAL E 119 -9.51 19.91 3.16
C VAL E 119 -9.28 21.32 2.64
N GLY E 120 -10.19 21.85 1.84
CA GLY E 120 -10.04 23.24 1.42
C GLY E 120 -11.29 23.87 0.85
N LEU E 121 -11.55 25.14 1.20
CA LEU E 121 -12.65 25.90 0.63
C LEU E 121 -12.08 27.21 0.10
N HIS E 122 -12.13 27.39 -1.22
CA HIS E 122 -11.46 28.51 -1.87
C HIS E 122 -12.41 29.25 -2.79
N CYS E 123 -12.13 30.52 -3.00
CA CYS E 123 -12.83 31.34 -3.96
C CYS E 123 -11.81 32.10 -4.80
N SER E 124 -12.16 32.36 -6.05
CA SER E 124 -11.31 33.18 -6.89
C SER E 124 -11.22 34.59 -6.33
N SER E 125 -10.05 35.19 -6.46
CA SER E 125 -9.81 36.56 -6.05
C SER E 125 -9.73 37.45 -7.29
N GLU E 126 -9.41 38.73 -7.06
CA GLU E 126 -9.21 39.64 -8.18
C GLU E 126 -7.97 39.26 -8.98
N ASP E 127 -6.95 38.70 -8.32
CA ASP E 127 -5.70 38.37 -8.97
C ASP E 127 -5.66 36.94 -9.49
N LEU E 128 -6.00 35.97 -8.65
CA LEU E 128 -5.77 34.57 -8.94
C LEU E 128 -7.09 33.80 -9.01
N HIS E 129 -7.10 32.77 -9.86
CA HIS E 129 -8.24 31.87 -9.97
C HIS E 129 -8.27 30.89 -8.80
N ALA E 130 -9.39 30.20 -8.67
CA ALA E 130 -9.56 29.24 -7.58
C ALA E 130 -8.54 28.10 -7.68
N GLY E 131 -8.27 27.63 -8.90
CA GLY E 131 -7.30 26.56 -9.06
C GLY E 131 -5.88 26.99 -8.73
N GLN E 132 -5.50 28.20 -9.16
CA GLN E 132 -4.18 28.73 -8.81
C GLN E 132 -4.05 28.92 -7.31
N ILE E 133 -5.12 29.40 -6.67
CA ILE E 133 -5.11 29.58 -5.22
C ILE E 133 -4.98 28.23 -4.52
N ALA E 134 -5.70 27.21 -5.01
CA ALA E 134 -5.57 25.88 -4.44
C ALA E 134 -4.16 25.34 -4.60
N LEU E 135 -3.54 25.57 -5.76
CA LEU E 135 -2.16 25.16 -5.94
C LEU E 135 -1.24 25.85 -4.93
N ILE E 136 -1.37 27.17 -4.80
CA ILE E 136 -0.53 27.91 -3.85
C ILE E 136 -0.75 27.38 -2.42
N LYS E 137 -2.00 27.13 -2.05
CA LYS E 137 -2.32 26.76 -0.67
C LYS E 137 -1.93 25.33 -0.33
N HIS E 138 -1.96 24.41 -1.30
CA HIS E 138 -1.74 23.00 -1.01
C HIS E 138 -0.46 22.42 -1.58
N GLY E 139 -0.13 22.72 -2.84
CA GLY E 139 1.08 22.14 -3.42
C GLY E 139 0.91 20.67 -3.71
N SER E 140 1.91 19.88 -3.29
CA SER E 140 1.87 18.44 -3.51
C SER E 140 0.76 17.76 -2.72
N ARG E 141 0.20 18.43 -1.71
CA ARG E 141 -0.89 17.87 -0.94
C ARG E 141 -2.16 17.68 -1.77
N LEU E 142 -2.23 18.27 -2.96
CA LEU E 142 -3.33 18.03 -3.88
C LEU E 142 -3.29 16.64 -4.50
N LYS E 143 -2.25 15.86 -4.23
CA LYS E 143 -2.15 14.52 -4.78
C LYS E 143 -3.34 13.66 -4.34
N ASN E 144 -3.96 12.98 -5.30
CA ASN E 144 -5.11 12.11 -5.08
C ASN E 144 -6.31 12.84 -4.51
N CYS E 145 -6.37 14.16 -4.68
CA CYS E 145 -7.48 14.95 -4.16
C CYS E 145 -8.57 15.10 -5.21
N ASP E 146 -9.80 15.28 -4.74
CA ASP E 146 -10.93 15.58 -5.59
C ASP E 146 -11.23 17.07 -5.49
N LEU E 147 -11.27 17.75 -6.63
CA LEU E 147 -11.51 19.18 -6.68
C LEU E 147 -12.86 19.44 -7.35
N TYR E 148 -13.73 20.13 -6.63
CA TYR E 148 -15.07 20.47 -7.10
C TYR E 148 -15.09 21.96 -7.40
N PHE E 149 -15.19 22.29 -8.69
CA PHE E 149 -15.18 23.66 -9.16
C PHE E 149 -16.59 24.12 -9.47
N SER E 150 -16.89 25.38 -9.16
CA SER E 150 -18.17 25.95 -9.56
C SER E 150 -18.22 26.28 -11.05
N ARG E 151 -17.06 26.45 -11.68
CA ARG E 151 -16.96 26.61 -13.13
C ARG E 151 -15.80 25.76 -13.62
N LYS E 152 -15.86 25.36 -14.89
CA LYS E 152 -14.79 24.56 -15.44
C LYS E 152 -13.49 25.37 -15.45
N PRO E 153 -12.42 24.87 -14.84
CA PRO E 153 -11.19 25.66 -14.76
C PRO E 153 -10.55 25.85 -16.14
N CYS E 154 -9.80 26.94 -16.26
CA CYS E 154 -9.09 27.25 -17.49
C CYS E 154 -7.92 26.27 -17.67
N SER E 155 -7.31 26.35 -18.86
CA SER E 155 -6.18 25.46 -19.16
C SER E 155 -5.00 25.73 -18.24
N ALA E 156 -4.77 27.00 -17.91
CA ALA E 156 -3.68 27.33 -16.99
C ALA E 156 -3.92 26.71 -15.62
N CYS E 157 -5.16 26.78 -15.13
CA CYS E 157 -5.48 26.16 -13.85
C CYS E 157 -5.44 24.63 -13.96
N LEU E 158 -5.99 24.08 -15.03
CA LEU E 158 -6.11 22.62 -15.14
C LEU E 158 -4.73 21.97 -15.26
N LYS E 159 -3.82 22.56 -16.03
CA LYS E 159 -2.51 21.96 -16.20
C LYS E 159 -1.76 21.92 -14.87
N MET E 160 -1.84 22.99 -14.09
CA MET E 160 -1.20 23.00 -12.77
C MET E 160 -1.86 22.02 -11.82
N ILE E 161 -3.19 21.92 -11.87
CA ILE E 161 -3.92 21.02 -10.99
C ILE E 161 -3.57 19.57 -11.29
N VAL E 162 -3.48 19.20 -12.58
CA VAL E 162 -3.12 17.82 -12.91
C VAL E 162 -1.64 17.58 -12.70
N ASN E 163 -0.80 18.61 -12.79
CA ASN E 163 0.59 18.47 -12.43
C ASN E 163 0.75 18.18 -10.95
N ALA E 164 -0.09 18.80 -10.11
CA ALA E 164 -0.08 18.53 -8.68
C ALA E 164 -0.53 17.12 -8.33
N GLY E 165 -1.19 16.41 -9.25
CA GLY E 165 -1.51 15.02 -9.04
C GLY E 165 -2.88 14.73 -8.48
N VAL E 166 -3.87 15.57 -8.77
CA VAL E 166 -5.22 15.33 -8.24
C VAL E 166 -5.83 14.11 -8.92
N ASN E 167 -6.89 13.59 -8.30
CA ASN E 167 -7.58 12.42 -8.80
C ASN E 167 -8.75 12.79 -9.70
N ARG E 168 -9.69 13.58 -9.18
CA ARG E 168 -10.89 13.96 -9.91
C ARG E 168 -11.04 15.48 -9.92
N ILE E 169 -11.55 16.00 -11.03
CA ILE E 169 -11.94 17.40 -11.15
C ILE E 169 -13.40 17.40 -11.59
N SER E 170 -14.30 17.49 -10.62
CA SER E 170 -15.71 17.68 -10.91
C SER E 170 -15.98 19.17 -11.10
N TYR E 171 -16.82 19.50 -12.08
CA TYR E 171 -17.16 20.90 -12.29
C TYR E 171 -18.65 21.05 -12.57
N TRP E 172 -19.15 22.23 -12.23
CA TRP E 172 -20.53 22.60 -12.51
C TRP E 172 -20.64 23.03 -13.97
N PRO E 173 -21.48 22.38 -14.79
CA PRO E 173 -21.48 22.60 -16.25
C PRO E 173 -22.26 23.83 -16.71
N ALA E 174 -22.05 24.94 -16.03
CA ALA E 174 -22.52 26.25 -16.47
C ALA E 174 -21.41 26.92 -17.27
N ASP E 175 -21.52 28.23 -17.47
CA ASP E 175 -20.45 28.99 -18.12
C ASP E 175 -19.12 28.74 -17.40
N PRO E 176 -18.07 28.34 -18.11
CA PRO E 176 -16.80 28.00 -17.44
C PRO E 176 -16.05 29.21 -16.92
N GLU E 177 -14.84 28.98 -16.41
CA GLU E 177 -14.05 30.06 -15.82
C GLU E 177 -13.75 31.14 -16.85
N ILE E 178 -13.25 30.75 -18.03
CA ILE E 178 -13.12 31.67 -19.15
C ILE E 178 -14.49 31.74 -19.82
N SER E 179 -15.20 32.84 -19.63
CA SER E 179 -16.60 32.92 -20.01
C SER E 179 -16.79 32.74 -21.51
N LEU E 180 -17.73 31.88 -21.89
CA LEU E 180 -18.11 31.66 -23.27
C LEU E 180 -19.27 32.54 -23.70
N LEU E 181 -19.81 33.35 -22.80
CA LEU E 181 -20.92 34.24 -23.10
C LEU E 181 -20.47 35.65 -23.44
N THR E 182 -19.17 35.90 -23.48
CA THR E 182 -18.66 37.23 -23.78
C THR E 182 -18.85 37.57 -25.25
N SER E 187 -14.40 35.66 -27.70
CA SER E 187 -14.99 34.33 -27.77
C SER E 187 -14.00 33.32 -28.36
N GLU E 188 -13.14 33.79 -29.26
CA GLU E 188 -12.13 32.92 -29.85
C GLU E 188 -11.12 32.45 -28.81
N ASP E 189 -10.69 33.36 -27.94
CA ASP E 189 -9.77 32.98 -26.87
C ASP E 189 -10.41 32.00 -25.90
N ALA E 190 -11.68 32.23 -25.56
CA ALA E 190 -12.39 31.32 -24.66
C ALA E 190 -12.55 29.94 -25.29
N LYS E 191 -12.89 29.89 -26.58
CA LYS E 191 -13.00 28.61 -27.27
C LYS E 191 -11.66 27.89 -27.34
N LEU E 192 -10.59 28.63 -27.61
CA LEU E 192 -9.26 28.02 -27.64
C LEU E 192 -8.88 27.48 -26.27
N ASP E 193 -9.22 28.22 -25.21
CA ASP E 193 -8.97 27.73 -23.86
C ASP E 193 -9.76 26.47 -23.57
N ALA E 194 -11.01 26.40 -24.02
CA ALA E 194 -11.81 25.20 -23.83
C ALA E 194 -11.22 24.01 -24.57
N LYS E 195 -10.74 24.23 -25.80
CA LYS E 195 -10.08 23.15 -26.54
C LYS E 195 -8.81 22.70 -25.84
N ALA E 196 -8.04 23.64 -25.30
CA ALA E 196 -6.84 23.28 -24.55
C ALA E 196 -7.19 22.48 -23.30
N VAL E 197 -8.28 22.84 -22.62
CA VAL E 197 -8.74 22.09 -21.47
C VAL E 197 -9.10 20.67 -21.87
N GLU E 198 -9.80 20.53 -23.00
CA GLU E 198 -10.15 19.20 -23.48
C GLU E 198 -8.91 18.37 -23.79
N ARG E 199 -7.92 18.97 -24.43
CA ARG E 199 -6.69 18.25 -24.75
C ARG E 199 -5.94 17.85 -23.48
N LEU E 200 -5.91 18.74 -22.48
CA LEU E 200 -5.30 18.40 -21.20
C LEU E 200 -6.03 17.23 -20.54
N LYS E 201 -7.36 17.26 -20.58
CA LYS E 201 -8.15 16.18 -20.00
C LYS E 201 -7.89 14.86 -20.71
N SER E 202 -7.79 14.88 -22.03
CA SER E 202 -7.61 13.65 -22.79
C SER E 202 -6.27 12.98 -22.56
N ASN E 203 -5.25 13.73 -22.13
CA ASN E 203 -3.90 13.21 -22.00
C ASN E 203 -3.40 13.23 -20.56
N SER E 204 -4.31 13.14 -19.60
CA SER E 204 -3.95 13.13 -18.20
C SER E 204 -4.71 12.02 -17.48
N ARG E 205 -4.08 11.44 -16.46
CA ARG E 205 -4.74 10.43 -15.64
C ARG E 205 -5.80 11.03 -14.73
N ALA E 206 -5.80 12.35 -14.55
CA ALA E 206 -6.87 13.00 -13.79
C ALA E 206 -8.18 12.92 -14.55
N HIS E 207 -9.25 12.67 -13.81
CA HIS E 207 -10.59 12.48 -14.37
C HIS E 207 -11.36 13.79 -14.25
N VAL E 208 -11.48 14.51 -15.36
CA VAL E 208 -12.28 15.74 -15.41
C VAL E 208 -13.71 15.35 -15.81
N CYS E 209 -14.68 15.74 -15.00
CA CYS E 209 -16.03 15.22 -15.17
C CYS E 209 -17.04 16.17 -14.54
N VAL E 210 -18.31 15.88 -14.77
CA VAL E 210 -19.44 16.51 -14.11
C VAL E 210 -20.08 15.44 -13.24
N LEU E 211 -20.01 15.62 -11.92
CA LEU E 211 -20.43 14.59 -10.99
C LEU E 211 -21.71 14.92 -10.24
N LEU E 212 -22.40 16.00 -10.57
CA LEU E 212 -23.64 16.32 -9.88
C LEU E 212 -24.68 15.23 -10.15
N GLN E 213 -25.39 14.84 -9.10
CA GLN E 213 -26.38 13.78 -9.17
C GLN E 213 -27.77 14.33 -8.94
N PRO E 214 -28.80 13.68 -9.48
CA PRO E 214 -30.17 14.05 -9.12
C PRO E 214 -30.43 13.77 -7.64
N LEU E 215 -31.25 14.64 -7.05
CA LEU E 215 -31.70 14.45 -5.68
C LEU E 215 -32.91 13.53 -5.66
N VAL E 216 -33.20 13.00 -4.46
CA VAL E 216 -34.43 12.24 -4.32
C VAL E 216 -35.62 13.19 -4.51
N CYS E 217 -36.79 12.61 -4.78
CA CYS E 217 -37.94 13.40 -5.18
C CYS E 217 -38.39 14.36 -4.08
N TYR E 218 -38.07 14.07 -2.82
CA TYR E 218 -38.53 14.86 -1.69
C TYR E 218 -37.38 15.49 -0.91
N MET E 219 -36.18 15.54 -1.48
CA MET E 219 -35.06 16.19 -0.80
C MET E 219 -35.28 17.69 -0.67
N VAL E 220 -35.78 18.32 -1.75
CA VAL E 220 -35.98 19.76 -1.72
C VAL E 220 -37.11 20.12 -0.75
N GLN E 221 -38.18 19.33 -0.73
CA GLN E 221 -39.27 19.59 0.20
C GLN E 221 -38.81 19.43 1.65
N PHE E 222 -38.01 18.40 1.93
CA PHE E 222 -37.49 18.21 3.28
C PHE E 222 -36.54 19.33 3.66
N VAL E 223 -35.71 19.78 2.72
CA VAL E 223 -34.80 20.89 3.00
C VAL E 223 -35.58 22.15 3.31
N GLU E 224 -36.65 22.41 2.55
CA GLU E 224 -37.50 23.56 2.85
C GLU E 224 -38.15 23.44 4.22
N GLU E 225 -38.65 22.25 4.56
CA GLU E 225 -39.29 22.05 5.86
C GLU E 225 -38.32 22.30 6.99
N THR E 226 -37.10 21.77 6.89
CA THR E 226 -36.12 21.95 7.95
C THR E 226 -35.56 23.37 7.97
N SER E 227 -35.54 24.04 6.82
CA SER E 227 -35.05 25.42 6.78
C SER E 227 -36.04 26.37 7.41
N TYR E 228 -37.34 26.11 7.25
CA TYR E 228 -38.32 26.91 7.97
C TYR E 228 -38.28 26.66 9.48
N LYS E 229 -37.86 25.47 9.90
CA LYS E 229 -37.84 25.10 11.31
C LYS E 229 -36.47 25.23 11.95
N CYS E 230 -35.51 25.86 11.27
CA CYS E 230 -34.17 26.01 11.80
C CYS E 230 -34.12 27.14 12.84
N ASP E 231 -33.00 27.18 13.57
CA ASP E 231 -32.84 28.15 14.64
C ASP E 231 -32.97 29.59 14.15
N PHE E 232 -32.35 29.89 13.01
CA PHE E 232 -32.24 31.26 12.52
C PHE E 232 -33.52 31.78 11.90
N ILE E 233 -34.43 30.89 11.49
CA ILE E 233 -35.73 31.34 11.00
C ILE E 233 -36.72 31.44 12.15
N GLN E 234 -36.70 30.47 13.07
CA GLN E 234 -37.58 30.53 14.23
C GLN E 234 -37.26 31.72 15.13
N LYS E 235 -35.97 32.05 15.26
CA LYS E 235 -35.59 33.21 16.08
C LYS E 235 -36.15 34.50 15.50
N ILE E 236 -36.13 34.63 14.17
CA ILE E 236 -36.74 35.80 13.54
C ILE E 236 -38.26 35.76 13.70
N THR E 237 -38.86 34.58 13.55
CA THR E 237 -40.31 34.45 13.63
C THR E 237 -40.83 34.87 14.99
N LYS E 238 -40.15 34.45 16.06
CA LYS E 238 -40.58 34.84 17.40
C LYS E 238 -40.48 36.36 17.59
N THR E 239 -39.42 36.97 17.09
CA THR E 239 -39.25 38.42 17.19
C THR E 239 -40.07 39.14 16.14
N PHE E 247 -42.23 35.79 5.37
CA PHE E 247 -41.00 36.55 5.16
C PHE E 247 -39.90 35.64 4.62
N TYR E 248 -39.86 34.40 5.11
CA TYR E 248 -38.82 33.47 4.69
C TYR E 248 -38.99 33.07 3.23
N TYR E 249 -40.24 32.92 2.78
CA TYR E 249 -40.49 32.51 1.40
C TYR E 249 -40.18 33.63 0.42
N GLU E 250 -40.37 34.89 0.81
CA GLU E 250 -39.98 35.99 -0.05
C GLU E 250 -38.46 36.02 -0.27
N CYS E 251 -37.70 35.85 0.81
CA CYS E 251 -36.25 35.75 0.69
C CYS E 251 -35.86 34.52 -0.13
N LYS E 252 -36.59 33.41 0.05
CA LYS E 252 -36.32 32.22 -0.73
C LYS E 252 -36.51 32.47 -2.22
N GLN E 253 -37.60 33.15 -2.59
CA GLN E 253 -37.84 33.46 -3.99
C GLN E 253 -36.78 34.39 -4.56
N GLU E 254 -36.37 35.39 -3.77
CA GLU E 254 -35.32 36.30 -4.23
C GLU E 254 -34.01 35.55 -4.45
N ARG E 255 -33.64 34.67 -3.52
CA ARG E 255 -32.42 33.88 -3.70
C ARG E 255 -32.56 32.93 -4.88
N ILE E 256 -33.75 32.38 -5.10
CA ILE E 256 -33.97 31.51 -6.25
C ILE E 256 -33.69 32.26 -7.54
N LYS E 257 -34.26 33.47 -7.66
CA LYS E 257 -34.04 34.27 -8.87
C LYS E 257 -32.56 34.61 -9.03
N GLU E 258 -31.92 35.09 -7.98
CA GLU E 258 -30.52 35.51 -8.07
C GLU E 258 -29.61 34.34 -8.43
N TYR E 259 -29.79 33.20 -7.77
CA TYR E 259 -28.91 32.06 -7.99
C TYR E 259 -29.20 31.36 -9.30
N GLU E 260 -30.45 31.39 -9.78
CA GLU E 260 -30.73 30.89 -11.12
C GLU E 260 -30.08 31.79 -12.17
N MET E 261 -30.08 33.10 -11.94
CA MET E 261 -29.37 34.01 -12.84
C MET E 261 -27.87 33.75 -12.83
N LEU E 262 -27.30 33.50 -11.65
CA LEU E 262 -25.85 33.39 -11.53
C LEU E 262 -25.30 32.03 -11.95
N PHE E 263 -25.99 30.94 -11.61
CA PHE E 263 -25.44 29.60 -11.77
C PHE E 263 -26.04 28.81 -12.91
N LEU E 264 -27.19 29.20 -13.43
CA LEU E 264 -27.85 28.48 -14.51
C LEU E 264 -27.78 29.28 -15.79
N VAL E 265 -27.92 28.58 -16.91
CA VAL E 265 -28.02 29.18 -18.23
C VAL E 265 -29.45 28.96 -18.70
N SER E 266 -30.26 30.02 -18.62
CA SER E 266 -31.69 29.88 -18.93
C SER E 266 -31.92 29.50 -20.38
N ASN E 267 -31.17 30.12 -21.30
CA ASN E 267 -31.34 29.84 -22.72
C ASN E 267 -30.81 28.44 -23.03
N GLU E 268 -31.67 27.59 -23.60
CA GLU E 268 -31.28 26.21 -23.84
C GLU E 268 -30.25 26.10 -24.96
N GLU E 269 -30.39 26.91 -26.02
CA GLU E 269 -29.41 26.88 -27.10
C GLU E 269 -28.05 27.38 -26.62
N MET E 270 -28.04 28.41 -25.79
CA MET E 270 -26.79 28.92 -25.23
C MET E 270 -26.11 27.87 -24.36
N HIS E 271 -26.89 27.16 -23.53
CA HIS E 271 -26.32 26.11 -22.71
C HIS E 271 -25.83 24.95 -23.55
N LYS E 272 -26.54 24.62 -24.63
CA LYS E 272 -26.08 23.59 -25.55
C LYS E 272 -24.75 23.97 -26.18
N GLN E 273 -24.61 25.24 -26.58
CA GLN E 273 -23.34 25.71 -27.11
C GLN E 273 -22.23 25.59 -26.08
N ILE E 274 -22.53 25.97 -24.83
CA ILE E 274 -21.54 25.86 -23.76
C ILE E 274 -21.10 24.41 -23.58
N LEU E 275 -22.06 23.50 -23.52
CA LEU E 275 -21.74 22.09 -23.30
C LEU E 275 -20.98 21.49 -24.48
N MET E 276 -21.29 21.93 -25.70
CA MET E 276 -20.51 21.49 -26.86
C MET E 276 -19.08 22.00 -26.79
N THR E 277 -18.90 23.25 -26.35
CA THR E 277 -17.56 23.83 -26.32
C THR E 277 -16.69 23.19 -25.25
N ILE E 278 -17.28 22.81 -24.12
CA ILE E 278 -16.49 22.29 -23.00
C ILE E 278 -16.43 20.77 -23.05
N GLY E 279 -16.74 20.21 -24.21
CA GLY E 279 -16.64 18.77 -24.41
C GLY E 279 -17.66 17.95 -23.63
N LEU E 280 -18.90 18.43 -23.53
CA LEU E 280 -19.99 17.70 -22.91
C LEU E 280 -21.09 17.42 -23.94
N GLU E 281 -20.68 17.00 -25.13
CA GLU E 281 -21.62 16.74 -26.21
C GLU E 281 -22.57 15.60 -25.88
N ASN E 282 -22.17 14.70 -24.99
CA ASN E 282 -23.03 13.59 -24.60
C ASN E 282 -24.28 14.08 -23.86
N LEU E 283 -24.27 15.30 -23.33
CA LEU E 283 -25.38 15.84 -22.56
C LEU E 283 -26.09 16.98 -23.28
N CYS E 284 -25.92 17.10 -24.60
CA CYS E 284 -26.53 18.18 -25.36
C CYS E 284 -27.87 17.79 -25.97
N GLU E 285 -28.28 16.53 -25.82
CA GLU E 285 -29.47 16.00 -26.46
C GLU E 285 -30.36 15.29 -25.45
N ASN E 286 -31.67 15.39 -25.67
CA ASN E 286 -32.65 14.85 -24.74
C ASN E 286 -32.58 13.32 -24.73
N PRO E 287 -32.88 12.70 -23.58
CA PRO E 287 -33.32 13.33 -22.32
C PRO E 287 -32.15 13.78 -21.45
N TYR E 288 -30.92 13.57 -21.87
CA TYR E 288 -29.77 13.91 -21.04
C TYR E 288 -29.64 15.41 -20.82
N PHE E 289 -29.93 16.21 -21.86
CA PHE E 289 -29.86 17.66 -21.72
C PHE E 289 -30.88 18.17 -20.70
N SER E 290 -32.14 17.75 -20.86
CA SER E 290 -33.18 18.15 -19.92
C SER E 290 -32.93 17.59 -18.53
N ASN E 291 -32.43 16.36 -18.43
CA ASN E 291 -32.14 15.79 -17.12
C ASN E 291 -31.03 16.57 -16.42
N LEU E 292 -29.98 16.95 -17.15
CA LEU E 292 -28.91 17.74 -16.56
C LEU E 292 -29.42 19.09 -16.10
N ARG E 293 -30.23 19.75 -16.94
CA ARG E 293 -30.76 21.05 -16.57
C ARG E 293 -31.68 20.95 -15.35
N GLN E 294 -32.48 19.89 -15.27
CA GLN E 294 -33.36 19.71 -14.13
C GLN E 294 -32.59 19.43 -12.85
N ASN E 295 -31.54 18.61 -12.93
CA ASN E 295 -30.71 18.37 -11.76
C ASN E 295 -30.03 19.66 -11.30
N MET E 296 -29.54 20.45 -12.25
CA MET E 296 -28.92 21.72 -11.88
C MET E 296 -29.94 22.66 -11.23
N LYS E 297 -31.15 22.71 -11.78
CA LYS E 297 -32.20 23.56 -11.19
C LYS E 297 -32.57 23.09 -9.79
N ASP E 298 -32.64 21.78 -9.57
CA ASP E 298 -32.96 21.26 -8.25
C ASP E 298 -31.85 21.60 -7.25
N LEU E 299 -30.59 21.47 -7.67
CA LEU E 299 -29.49 21.83 -6.79
C LEU E 299 -29.50 23.32 -6.48
N ILE E 300 -29.83 24.16 -7.46
CA ILE E 300 -29.90 25.60 -7.20
C ILE E 300 -31.07 25.93 -6.28
N LEU E 301 -32.20 25.24 -6.43
CA LEU E 301 -33.31 25.44 -5.51
C LEU E 301 -32.93 25.06 -4.08
N LEU E 302 -32.24 23.94 -3.93
CA LEU E 302 -31.77 23.54 -2.61
C LEU E 302 -30.80 24.57 -2.02
N LEU E 303 -29.87 25.07 -2.85
CA LEU E 303 -28.91 26.05 -2.39
C LEU E 303 -29.60 27.34 -1.97
N ALA E 304 -30.57 27.80 -2.76
CA ALA E 304 -31.31 29.00 -2.40
C ALA E 304 -32.10 28.81 -1.11
N THR E 305 -32.70 27.63 -0.94
CA THR E 305 -33.41 27.32 0.30
C THR E 305 -32.49 27.42 1.50
N VAL E 306 -31.33 26.74 1.42
CA VAL E 306 -30.40 26.74 2.55
C VAL E 306 -29.88 28.15 2.81
N ALA E 307 -29.55 28.90 1.75
CA ALA E 307 -29.04 30.25 1.93
C ALA E 307 -30.08 31.15 2.58
N SER E 308 -31.34 31.03 2.18
CA SER E 308 -32.41 31.82 2.78
C SER E 308 -32.74 31.36 4.20
N SER E 309 -32.33 30.15 4.59
CA SER E 309 -32.50 29.72 5.98
C SER E 309 -31.69 30.57 6.95
N VAL E 310 -30.66 31.28 6.48
CA VAL E 310 -29.91 32.24 7.28
C VAL E 310 -29.94 33.57 6.53
N PRO E 311 -31.02 34.33 6.64
CA PRO E 311 -31.24 35.44 5.70
C PRO E 311 -30.72 36.78 6.19
N ASN E 312 -30.46 37.65 5.21
CA ASN E 312 -30.23 39.07 5.46
C ASN E 312 -31.60 39.71 5.62
N PHE E 313 -32.00 39.99 6.86
CA PHE E 313 -33.40 40.34 7.12
C PHE E 313 -33.47 41.22 8.37
N LYS E 314 -33.77 42.51 8.16
CA LYS E 314 -34.17 43.41 9.26
C LYS E 314 -33.15 43.45 10.38
N HIS E 315 -31.87 43.60 10.02
CA HIS E 315 -30.78 43.75 10.99
C HIS E 315 -30.66 42.55 11.92
N PHE E 316 -31.02 41.37 11.43
CA PHE E 316 -30.81 40.13 12.17
C PHE E 316 -29.41 39.60 11.83
N GLY E 317 -28.60 39.41 12.87
CA GLY E 317 -27.25 38.91 12.66
C GLY E 317 -26.70 38.21 13.89
N PHE E 318 -25.40 37.96 13.90
CA PHE E 318 -24.76 37.29 15.02
C PHE E 318 -24.17 38.34 15.95
N TYR E 319 -24.62 38.36 17.19
CA TYR E 319 -24.23 39.38 18.14
C TYR E 319 -24.06 38.76 19.52
N ARG E 320 -23.87 39.65 20.51
CA ARG E 320 -23.61 39.31 21.90
C ARG E 320 -22.26 38.64 22.05
N ASN E 331 -12.07 39.86 20.12
CA ASN E 331 -13.45 39.64 20.54
C ASN E 331 -14.42 40.28 19.54
N GLN E 332 -13.86 40.99 18.56
CA GLN E 332 -14.68 41.62 17.53
C GLN E 332 -15.34 40.56 16.65
N SER E 333 -16.61 40.78 16.34
CA SER E 333 -17.34 39.84 15.51
C SER E 333 -16.89 39.96 14.05
N LEU E 334 -17.12 38.90 13.30
CA LEU E 334 -16.88 38.92 11.87
C LEU E 334 -17.92 39.81 11.19
N PRO E 335 -17.61 40.29 9.98
CA PRO E 335 -18.66 40.95 9.20
C PRO E 335 -19.85 40.02 9.00
N GLN E 336 -21.05 40.60 9.07
CA GLN E 336 -22.26 39.79 9.09
C GLN E 336 -22.40 38.95 7.83
N GLU E 337 -21.90 39.45 6.69
CA GLU E 337 -21.98 38.69 5.45
C GLU E 337 -21.15 37.41 5.54
N ILE E 338 -19.93 37.50 6.04
CA ILE E 338 -19.08 36.32 6.16
C ILE E 338 -19.65 35.35 7.19
N ALA E 339 -20.18 35.88 8.29
CA ALA E 339 -20.80 35.03 9.30
C ALA E 339 -21.99 34.27 8.72
N ARG E 340 -22.83 34.96 7.94
CA ARG E 340 -23.96 34.31 7.30
C ARG E 340 -23.49 33.25 6.29
N HIS E 341 -22.44 33.55 5.54
CA HIS E 341 -21.92 32.59 4.57
C HIS E 341 -21.41 31.33 5.26
N CYS E 342 -20.65 31.48 6.34
CA CYS E 342 -20.16 30.32 7.07
C CYS E 342 -21.30 29.55 7.74
N MET E 343 -22.31 30.26 8.24
CA MET E 343 -23.46 29.57 8.80
C MET E 343 -24.21 28.78 7.74
N VAL E 344 -24.30 29.31 6.51
CA VAL E 344 -24.92 28.55 5.43
C VAL E 344 -24.06 27.35 5.06
N GLN E 345 -22.73 27.47 5.14
CA GLN E 345 -21.88 26.30 4.97
C GLN E 345 -22.24 25.20 5.97
N ALA E 346 -22.33 25.58 7.24
CA ALA E 346 -22.69 24.61 8.28
C ALA E 346 -24.10 24.06 8.05
N ARG E 347 -25.01 24.90 7.58
CA ARG E 347 -26.37 24.47 7.29
C ARG E 347 -26.40 23.44 6.17
N LEU E 348 -25.58 23.64 5.13
CA LEU E 348 -25.46 22.65 4.07
C LEU E 348 -24.86 21.35 4.60
N LEU E 349 -23.86 21.45 5.46
CA LEU E 349 -23.29 20.24 6.07
C LEU E 349 -24.31 19.48 6.91
N ALA E 350 -25.23 20.20 7.54
CA ALA E 350 -26.22 19.55 8.41
C ALA E 350 -27.09 18.55 7.65
N TYR E 351 -27.15 18.62 6.34
CA TYR E 351 -27.96 17.72 5.54
C TYR E 351 -27.23 16.43 5.18
N ARG E 352 -25.98 16.27 5.59
CA ARG E 352 -25.27 15.01 5.49
C ARG E 352 -25.43 14.14 6.72
N THR E 353 -26.33 14.51 7.62
CA THR E 353 -26.41 13.88 8.93
C THR E 353 -26.77 12.40 8.82
N GLU E 354 -26.12 11.59 9.66
CA GLU E 354 -26.51 10.19 9.84
C GLU E 354 -27.65 10.04 10.83
N ASP E 355 -27.99 11.11 11.55
CA ASP E 355 -29.11 11.07 12.48
C ASP E 355 -30.42 10.93 11.72
N HIS E 356 -31.41 10.34 12.38
CA HIS E 356 -32.72 10.15 11.79
C HIS E 356 -33.69 11.29 12.06
N LYS E 357 -33.35 12.19 12.99
CA LYS E 357 -34.25 13.28 13.34
C LYS E 357 -33.69 14.65 13.00
N THR E 358 -32.51 15.00 13.52
CA THR E 358 -32.00 16.36 13.43
C THR E 358 -30.59 16.37 12.85
N GLY E 359 -30.37 17.25 11.88
CA GLY E 359 -29.04 17.43 11.31
C GLY E 359 -28.39 18.69 11.85
N VAL E 360 -27.16 18.53 12.33
CA VAL E 360 -26.36 19.62 12.87
C VAL E 360 -25.08 19.71 12.05
N GLY E 361 -24.71 20.92 11.65
CA GLY E 361 -23.50 21.16 10.90
C GLY E 361 -22.58 22.12 11.62
N ALA E 362 -21.29 22.00 11.35
CA ALA E 362 -20.30 22.86 11.99
C ALA E 362 -19.16 23.12 11.02
N VAL E 363 -18.75 24.38 10.91
CA VAL E 363 -17.58 24.78 10.14
C VAL E 363 -16.66 25.60 11.03
N ILE E 364 -15.38 25.24 11.03
CA ILE E 364 -14.34 25.99 11.72
C ILE E 364 -13.52 26.73 10.67
N TRP E 365 -13.48 28.05 10.79
CA TRP E 365 -12.67 28.93 9.97
C TRP E 365 -11.70 29.67 10.87
N ALA E 366 -10.60 30.13 10.29
CA ALA E 366 -9.63 30.93 11.04
C ALA E 366 -9.25 32.16 10.23
N GLU E 367 -8.99 33.26 10.94
CA GLU E 367 -8.60 34.52 10.33
C GLU E 367 -7.09 34.67 10.50
N GLY E 368 -6.37 34.65 9.38
CA GLY E 368 -4.93 34.78 9.42
C GLY E 368 -4.48 36.20 9.70
N LYS E 369 -3.19 36.33 9.98
CA LYS E 369 -2.61 37.62 10.32
C LYS E 369 -2.14 38.40 9.09
N SER E 370 -1.51 37.72 8.14
CA SER E 370 -0.97 38.38 6.96
C SER E 370 -1.93 38.25 5.78
N ARG E 371 -1.57 38.90 4.68
CA ARG E 371 -2.37 38.81 3.47
C ARG E 371 -2.28 37.43 2.85
N SER E 372 -3.39 36.97 2.29
CA SER E 372 -3.47 35.66 1.64
C SER E 372 -3.89 35.83 0.20
N CYS E 373 -3.51 34.85 -0.63
CA CYS E 373 -3.86 34.87 -2.04
C CYS E 373 -5.31 34.49 -2.31
N ASP E 374 -5.99 33.90 -1.33
CA ASP E 374 -7.33 33.40 -1.55
C ASP E 374 -8.34 34.53 -1.71
N GLY E 375 -9.45 34.21 -2.37
CA GLY E 375 -10.56 35.14 -2.47
C GLY E 375 -11.36 35.29 -1.21
N THR E 376 -11.10 34.46 -0.21
CA THR E 376 -11.72 34.58 1.10
C THR E 376 -10.98 35.55 2.01
N GLY E 377 -9.89 36.15 1.52
CA GLY E 377 -9.12 37.08 2.32
C GLY E 377 -8.19 36.34 3.29
N ALA E 378 -7.99 36.94 4.45
CA ALA E 378 -7.19 36.31 5.49
C ALA E 378 -7.85 35.06 6.05
N MET E 379 -9.16 34.92 5.86
CA MET E 379 -9.87 33.78 6.42
C MET E 379 -9.63 32.53 5.60
N TYR E 380 -9.35 31.43 6.28
CA TYR E 380 -9.11 30.15 5.63
C TYR E 380 -9.87 29.06 6.36
N PHE E 381 -10.27 28.05 5.59
CA PHE E 381 -11.04 26.93 6.11
C PHE E 381 -10.17 26.03 6.97
N VAL E 382 -10.69 25.64 8.14
CA VAL E 382 -9.98 24.80 9.09
C VAL E 382 -10.61 23.41 9.16
N GLY E 383 -11.91 23.33 9.35
CA GLY E 383 -12.54 22.03 9.50
C GLY E 383 -14.03 22.11 9.29
N CYS E 384 -14.65 20.93 9.13
CA CYS E 384 -16.08 20.84 8.94
C CYS E 384 -16.56 19.50 9.47
N GLY E 385 -17.83 19.46 9.83
CA GLY E 385 -18.40 18.23 10.35
C GLY E 385 -19.91 18.31 10.46
N TYR E 386 -20.51 17.14 10.64
CA TYR E 386 -21.93 16.99 10.92
C TYR E 386 -22.09 15.88 11.94
N ASN E 387 -23.27 15.81 12.54
CA ASN E 387 -23.52 14.73 13.49
C ASN E 387 -23.65 13.39 12.76
N ALA E 388 -22.90 12.40 13.24
CA ALA E 388 -22.86 11.09 12.60
C ALA E 388 -22.33 10.09 13.61
N PHE E 389 -22.48 8.84 13.28
CA PHE E 389 -21.91 7.77 14.10
C PHE E 389 -20.44 7.58 13.75
N PRO E 390 -19.66 6.92 14.60
CA PRO E 390 -18.23 6.77 14.34
C PRO E 390 -17.97 6.15 12.96
N VAL E 391 -16.93 6.67 12.30
CA VAL E 391 -16.66 6.30 10.92
C VAL E 391 -16.47 4.80 10.80
N GLY E 392 -17.11 4.21 9.79
CA GLY E 392 -17.07 2.77 9.61
C GLY E 392 -18.23 2.03 10.24
N SER E 393 -19.29 2.72 10.63
CA SER E 393 -20.44 2.10 11.27
C SER E 393 -21.54 1.83 10.24
N GLU E 394 -22.22 0.70 10.39
CA GLU E 394 -23.31 0.35 9.51
C GLU E 394 -24.60 1.04 9.96
N TYR E 395 -25.70 0.78 9.24
CA TYR E 395 -26.97 1.36 9.60
C TYR E 395 -27.46 0.86 10.96
N ALA E 396 -27.28 -0.43 11.23
CA ALA E 396 -27.75 -1.05 12.46
C ALA E 396 -26.64 -1.28 13.47
N ASP E 397 -25.46 -0.70 13.26
CA ASP E 397 -24.37 -0.89 14.21
C ASP E 397 -24.68 -0.25 15.56
N PHE E 398 -25.25 0.95 15.54
CA PHE E 398 -25.49 1.70 16.75
C PHE E 398 -26.97 2.08 16.86
N PRO E 399 -27.48 2.24 18.08
CA PRO E 399 -28.87 2.66 18.23
C PRO E 399 -29.12 4.04 17.63
N HIS E 400 -30.29 4.20 17.02
CA HIS E 400 -30.73 5.48 16.49
C HIS E 400 -31.85 6.09 17.31
N MET E 401 -32.32 5.40 18.35
CA MET E 401 -33.48 5.84 19.12
C MET E 401 -33.18 7.12 19.89
N ASP E 402 -34.18 7.99 19.99
CA ASP E 402 -34.09 9.22 20.75
C ASP E 402 -34.40 8.96 22.22
N ASP E 403 -34.63 10.02 22.98
CA ASP E 403 -34.87 9.89 24.42
C ASP E 403 -36.15 9.13 24.73
N LYS E 404 -37.02 8.93 23.74
CA LYS E 404 -38.26 8.20 23.99
C LYS E 404 -38.00 6.76 24.38
N GLN E 405 -36.83 6.22 24.06
CA GLN E 405 -36.52 4.84 24.39
C GLN E 405 -36.50 4.64 25.90
N LYS E 406 -37.15 3.58 26.36
CA LYS E 406 -37.26 3.30 27.79
C LYS E 406 -35.94 2.84 28.41
N ASP E 407 -34.94 2.50 27.60
CA ASP E 407 -33.63 2.09 28.09
C ASP E 407 -32.60 3.10 27.60
N ARG E 408 -31.86 3.69 28.54
CA ARG E 408 -30.84 4.66 28.18
C ARG E 408 -29.66 4.02 27.44
N GLU E 409 -29.49 2.71 27.57
CA GLU E 409 -28.40 2.02 26.88
C GLU E 409 -28.62 2.02 25.38
N ILE E 410 -29.87 1.98 24.93
CA ILE E 410 -30.19 1.89 23.51
C ILE E 410 -30.54 3.26 22.97
N ARG E 411 -30.07 4.31 23.64
CA ARG E 411 -30.24 5.67 23.15
C ARG E 411 -29.02 6.08 22.34
N LYS E 412 -29.27 6.83 21.26
CA LYS E 412 -28.21 7.18 20.32
C LYS E 412 -27.19 8.16 20.89
N PHE E 413 -27.50 8.81 22.02
CA PHE E 413 -26.71 9.96 22.46
C PHE E 413 -25.29 9.54 22.86
N ARG E 414 -25.15 8.36 23.44
CA ARG E 414 -23.83 7.92 23.88
C ARG E 414 -22.94 7.45 22.75
N TYR E 415 -23.45 7.36 21.52
CA TYR E 415 -22.67 6.88 20.39
C TYR E 415 -22.61 7.84 19.22
N ILE E 416 -23.38 8.93 19.24
CA ILE E 416 -23.39 9.87 18.12
C ILE E 416 -22.21 10.84 18.27
N ILE E 417 -21.46 11.01 17.19
CA ILE E 417 -20.41 12.04 17.15
C ILE E 417 -21.04 13.35 16.71
N HIS E 418 -20.79 14.41 17.48
CA HIS E 418 -21.41 15.69 17.21
C HIS E 418 -20.71 16.40 16.06
N ALA E 419 -21.39 17.43 15.54
CA ALA E 419 -20.86 18.18 14.40
C ALA E 419 -19.55 18.88 14.75
N ALA E 420 -19.49 19.52 15.92
CA ALA E 420 -18.26 20.18 16.33
C ALA E 420 -17.15 19.18 16.60
N GLN E 421 -17.49 18.03 17.20
CA GLN E 421 -16.50 16.99 17.41
C GLN E 421 -15.94 16.47 16.09
N ASN E 422 -16.79 16.31 15.08
CA ASN E 422 -16.32 15.87 13.78
C ASN E 422 -15.47 16.95 13.11
N ALA E 423 -15.87 18.21 13.25
CA ALA E 423 -15.09 19.31 12.67
C ALA E 423 -13.71 19.38 13.29
N LEU E 424 -13.61 19.21 14.61
CA LEU E 424 -12.32 19.20 15.27
C LEU E 424 -11.51 17.95 14.94
N THR E 425 -12.18 16.81 14.77
CA THR E 425 -11.47 15.57 14.50
C THR E 425 -10.80 15.60 13.13
N PHE E 426 -11.55 15.99 12.10
CA PHE E 426 -11.05 15.95 10.73
C PHE E 426 -10.67 17.34 10.22
N ARG E 427 -10.13 18.18 11.09
CA ARG E 427 -9.63 19.48 10.66
C ARG E 427 -8.43 19.32 9.75
N CYS E 428 -8.36 20.14 8.71
CA CYS E 428 -7.23 20.13 7.80
C CYS E 428 -6.13 21.11 8.21
N GLN E 429 -6.39 21.96 9.20
CA GLN E 429 -5.44 22.96 9.67
C GLN E 429 -5.35 22.90 11.18
N GLU E 430 -4.24 23.38 11.71
CA GLU E 430 -4.05 23.48 13.15
C GLU E 430 -4.61 24.80 13.66
N ILE E 431 -5.28 24.75 14.81
CA ILE E 431 -5.78 25.96 15.43
C ILE E 431 -4.60 26.73 16.01
N LYS E 432 -4.40 27.96 15.53
CA LYS E 432 -3.25 28.75 15.94
C LYS E 432 -3.65 29.68 17.07
N PRO E 433 -2.97 29.64 18.21
CA PRO E 433 -3.40 30.47 19.36
C PRO E 433 -3.41 31.96 19.06
N GLU E 434 -2.51 32.46 18.22
CA GLU E 434 -2.48 33.89 17.93
C GLU E 434 -3.63 34.30 17.03
N GLU E 435 -4.04 33.43 16.11
CA GLU E 435 -5.08 33.77 15.15
C GLU E 435 -6.45 33.70 15.78
N ARG E 436 -7.37 34.50 15.24
CA ARG E 436 -8.77 34.38 15.60
C ARG E 436 -9.36 33.13 14.98
N SER E 437 -10.08 32.35 15.77
CA SER E 437 -10.71 31.12 15.31
C SER E 437 -12.21 31.21 15.55
N MET E 438 -13.00 30.75 14.59
CA MET E 438 -14.45 30.81 14.67
C MET E 438 -15.01 29.44 14.32
N ILE E 439 -16.00 29.00 15.08
CA ILE E 439 -16.77 27.80 14.75
C ILE E 439 -18.22 28.19 14.63
N PHE E 440 -18.82 27.86 13.49
CA PHE E 440 -20.22 28.13 13.21
C PHE E 440 -20.96 26.80 13.30
N VAL E 441 -21.95 26.74 14.19
CA VAL E 441 -22.69 25.52 14.44
C VAL E 441 -24.18 25.83 14.37
N THR E 442 -24.93 24.99 13.65
CA THR E 442 -26.33 25.29 13.39
C THR E 442 -27.18 25.27 14.65
N LYS E 443 -26.84 24.42 15.61
CA LYS E 443 -27.54 24.35 16.89
C LYS E 443 -26.62 24.87 17.98
N CYS E 444 -27.20 25.04 19.16
CA CYS E 444 -26.38 25.42 20.32
C CYS E 444 -25.43 24.28 20.66
N PRO E 445 -24.15 24.56 20.90
CA PRO E 445 -23.22 23.49 21.30
C PRO E 445 -23.64 22.88 22.63
N CYS E 446 -23.45 21.58 22.75
CA CYS E 446 -23.87 20.85 23.94
C CYS E 446 -22.81 20.93 25.02
N ASP E 447 -23.08 20.26 26.14
CA ASP E 447 -22.18 20.32 27.29
C ASP E 447 -20.92 19.48 27.09
N GLU E 448 -20.90 18.60 26.10
CA GLU E 448 -19.67 17.88 25.78
C GLU E 448 -18.91 18.50 24.62
N CYS E 449 -19.55 19.38 23.85
CA CYS E 449 -18.89 20.06 22.74
C CYS E 449 -18.21 21.34 23.19
N VAL E 450 -18.83 22.09 24.09
CA VAL E 450 -18.25 23.36 24.54
C VAL E 450 -16.87 23.18 25.17
N PRO E 451 -16.64 22.23 26.08
CA PRO E 451 -15.28 22.02 26.57
C PRO E 451 -14.30 21.66 25.49
N LEU E 452 -14.71 20.87 24.49
CA LEU E 452 -13.80 20.54 23.39
C LEU E 452 -13.46 21.77 22.56
N ILE E 453 -14.45 22.62 22.28
CA ILE E 453 -14.21 23.84 21.53
C ILE E 453 -13.26 24.76 22.29
N LYS E 454 -13.49 24.90 23.60
CA LYS E 454 -12.63 25.74 24.42
C LYS E 454 -11.21 25.19 24.48
N GLY E 455 -11.06 23.88 24.65
CA GLY E 455 -9.74 23.28 24.71
C GLY E 455 -9.00 23.37 23.39
N ALA E 456 -9.72 23.27 22.27
CA ALA E 456 -9.09 23.39 20.97
C ALA E 456 -8.53 24.78 20.73
N GLY E 457 -8.92 25.77 21.54
CA GLY E 457 -8.47 27.12 21.37
C GLY E 457 -9.30 27.96 20.44
N ILE E 458 -10.49 27.51 20.06
CA ILE E 458 -11.36 28.30 19.19
C ILE E 458 -11.84 29.52 19.96
N LYS E 459 -11.68 30.70 19.33
CA LYS E 459 -11.93 31.95 20.03
C LYS E 459 -13.40 32.33 20.05
N GLN E 460 -14.16 31.97 19.01
CA GLN E 460 -15.53 32.43 18.86
C GLN E 460 -16.42 31.28 18.42
N ILE E 461 -17.63 31.27 18.96
CA ILE E 461 -18.68 30.35 18.57
C ILE E 461 -19.86 31.15 18.05
N TYR E 462 -20.18 30.97 16.77
CA TYR E 462 -21.40 31.51 16.18
C TYR E 462 -22.41 30.38 16.12
N ALA E 463 -23.58 30.60 16.72
CA ALA E 463 -24.50 29.49 16.89
C ALA E 463 -25.94 29.99 16.99
N GLY E 464 -26.87 29.07 16.71
CA GLY E 464 -28.23 29.27 17.14
C GLY E 464 -28.38 29.02 18.62
N ASP E 465 -29.44 29.60 19.20
CA ASP E 465 -29.60 29.57 20.65
C ASP E 465 -31.04 29.23 21.06
N VAL E 466 -31.72 28.40 20.28
CA VAL E 466 -33.07 27.99 20.67
C VAL E 466 -33.00 26.93 21.77
N ASP E 467 -31.88 26.22 21.90
CA ASP E 467 -31.73 25.18 22.90
C ASP E 467 -30.91 25.61 24.10
N VAL E 468 -30.57 26.90 24.20
CA VAL E 468 -29.75 27.38 25.31
C VAL E 468 -30.49 27.17 26.63
N GLY E 469 -29.83 26.56 27.60
CA GLY E 469 -30.40 26.31 28.90
C GLY E 469 -31.21 25.03 29.02
N LYS E 470 -31.49 24.35 27.91
CA LYS E 470 -32.20 23.09 27.98
C LYS E 470 -31.30 22.01 28.57
N LYS E 471 -31.89 21.19 29.44
CA LYS E 471 -31.17 20.09 30.08
C LYS E 471 -32.04 18.83 29.96
N LYS E 472 -31.74 18.02 28.95
CA LYS E 472 -32.41 16.74 28.79
C LYS E 472 -31.66 15.67 29.59
N ALA E 473 -32.17 14.44 29.55
CA ALA E 473 -31.56 13.36 30.32
C ALA E 473 -30.15 13.05 29.83
N ASP E 474 -29.94 13.05 28.52
CA ASP E 474 -28.66 12.66 27.95
C ASP E 474 -27.83 13.82 27.42
N ILE E 475 -28.47 14.90 26.98
CA ILE E 475 -27.78 16.04 26.40
C ILE E 475 -28.28 17.32 27.07
N SER E 476 -27.34 18.18 27.45
CA SER E 476 -27.66 19.43 28.14
C SER E 476 -26.93 20.59 27.47
N TYR E 477 -27.37 21.80 27.79
CA TYR E 477 -26.86 23.02 27.16
C TYR E 477 -26.53 24.08 28.19
N MET E 478 -26.17 23.67 29.41
CA MET E 478 -25.90 24.62 30.47
C MET E 478 -24.56 25.32 30.32
N ARG E 479 -23.57 24.64 29.75
CA ARG E 479 -22.21 25.18 29.72
C ARG E 479 -22.05 26.31 28.72
N PHE E 480 -22.88 26.36 27.68
CA PHE E 480 -22.75 27.42 26.68
C PHE E 480 -23.03 28.79 27.27
N GLY E 481 -24.06 28.89 28.12
CA GLY E 481 -24.42 30.17 28.69
C GLY E 481 -23.33 30.74 29.60
N GLU E 482 -22.73 29.88 30.41
CA GLU E 482 -21.70 30.30 31.36
C GLU E 482 -20.29 30.22 30.81
N LEU E 483 -20.15 29.92 29.51
CA LEU E 483 -18.83 29.75 28.91
C LEU E 483 -18.01 31.02 29.02
N GLU E 484 -16.75 30.88 29.44
CA GLU E 484 -15.83 31.99 29.60
C GLU E 484 -14.61 31.76 28.71
N GLY E 485 -14.01 32.87 28.27
CA GLY E 485 -12.82 32.81 27.44
C GLY E 485 -13.08 32.60 25.97
N VAL E 486 -14.33 32.41 25.56
CA VAL E 486 -14.71 32.22 24.17
C VAL E 486 -15.83 33.19 23.86
N SER E 487 -15.63 34.05 22.86
CA SER E 487 -16.69 34.93 22.41
C SER E 487 -17.84 34.11 21.85
N LYS E 488 -19.07 34.52 22.17
CA LYS E 488 -20.27 33.84 21.71
C LYS E 488 -21.13 34.81 20.92
N PHE E 489 -21.52 34.41 19.71
CA PHE E 489 -22.36 35.22 18.85
C PHE E 489 -23.56 34.39 18.43
N THR E 490 -24.74 34.85 18.80
CA THR E 490 -25.99 34.17 18.50
C THR E 490 -26.80 35.00 17.51
N TRP E 491 -27.67 34.30 16.78
CA TRP E 491 -28.60 34.96 15.89
C TRP E 491 -29.60 35.76 16.69
N GLN E 492 -29.74 37.04 16.35
CA GLN E 492 -30.53 37.97 17.14
C GLN E 492 -30.63 39.28 16.38
N LEU E 493 -31.67 40.06 16.70
CA LEU E 493 -31.74 41.41 16.20
C LEU E 493 -30.63 42.24 16.82
N ASN E 494 -30.09 43.16 16.05
CA ASN E 494 -28.91 43.91 16.46
C ASN E 494 -29.22 44.73 17.71
N PRO E 495 -28.52 44.51 18.83
CA PRO E 495 -28.78 45.33 20.03
C PRO E 495 -28.42 46.79 19.86
N SER E 496 -27.59 47.12 18.87
CA SER E 496 -27.18 48.50 18.66
C SER E 496 -27.55 48.98 17.27
N ILE F 50 17.19 18.53 -27.61
CA ILE F 50 18.28 18.89 -26.73
C ILE F 50 18.52 17.78 -25.70
N PRO F 51 19.78 17.57 -25.33
CA PRO F 51 20.08 16.55 -24.32
C PRO F 51 19.57 16.96 -22.95
N ARG F 52 19.28 15.96 -22.13
CA ARG F 52 18.70 16.16 -20.82
C ARG F 52 19.59 15.57 -19.74
N LEU F 53 19.78 16.33 -18.66
CA LEU F 53 20.47 15.82 -17.49
C LEU F 53 19.61 14.76 -16.81
N SER F 54 20.25 13.69 -16.35
CA SER F 54 19.51 12.67 -15.63
C SER F 54 19.26 13.11 -14.19
N LYS F 55 18.32 12.43 -13.53
CA LYS F 55 17.95 12.80 -12.17
C LYS F 55 19.12 12.59 -11.21
N VAL F 56 19.75 11.42 -11.26
CA VAL F 56 20.83 11.12 -10.33
C VAL F 56 22.03 12.03 -10.58
N ASN F 57 22.29 12.35 -11.85
CA ASN F 57 23.39 13.28 -12.15
C ASN F 57 23.06 14.68 -11.69
N LEU F 58 21.80 15.12 -11.81
CA LEU F 58 21.40 16.41 -11.28
C LEU F 58 21.58 16.45 -9.77
N PHE F 59 21.19 15.39 -9.07
CA PHE F 59 21.33 15.36 -7.61
C PHE F 59 22.80 15.32 -7.20
N THR F 60 23.63 14.57 -7.92
CA THR F 60 25.06 14.54 -7.64
C THR F 60 25.68 15.92 -7.84
N LEU F 61 25.35 16.57 -8.95
CA LEU F 61 25.86 17.92 -9.22
C LEU F 61 25.38 18.90 -8.18
N LEU F 62 24.13 18.77 -7.74
CA LEU F 62 23.59 19.69 -6.74
C LEU F 62 24.25 19.49 -5.39
N SER F 63 24.56 18.24 -5.02
CA SER F 63 25.28 18.01 -3.77
C SER F 63 26.70 18.56 -3.83
N LEU F 64 27.37 18.38 -4.98
CA LEU F 64 28.70 18.94 -5.16
C LEU F 64 28.65 20.46 -5.09
N TRP F 65 27.62 21.08 -5.66
CA TRP F 65 27.46 22.52 -5.60
C TRP F 65 27.10 23.01 -4.21
N MET F 66 26.31 22.23 -3.47
CA MET F 66 25.96 22.57 -2.10
C MET F 66 27.20 22.54 -1.21
N GLU F 67 28.15 21.64 -1.50
CA GLU F 67 29.42 21.69 -0.78
C GLU F 67 30.12 23.03 -0.95
N LEU F 68 29.83 23.77 -2.02
CA LEU F 68 30.44 25.06 -2.29
C LEU F 68 29.58 26.23 -1.82
N PHE F 69 28.57 25.97 -1.01
CA PHE F 69 27.68 27.04 -0.56
C PHE F 69 28.47 28.06 0.25
N PRO F 70 28.25 29.36 0.03
CA PRO F 70 29.04 30.37 0.75
C PRO F 70 28.77 30.32 2.25
N ALA F 71 29.83 30.05 3.01
CA ALA F 71 29.73 29.94 4.47
C ALA F 71 29.61 31.32 5.11
N VAL F 105 38.38 16.53 8.78
CA VAL F 105 36.99 16.48 8.34
C VAL F 105 36.76 17.53 7.26
N LYS F 106 36.14 17.11 6.17
CA LYS F 106 35.92 17.96 5.01
C LYS F 106 34.46 18.36 4.90
N ARG F 107 34.22 19.52 4.28
CA ARG F 107 32.87 20.00 4.06
C ARG F 107 32.13 19.09 3.09
N THR F 108 30.86 18.84 3.37
CA THR F 108 30.04 17.97 2.55
C THR F 108 28.74 18.68 2.17
N GLY F 109 28.36 18.54 0.90
CA GLY F 109 27.06 18.96 0.44
C GLY F 109 26.13 17.76 0.38
N LEU F 110 24.83 18.01 0.54
CA LEU F 110 23.87 16.94 0.65
C LEU F 110 22.56 17.34 -0.01
N VAL F 111 22.01 16.43 -0.81
CA VAL F 111 20.70 16.59 -1.42
C VAL F 111 19.79 15.49 -0.88
N VAL F 112 18.66 15.88 -0.32
CA VAL F 112 17.66 14.96 0.19
C VAL F 112 16.50 14.96 -0.79
N VAL F 113 16.21 13.78 -1.35
CA VAL F 113 15.20 13.60 -2.39
C VAL F 113 14.17 12.60 -1.91
N LYS F 114 12.89 12.94 -2.09
CA LYS F 114 11.81 12.02 -1.81
C LYS F 114 10.86 12.00 -3.00
N ASN F 115 10.57 10.80 -3.51
CA ASN F 115 9.73 10.62 -4.69
C ASN F 115 10.26 11.41 -5.88
N MET F 116 11.59 11.35 -6.08
CA MET F 116 12.29 12.03 -7.16
C MET F 116 12.13 13.54 -7.09
N LYS F 117 11.80 14.08 -5.92
CA LYS F 117 11.69 15.51 -5.71
C LYS F 117 12.64 15.92 -4.59
N ILE F 118 13.36 17.02 -4.81
CA ILE F 118 14.30 17.50 -3.81
C ILE F 118 13.53 18.07 -2.62
N VAL F 119 13.75 17.49 -1.44
CA VAL F 119 13.14 17.98 -0.21
C VAL F 119 14.16 18.61 0.72
N GLY F 120 15.45 18.57 0.37
CA GLY F 120 16.42 19.26 1.19
C GLY F 120 17.74 19.55 0.51
N LEU F 121 18.32 20.71 0.78
CA LEU F 121 19.65 21.07 0.28
C LEU F 121 20.46 21.55 1.48
N HIS F 122 21.49 20.79 1.84
CA HIS F 122 22.22 21.05 3.07
C HIS F 122 23.73 21.10 2.80
N CYS F 123 24.43 21.81 3.66
CA CYS F 123 25.88 21.86 3.65
C CYS F 123 26.40 21.64 5.06
N SER F 124 27.57 21.03 5.16
CA SER F 124 28.21 20.88 6.45
C SER F 124 28.58 22.25 7.02
N SER F 125 28.45 22.39 8.33
CA SER F 125 28.87 23.57 9.04
C SER F 125 30.13 23.28 9.82
N GLU F 126 30.62 24.30 10.53
CA GLU F 126 31.81 24.10 11.37
C GLU F 126 31.51 23.23 12.58
N ASP F 127 30.23 23.10 12.96
CA ASP F 127 29.83 22.30 14.10
C ASP F 127 29.36 20.90 13.71
N LEU F 128 28.48 20.80 12.71
CA LEU F 128 27.82 19.55 12.39
C LEU F 128 28.05 19.18 10.93
N HIS F 129 28.07 17.87 10.67
CA HIS F 129 28.19 17.35 9.32
C HIS F 129 26.86 17.46 8.59
N ALA F 130 26.92 17.26 7.27
CA ALA F 130 25.71 17.36 6.45
C ALA F 130 24.69 16.30 6.83
N GLY F 131 25.14 15.09 7.14
CA GLY F 131 24.21 14.04 7.55
C GLY F 131 23.54 14.34 8.89
N GLN F 132 24.32 14.84 9.85
CA GLN F 132 23.74 15.23 11.14
C GLN F 132 22.75 16.37 10.97
N ILE F 133 23.07 17.33 10.10
CA ILE F 133 22.16 18.44 9.84
C ILE F 133 20.87 17.93 9.20
N ALA F 134 21.00 17.00 8.26
CA ALA F 134 19.81 16.42 7.64
C ALA F 134 18.96 15.68 8.66
N LEU F 135 19.61 14.95 9.58
CA LEU F 135 18.87 14.29 10.64
C LEU F 135 18.12 15.30 11.49
N ILE F 136 18.79 16.35 11.94
CA ILE F 136 18.14 17.38 12.76
C ILE F 136 16.97 18.00 12.00
N LYS F 137 17.16 18.27 10.71
CA LYS F 137 16.15 19.02 9.95
C LYS F 137 14.94 18.17 9.60
N HIS F 138 15.14 16.87 9.38
CA HIS F 138 14.06 16.02 8.88
C HIS F 138 13.54 15.01 9.89
N GLY F 139 14.41 14.31 10.62
CA GLY F 139 13.93 13.30 11.54
C GLY F 139 13.54 12.04 10.82
N SER F 140 12.43 11.45 11.24
CA SER F 140 11.90 10.26 10.60
C SER F 140 11.35 10.53 9.21
N ARG F 141 11.23 11.80 8.81
CA ARG F 141 10.85 12.14 7.45
C ARG F 141 11.90 11.71 6.43
N LEU F 142 13.10 11.35 6.88
CA LEU F 142 14.12 10.78 6.00
C LEU F 142 13.78 9.36 5.56
N LYS F 143 12.71 8.78 6.10
CA LYS F 143 12.30 7.43 5.71
C LYS F 143 12.05 7.35 4.21
N ASN F 144 12.64 6.33 3.59
CA ASN F 144 12.53 6.07 2.15
C ASN F 144 13.07 7.21 1.29
N CYS F 145 13.99 8.01 1.83
CA CYS F 145 14.58 9.11 1.09
C CYS F 145 15.90 8.71 0.47
N ASP F 146 16.24 9.37 -0.63
CA ASP F 146 17.54 9.21 -1.29
C ASP F 146 18.42 10.39 -0.91
N LEU F 147 19.58 10.10 -0.36
CA LEU F 147 20.52 11.12 0.09
C LEU F 147 21.75 11.09 -0.81
N TYR F 148 22.04 12.22 -1.45
CA TYR F 148 23.17 12.35 -2.34
C TYR F 148 24.20 13.23 -1.64
N PHE F 149 25.30 12.63 -1.23
CA PHE F 149 26.37 13.30 -0.53
C PHE F 149 27.50 13.65 -1.49
N SER F 150 28.14 14.79 -1.25
CA SER F 150 29.33 15.14 -2.00
C SER F 150 30.56 14.38 -1.52
N ARG F 151 30.52 13.81 -0.31
CA ARG F 151 31.58 12.96 0.20
C ARG F 151 30.93 11.78 0.93
N LYS F 152 31.66 10.68 1.03
CA LYS F 152 31.14 9.53 1.75
C LYS F 152 30.94 9.89 3.21
N PRO F 153 29.73 9.75 3.75
CA PRO F 153 29.51 10.15 5.15
C PRO F 153 30.26 9.25 6.12
N CYS F 154 30.57 9.82 7.28
CA CYS F 154 31.25 9.09 8.32
C CYS F 154 30.30 8.08 8.97
N SER F 155 30.88 7.24 9.84
CA SER F 155 30.07 6.22 10.51
C SER F 155 29.04 6.83 11.43
N ALA F 156 29.38 7.91 12.12
CA ALA F 156 28.42 8.59 12.98
C ALA F 156 27.25 9.13 12.17
N CYS F 157 27.52 9.70 11.00
CA CYS F 157 26.44 10.17 10.14
C CYS F 157 25.66 9.01 9.54
N LEU F 158 26.36 7.97 9.07
CA LEU F 158 25.69 6.89 8.37
C LEU F 158 24.79 6.09 9.29
N LYS F 159 25.22 5.84 10.52
CA LYS F 159 24.38 5.06 11.43
C LYS F 159 23.06 5.77 11.73
N MET F 160 23.12 7.09 11.94
CA MET F 160 21.89 7.85 12.18
C MET F 160 21.05 7.97 10.93
N ILE F 161 21.68 8.09 9.77
CA ILE F 161 20.93 8.19 8.51
C ILE F 161 20.18 6.89 8.24
N VAL F 162 20.82 5.74 8.47
CA VAL F 162 20.14 4.47 8.25
C VAL F 162 19.15 4.17 9.37
N ASN F 163 19.39 4.71 10.56
CA ASN F 163 18.41 4.60 11.63
C ASN F 163 17.14 5.37 11.27
N ALA F 164 17.29 6.53 10.64
CA ALA F 164 16.14 7.30 10.17
C ALA F 164 15.35 6.61 9.07
N GLY F 165 15.93 5.59 8.42
CA GLY F 165 15.20 4.79 7.47
C GLY F 165 15.29 5.21 6.02
N VAL F 166 16.41 5.82 5.61
CA VAL F 166 16.55 6.24 4.22
C VAL F 166 16.66 5.02 3.32
N ASN F 167 16.45 5.24 2.03
CA ASN F 167 16.49 4.17 1.04
C ASN F 167 17.89 4.04 0.42
N ARG F 168 18.39 5.11 -0.19
CA ARG F 168 19.67 5.10 -0.88
C ARG F 168 20.57 6.20 -0.33
N ILE F 169 21.86 5.91 -0.27
CA ILE F 169 22.89 6.90 0.04
C ILE F 169 23.88 6.86 -1.12
N SER F 170 23.70 7.74 -2.09
CA SER F 170 24.66 7.93 -3.15
C SER F 170 25.74 8.89 -2.69
N TYR F 171 26.99 8.61 -3.03
CA TYR F 171 28.07 9.51 -2.67
C TYR F 171 29.05 9.68 -3.82
N TRP F 172 29.74 10.80 -3.79
CA TRP F 172 30.76 11.12 -4.78
C TRP F 172 32.06 10.40 -4.40
N PRO F 173 32.59 9.53 -5.27
CA PRO F 173 33.73 8.67 -4.89
C PRO F 173 35.08 9.41 -4.92
N ALA F 174 35.17 10.45 -4.11
CA ALA F 174 36.40 11.18 -3.84
C ALA F 174 36.72 11.03 -2.35
N ASP F 175 37.67 11.84 -1.88
CA ASP F 175 38.01 11.91 -0.46
C ASP F 175 36.75 11.97 0.39
N PRO F 176 36.54 10.99 1.28
CA PRO F 176 35.30 10.97 2.06
C PRO F 176 35.22 12.08 3.10
N GLU F 177 34.16 12.06 3.91
CA GLU F 177 33.96 13.09 4.92
C GLU F 177 35.12 13.12 5.92
N ILE F 178 35.51 11.95 6.42
CA ILE F 178 36.73 11.81 7.22
C ILE F 178 37.87 11.63 6.23
N SER F 179 38.68 12.68 6.05
CA SER F 179 39.64 12.71 4.96
C SER F 179 40.66 11.59 5.08
N LEU F 180 40.89 10.88 3.98
CA LEU F 180 41.90 9.84 3.89
C LEU F 180 43.23 10.37 3.36
N LEU F 181 43.30 11.65 3.02
CA LEU F 181 44.52 12.27 2.52
C LEU F 181 45.31 12.99 3.61
N THR F 182 44.86 12.92 4.86
CA THR F 182 45.54 13.58 5.96
C THR F 182 46.84 12.86 6.31
N SER F 187 45.27 9.13 9.88
CA SER F 187 45.07 8.13 8.84
C SER F 187 44.45 6.86 9.40
N GLU F 188 44.92 6.44 10.57
CA GLU F 188 44.37 5.24 11.21
C GLU F 188 42.92 5.46 11.62
N ASP F 189 42.60 6.63 12.18
CA ASP F 189 41.23 6.93 12.55
C ASP F 189 40.32 7.00 11.32
N ALA F 190 40.81 7.61 10.24
CA ALA F 190 40.02 7.69 9.02
C ALA F 190 39.77 6.31 8.43
N LYS F 191 40.80 5.45 8.42
CA LYS F 191 40.62 4.09 7.92
C LYS F 191 39.66 3.29 8.79
N LEU F 192 39.76 3.44 10.11
CA LEU F 192 38.82 2.76 11.00
C LEU F 192 37.40 3.25 10.76
N ASP F 193 37.23 4.56 10.53
CA ASP F 193 35.90 5.09 10.22
C ASP F 193 35.37 4.52 8.91
N ALA F 194 36.24 4.38 7.90
CA ALA F 194 35.81 3.79 6.64
C ALA F 194 35.40 2.33 6.81
N LYS F 195 36.15 1.58 7.61
CA LYS F 195 35.77 0.20 7.89
C LYS F 195 34.43 0.13 8.63
N ALA F 196 34.21 1.04 9.58
CA ALA F 196 32.93 1.08 10.28
C ALA F 196 31.79 1.41 9.33
N VAL F 197 32.04 2.33 8.39
CA VAL F 197 31.02 2.67 7.39
C VAL F 197 30.70 1.45 6.54
N GLU F 198 31.72 0.71 6.14
CA GLU F 198 31.49 -0.51 5.35
C GLU F 198 30.68 -1.53 6.13
N ARG F 199 31.00 -1.71 7.41
CA ARG F 199 30.25 -2.65 8.23
C ARG F 199 28.79 -2.20 8.40
N LEU F 200 28.57 -0.90 8.58
CA LEU F 200 27.20 -0.39 8.65
C LEU F 200 26.46 -0.65 7.35
N LYS F 201 27.12 -0.44 6.22
CA LYS F 201 26.50 -0.66 4.92
C LYS F 201 26.16 -2.13 4.72
N SER F 202 27.04 -3.03 5.16
CA SER F 202 26.83 -4.46 4.96
C SER F 202 25.63 -4.99 5.74
N ASN F 203 25.28 -4.35 6.85
CA ASN F 203 24.26 -4.86 7.76
C ASN F 203 23.06 -3.92 7.87
N SER F 204 22.72 -3.23 6.79
CA SER F 204 21.57 -2.34 6.79
C SER F 204 20.80 -2.49 5.48
N ARG F 205 19.49 -2.24 5.55
CA ARG F 205 18.66 -2.27 4.35
C ARG F 205 18.94 -1.09 3.44
N ALA F 206 19.55 -0.03 3.96
CA ALA F 206 19.90 1.12 3.14
C ALA F 206 21.00 0.75 2.16
N HIS F 207 20.90 1.29 0.95
CA HIS F 207 21.82 0.97 -0.15
C HIS F 207 22.82 2.12 -0.29
N VAL F 208 24.05 1.90 0.17
CA VAL F 208 25.12 2.88 0.02
C VAL F 208 25.85 2.58 -1.28
N CYS F 209 25.95 3.57 -2.16
CA CYS F 209 26.41 3.33 -3.51
C CYS F 209 26.92 4.62 -4.15
N VAL F 210 27.43 4.46 -5.38
CA VAL F 210 27.83 5.56 -6.24
C VAL F 210 26.91 5.53 -7.45
N LEU F 211 26.11 6.58 -7.63
CA LEU F 211 25.07 6.60 -8.65
C LEU F 211 25.38 7.51 -9.83
N LEU F 212 26.53 8.17 -9.84
CA LEU F 212 26.84 9.06 -10.95
C LEU F 212 26.95 8.26 -12.25
N GLN F 213 26.35 8.79 -13.30
CA GLN F 213 26.27 8.13 -14.60
C GLN F 213 27.09 8.88 -15.63
N PRO F 214 27.54 8.21 -16.68
CA PRO F 214 28.16 8.91 -17.80
C PRO F 214 27.18 9.86 -18.46
N LEU F 215 27.69 10.99 -18.92
CA LEU F 215 26.91 11.94 -19.69
C LEU F 215 26.96 11.56 -21.16
N VAL F 216 25.94 11.98 -21.91
CA VAL F 216 26.00 11.80 -23.35
C VAL F 216 27.12 12.68 -23.91
N CYS F 217 27.61 12.30 -25.09
CA CYS F 217 28.77 12.97 -25.67
C CYS F 217 28.50 14.45 -25.94
N TYR F 218 27.25 14.80 -26.23
CA TYR F 218 26.89 16.18 -26.55
C TYR F 218 26.49 16.99 -25.32
N MET F 219 26.39 16.37 -24.15
CA MET F 219 25.85 17.07 -22.98
C MET F 219 26.73 18.25 -22.58
N VAL F 220 28.06 18.05 -22.54
CA VAL F 220 28.94 19.12 -22.09
C VAL F 220 28.99 20.25 -23.11
N GLN F 221 29.05 19.90 -24.40
CA GLN F 221 29.05 20.91 -25.44
C GLN F 221 27.74 21.72 -25.44
N PHE F 222 26.61 21.02 -25.29
CA PHE F 222 25.33 21.70 -25.23
C PHE F 222 25.23 22.59 -23.99
N VAL F 223 25.73 22.13 -22.85
CA VAL F 223 25.72 22.94 -21.65
C VAL F 223 26.56 24.19 -21.83
N GLU F 224 27.74 24.05 -22.46
CA GLU F 224 28.56 25.22 -22.73
C GLU F 224 27.86 26.19 -23.67
N GLU F 225 27.22 25.67 -24.72
CA GLU F 225 26.52 26.52 -25.67
C GLU F 225 25.39 27.29 -25.00
N THR F 226 24.61 26.62 -24.17
CA THR F 226 23.50 27.29 -23.50
C THR F 226 23.98 28.21 -22.39
N SER F 227 25.14 27.93 -21.79
CA SER F 227 25.68 28.80 -20.75
C SER F 227 26.21 30.09 -21.35
N TYR F 228 26.80 30.01 -22.54
CA TYR F 228 27.23 31.23 -23.21
C TYR F 228 26.03 32.06 -23.67
N LYS F 229 24.89 31.41 -23.94
CA LYS F 229 23.70 32.08 -24.41
C LYS F 229 22.69 32.36 -23.30
N CYS F 230 23.06 32.16 -22.05
CA CYS F 230 22.14 32.40 -20.94
C CYS F 230 21.98 33.89 -20.70
N ASP F 231 20.96 34.23 -19.90
CA ASP F 231 20.61 35.63 -19.67
C ASP F 231 21.77 36.42 -19.07
N PHE F 232 22.49 35.84 -18.12
CA PHE F 232 23.53 36.55 -17.38
C PHE F 232 24.79 36.78 -18.21
N ILE F 233 25.23 35.77 -18.94
CA ILE F 233 26.40 35.95 -19.80
C ILE F 233 26.10 36.95 -20.91
N GLN F 234 24.91 36.87 -21.51
CA GLN F 234 24.54 37.84 -22.54
C GLN F 234 24.41 39.24 -21.97
N LYS F 235 23.86 39.37 -20.76
CA LYS F 235 23.76 40.68 -20.11
C LYS F 235 25.14 41.26 -19.86
N ILE F 236 26.10 40.43 -19.46
CA ILE F 236 27.47 40.89 -19.32
C ILE F 236 28.04 41.31 -20.67
N THR F 237 27.78 40.51 -21.71
CA THR F 237 28.35 40.77 -23.03
C THR F 237 27.85 42.10 -23.59
N LYS F 238 26.57 42.39 -23.44
CA LYS F 238 26.03 43.65 -23.95
C LYS F 238 26.68 44.84 -23.24
N THR F 239 26.87 44.75 -21.93
CA THR F 239 27.51 45.82 -21.17
C THR F 239 29.03 45.79 -21.36
N PHE F 247 35.77 36.47 -22.04
CA PHE F 247 35.71 36.62 -20.59
C PHE F 247 35.11 35.38 -19.95
N TYR F 248 34.09 34.82 -20.59
CA TYR F 248 33.39 33.68 -20.01
C TYR F 248 34.25 32.42 -20.06
N TYR F 249 35.04 32.26 -21.12
CA TYR F 249 35.91 31.09 -21.23
C TYR F 249 36.99 31.11 -20.16
N GLU F 250 37.54 32.29 -19.86
CA GLU F 250 38.55 32.39 -18.82
C GLU F 250 37.98 32.04 -17.45
N CYS F 251 36.79 32.55 -17.14
CA CYS F 251 36.14 32.19 -15.90
C CYS F 251 35.84 30.70 -15.86
N LYS F 252 35.43 30.12 -16.99
CA LYS F 252 35.20 28.70 -17.05
C LYS F 252 36.46 27.91 -16.74
N GLN F 253 37.60 28.35 -17.29
CA GLN F 253 38.87 27.67 -17.03
C GLN F 253 39.26 27.76 -15.57
N GLU F 254 39.08 28.95 -14.97
CA GLU F 254 39.38 29.12 -13.55
C GLU F 254 38.51 28.20 -12.69
N ARG F 255 37.21 28.15 -12.99
CA ARG F 255 36.33 27.26 -12.24
C ARG F 255 36.69 25.80 -12.47
N ILE F 256 37.12 25.46 -13.69
CA ILE F 256 37.53 24.09 -13.97
C ILE F 256 38.70 23.71 -13.08
N LYS F 257 39.71 24.58 -13.01
CA LYS F 257 40.87 24.29 -12.17
C LYS F 257 40.47 24.17 -10.71
N GLU F 258 39.68 25.12 -10.20
CA GLU F 258 39.32 25.11 -8.78
C GLU F 258 38.49 23.89 -8.43
N TYR F 259 37.49 23.56 -9.26
CA TYR F 259 36.60 22.44 -8.94
C TYR F 259 37.27 21.09 -9.17
N GLU F 260 38.23 21.02 -10.11
CA GLU F 260 39.01 19.81 -10.24
C GLU F 260 39.91 19.60 -9.04
N MET F 261 40.47 20.69 -8.50
CA MET F 261 41.24 20.59 -7.27
C MET F 261 40.36 20.14 -6.11
N LEU F 262 39.16 20.69 -6.00
CA LEU F 262 38.33 20.43 -4.83
C LEU F 262 37.65 19.05 -4.89
N PHE F 263 37.17 18.64 -6.06
CA PHE F 263 36.30 17.48 -6.16
C PHE F 263 36.94 16.24 -6.74
N LEU F 264 38.08 16.36 -7.42
CA LEU F 264 38.75 15.22 -8.03
C LEU F 264 40.04 14.92 -7.30
N VAL F 265 40.52 13.69 -7.49
CA VAL F 265 41.82 13.25 -6.98
C VAL F 265 42.71 13.06 -8.20
N SER F 266 43.63 14.00 -8.41
CA SER F 266 44.45 13.98 -9.62
C SER F 266 45.36 12.74 -9.66
N ASN F 267 45.98 12.42 -8.53
CA ASN F 267 46.88 11.27 -8.48
C ASN F 267 46.06 9.98 -8.55
N GLU F 268 46.39 9.12 -9.52
CA GLU F 268 45.61 7.90 -9.71
C GLU F 268 45.83 6.89 -8.59
N GLU F 269 47.05 6.83 -8.06
CA GLU F 269 47.32 5.91 -6.95
C GLU F 269 46.59 6.35 -5.69
N MET F 270 46.55 7.66 -5.42
CA MET F 270 45.80 8.15 -4.27
C MET F 270 44.32 7.84 -4.40
N HIS F 271 43.76 8.02 -5.60
CA HIS F 271 42.35 7.71 -5.80
C HIS F 271 42.09 6.21 -5.68
N LYS F 272 43.01 5.39 -6.17
CA LYS F 272 42.87 3.94 -6.01
C LYS F 272 42.89 3.55 -4.54
N GLN F 273 43.79 4.16 -3.76
CA GLN F 273 43.82 3.90 -2.32
C GLN F 273 42.52 4.32 -1.66
N ILE F 274 41.99 5.50 -2.04
CA ILE F 274 40.74 5.97 -1.47
C ILE F 274 39.61 4.99 -1.78
N LEU F 275 39.52 4.56 -3.04
CA LEU F 275 38.45 3.65 -3.44
C LEU F 275 38.59 2.28 -2.77
N MET F 276 39.82 1.82 -2.55
CA MET F 276 40.01 0.58 -1.80
C MET F 276 39.57 0.74 -0.35
N THR F 277 39.87 1.89 0.25
CA THR F 277 39.55 2.09 1.66
C THR F 277 38.04 2.22 1.88
N ILE F 278 37.33 2.82 0.92
CA ILE F 278 35.91 3.10 1.09
C ILE F 278 35.08 1.97 0.49
N GLY F 279 35.71 0.83 0.26
CA GLY F 279 35.01 -0.34 -0.22
C GLY F 279 34.50 -0.23 -1.64
N LEU F 280 35.26 0.39 -2.53
CA LEU F 280 34.96 0.48 -3.95
C LEU F 280 36.03 -0.23 -4.76
N GLU F 281 36.43 -1.42 -4.31
CA GLU F 281 37.49 -2.16 -4.99
C GLU F 281 37.08 -2.58 -6.40
N ASN F 282 35.78 -2.70 -6.65
CA ASN F 282 35.31 -3.09 -7.99
C ASN F 282 35.64 -2.04 -9.04
N LEU F 283 35.91 -0.80 -8.63
CA LEU F 283 36.21 0.28 -9.56
C LEU F 283 37.68 0.71 -9.51
N CYS F 284 38.55 -0.15 -8.99
CA CYS F 284 39.96 0.18 -8.84
C CYS F 284 40.83 -0.33 -9.98
N GLU F 285 40.27 -1.09 -10.90
CA GLU F 285 41.01 -1.63 -12.04
C GLU F 285 40.33 -1.26 -13.34
N ASN F 286 41.14 -1.08 -14.38
CA ASN F 286 40.63 -0.63 -15.67
C ASN F 286 39.75 -1.69 -16.31
N PRO F 287 38.77 -1.29 -17.13
CA PRO F 287 38.46 0.09 -17.55
C PRO F 287 37.55 0.82 -16.57
N TYR F 288 37.14 0.16 -15.49
CA TYR F 288 36.20 0.76 -14.55
C TYR F 288 36.80 1.95 -13.82
N PHE F 289 38.09 1.87 -13.47
CA PHE F 289 38.75 3.00 -12.81
C PHE F 289 38.81 4.22 -13.73
N SER F 290 39.28 4.02 -14.97
CA SER F 290 39.36 5.12 -15.92
C SER F 290 37.97 5.63 -16.27
N ASN F 291 36.99 4.74 -16.42
CA ASN F 291 35.63 5.18 -16.72
C ASN F 291 35.06 6.02 -15.59
N LEU F 292 35.28 5.60 -14.34
CA LEU F 292 34.79 6.36 -13.21
C LEU F 292 35.45 7.74 -13.15
N ARG F 293 36.77 7.78 -13.35
CA ARG F 293 37.47 9.06 -13.32
C ARG F 293 37.02 9.97 -14.46
N GLN F 294 36.76 9.41 -15.65
CA GLN F 294 36.29 10.21 -16.77
C GLN F 294 34.90 10.76 -16.51
N ASN F 295 34.00 9.93 -15.95
CA ASN F 295 32.67 10.42 -15.63
C ASN F 295 32.73 11.53 -14.58
N MET F 296 33.58 11.36 -13.56
CA MET F 296 33.74 12.40 -12.56
C MET F 296 34.27 13.69 -13.17
N LYS F 297 35.25 13.57 -14.06
CA LYS F 297 35.81 14.75 -14.72
C LYS F 297 34.77 15.43 -15.59
N ASP F 298 33.94 14.66 -16.29
CA ASP F 298 32.88 15.25 -17.11
C ASP F 298 31.85 15.98 -16.25
N LEU F 299 31.47 15.38 -15.13
CA LEU F 299 30.54 16.05 -14.23
C LEU F 299 31.15 17.33 -13.65
N ILE F 300 32.44 17.31 -13.35
CA ILE F 300 33.10 18.51 -12.84
C ILE F 300 33.18 19.58 -13.92
N LEU F 301 33.42 19.19 -15.17
CA LEU F 301 33.42 20.15 -16.26
C LEU F 301 32.04 20.77 -16.45
N LEU F 302 30.99 19.96 -16.37
CA LEU F 302 29.63 20.49 -16.46
C LEU F 302 29.34 21.45 -15.31
N LEU F 303 29.74 21.09 -14.10
CA LEU F 303 29.52 21.96 -12.94
C LEU F 303 30.26 23.27 -13.08
N ALA F 304 31.52 23.22 -13.54
CA ALA F 304 32.27 24.45 -13.74
C ALA F 304 31.65 25.31 -14.81
N THR F 305 31.17 24.70 -15.90
CA THR F 305 30.49 25.45 -16.95
C THR F 305 29.26 26.17 -16.40
N VAL F 306 28.40 25.45 -15.68
CA VAL F 306 27.19 26.05 -15.16
C VAL F 306 27.51 27.13 -14.14
N ALA F 307 28.49 26.90 -13.27
CA ALA F 307 28.87 27.90 -12.29
C ALA F 307 29.45 29.14 -12.95
N SER F 308 30.16 28.98 -14.06
CA SER F 308 30.68 30.12 -14.80
C SER F 308 29.59 30.85 -15.57
N SER F 309 28.48 30.19 -15.87
CA SER F 309 27.35 30.87 -16.50
C SER F 309 26.79 32.00 -15.65
N VAL F 310 27.02 31.98 -14.34
CA VAL F 310 26.65 33.07 -13.45
C VAL F 310 27.92 33.49 -12.72
N PRO F 311 28.77 34.30 -13.34
CA PRO F 311 30.14 34.49 -12.83
C PRO F 311 30.30 35.66 -11.89
N ASN F 312 31.32 35.54 -11.03
CA ASN F 312 31.81 36.65 -10.23
C ASN F 312 32.70 37.51 -11.12
N PHE F 313 32.08 38.46 -11.82
CA PHE F 313 32.74 39.23 -12.86
C PHE F 313 32.48 40.71 -12.64
N LYS F 314 33.55 41.49 -12.54
CA LYS F 314 33.51 42.95 -12.41
C LYS F 314 32.56 43.31 -11.26
N HIS F 315 31.61 44.21 -11.44
CA HIS F 315 30.63 44.57 -10.43
C HIS F 315 29.25 44.06 -10.82
N PHE F 316 29.21 42.89 -11.45
CA PHE F 316 27.97 42.29 -11.92
C PHE F 316 27.32 41.47 -10.83
N GLY F 317 26.06 41.78 -10.54
CA GLY F 317 25.31 41.07 -9.53
C GLY F 317 23.83 41.31 -9.64
N PHE F 318 23.09 40.93 -8.61
CA PHE F 318 21.63 41.08 -8.59
C PHE F 318 21.29 42.36 -7.84
N TYR F 319 20.67 43.30 -8.54
CA TYR F 319 20.38 44.62 -7.96
C TYR F 319 19.00 45.08 -8.42
N ARG F 320 18.72 46.34 -8.13
CA ARG F 320 17.43 46.99 -8.41
C ARG F 320 16.33 46.38 -7.55
N ASN F 331 13.44 43.99 2.24
CA ASN F 331 13.71 44.42 0.87
C ASN F 331 15.20 44.41 0.58
N GLN F 332 15.99 44.10 1.61
CA GLN F 332 17.44 44.04 1.45
C GLN F 332 17.82 42.83 0.60
N SER F 333 18.74 43.04 -0.33
CA SER F 333 19.20 41.95 -1.19
C SER F 333 20.08 40.98 -0.40
N LEU F 334 20.15 39.75 -0.89
CA LEU F 334 21.05 38.77 -0.33
C LEU F 334 22.49 39.11 -0.67
N PRO F 335 23.46 38.57 0.07
CA PRO F 335 24.85 38.68 -0.37
C PRO F 335 25.01 38.09 -1.76
N GLN F 336 25.84 38.74 -2.57
CA GLN F 336 25.95 38.37 -3.98
C GLN F 336 26.44 36.93 -4.15
N GLU F 337 27.24 36.44 -3.21
CA GLU F 337 27.72 35.06 -3.30
C GLU F 337 26.57 34.06 -3.16
N ILE F 338 25.67 34.29 -2.20
CA ILE F 338 24.54 33.39 -2.01
C ILE F 338 23.57 33.49 -3.18
N ALA F 339 23.35 34.70 -3.68
CA ALA F 339 22.48 34.88 -4.84
C ALA F 339 23.04 34.14 -6.05
N ARG F 340 24.36 34.24 -6.27
CA ARG F 340 24.98 33.53 -7.38
C ARG F 340 24.88 32.02 -7.20
N HIS F 341 25.06 31.54 -5.96
CA HIS F 341 24.97 30.10 -5.71
C HIS F 341 23.56 29.59 -6.00
N CYS F 342 22.53 30.31 -5.54
CA CYS F 342 21.16 29.90 -5.80
C CYS F 342 20.82 29.98 -7.28
N MET F 343 21.32 31.01 -7.97
CA MET F 343 21.09 31.10 -9.41
C MET F 343 21.77 29.95 -10.15
N VAL F 344 22.94 29.51 -9.69
CA VAL F 344 23.57 28.34 -10.31
C VAL F 344 22.77 27.08 -10.02
N GLN F 345 22.16 26.98 -8.82
CA GLN F 345 21.24 25.87 -8.58
C GLN F 345 20.11 25.86 -9.60
N ALA F 346 19.51 27.03 -9.83
CA ALA F 346 18.43 27.13 -10.81
C ALA F 346 18.91 26.79 -12.21
N ARG F 347 20.12 27.23 -12.57
CA ARG F 347 20.68 26.92 -13.89
C ARG F 347 20.91 25.43 -14.05
N LEU F 348 21.39 24.77 -13.00
CA LEU F 348 21.55 23.32 -13.04
C LEU F 348 20.21 22.63 -13.22
N LEU F 349 19.18 23.09 -12.50
CA LEU F 349 17.85 22.51 -12.67
C LEU F 349 17.29 22.76 -14.06
N ALA F 350 17.69 23.85 -14.71
CA ALA F 350 17.22 24.17 -16.04
C ALA F 350 17.60 23.10 -17.06
N TYR F 351 18.60 22.28 -16.76
CA TYR F 351 19.03 21.22 -17.67
C TYR F 351 18.25 19.92 -17.51
N ARG F 352 17.27 19.90 -16.62
CA ARG F 352 16.32 18.81 -16.51
C ARG F 352 15.08 19.04 -17.36
N THR F 353 15.09 20.08 -18.21
CA THR F 353 13.90 20.54 -18.90
C THR F 353 13.33 19.47 -19.81
N GLU F 354 12.00 19.34 -19.79
CA GLU F 354 11.29 18.53 -20.76
C GLU F 354 11.06 19.25 -22.08
N ASP F 355 11.26 20.57 -22.11
CA ASP F 355 11.10 21.33 -23.33
C ASP F 355 12.20 20.99 -24.33
N HIS F 356 11.89 21.15 -25.61
CA HIS F 356 12.83 20.84 -26.67
C HIS F 356 13.72 22.03 -27.05
N LYS F 357 13.39 23.24 -26.61
CA LYS F 357 14.15 24.42 -27.01
C LYS F 357 14.84 25.09 -25.83
N THR F 358 14.11 25.48 -24.78
CA THR F 358 14.66 26.32 -23.73
C THR F 358 14.41 25.69 -22.37
N GLY F 359 15.46 25.63 -21.55
CA GLY F 359 15.35 25.13 -20.19
C GLY F 359 15.34 26.29 -19.21
N VAL F 360 14.37 26.27 -18.31
CA VAL F 360 14.22 27.27 -17.26
C VAL F 360 14.22 26.57 -15.91
N GLY F 361 14.99 27.09 -14.97
CA GLY F 361 15.05 26.54 -13.63
C GLY F 361 14.65 27.58 -12.60
N ALA F 362 14.13 27.09 -11.47
CA ALA F 362 13.70 27.96 -10.38
C ALA F 362 13.99 27.29 -9.05
N VAL F 363 14.56 28.05 -8.12
CA VAL F 363 14.78 27.60 -6.76
C VAL F 363 14.19 28.61 -5.79
N ILE F 364 13.42 28.13 -4.83
CA ILE F 364 12.86 28.96 -3.77
C ILE F 364 13.61 28.63 -2.49
N TRP F 365 14.21 29.66 -1.88
CA TRP F 365 14.86 29.59 -0.60
C TRP F 365 14.18 30.54 0.35
N ALA F 366 14.35 30.33 1.65
CA ALA F 366 13.83 31.24 2.65
C ALA F 366 14.89 31.48 3.72
N GLU F 367 14.85 32.67 4.31
CA GLU F 367 15.77 33.09 5.36
C GLU F 367 15.01 33.07 6.68
N GLY F 368 15.39 32.16 7.58
CA GLY F 368 14.73 32.05 8.85
C GLY F 368 15.12 33.16 9.82
N LYS F 369 14.28 33.34 10.83
CA LYS F 369 14.54 34.38 11.83
C LYS F 369 15.67 33.98 12.77
N SER F 370 15.68 32.74 13.22
CA SER F 370 16.71 32.26 14.13
C SER F 370 17.74 31.43 13.37
N ARG F 371 18.97 31.44 13.87
CA ARG F 371 20.04 30.66 13.25
C ARG F 371 19.78 29.17 13.42
N SER F 372 20.08 28.41 12.38
CA SER F 372 19.88 26.97 12.38
C SER F 372 21.22 26.25 12.44
N CYS F 373 21.16 24.92 12.43
CA CYS F 373 22.35 24.08 12.47
C CYS F 373 23.00 23.90 11.11
N ASP F 374 22.33 24.27 10.03
CA ASP F 374 22.82 24.01 8.68
C ASP F 374 24.03 24.89 8.37
N GLY F 375 24.83 24.42 7.41
CA GLY F 375 25.91 25.23 6.88
C GLY F 375 25.46 26.32 5.95
N THR F 376 24.18 26.34 5.58
CA THR F 376 23.59 27.42 4.80
C THR F 376 23.16 28.59 5.68
N GLY F 377 23.36 28.49 6.99
CA GLY F 377 22.95 29.55 7.90
C GLY F 377 21.46 29.55 8.16
N ALA F 378 20.87 30.73 8.31
CA ALA F 378 19.43 30.83 8.49
C ALA F 378 18.67 30.45 7.22
N MET F 379 19.34 30.44 6.08
CA MET F 379 18.67 30.15 4.82
C MET F 379 18.43 28.65 4.67
N TYR F 380 17.22 28.30 4.25
CA TYR F 380 16.85 26.90 4.05
C TYR F 380 16.12 26.76 2.73
N PHE F 381 16.31 25.60 2.10
CA PHE F 381 15.72 25.31 0.81
C PHE F 381 14.22 25.07 0.94
N VAL F 382 13.44 25.70 0.07
CA VAL F 382 11.99 25.61 0.11
C VAL F 382 11.45 24.78 -1.05
N GLY F 383 11.92 25.05 -2.27
CA GLY F 383 11.38 24.33 -3.41
C GLY F 383 12.25 24.48 -4.62
N CYS F 384 11.98 23.65 -5.62
CA CYS F 384 12.74 23.71 -6.86
C CYS F 384 11.88 23.19 -8.00
N GLY F 385 12.19 23.64 -9.20
CA GLY F 385 11.44 23.19 -10.36
C GLY F 385 12.10 23.60 -11.65
N TYR F 386 11.63 23.00 -12.73
CA TYR F 386 12.04 23.33 -14.09
C TYR F 386 10.81 23.26 -14.99
N ASN F 387 10.92 23.81 -16.19
CA ASN F 387 9.82 23.73 -17.13
C ASN F 387 9.65 22.30 -17.65
N ALA F 388 8.42 21.79 -17.53
CA ALA F 388 8.12 20.42 -17.92
C ALA F 388 6.62 20.31 -18.16
N PHE F 389 6.23 19.21 -18.74
CA PHE F 389 4.82 18.92 -18.92
C PHE F 389 4.26 18.28 -17.65
N PRO F 390 2.93 18.27 -17.48
CA PRO F 390 2.36 17.73 -16.25
C PRO F 390 2.84 16.31 -15.96
N VAL F 391 3.09 16.04 -14.68
CA VAL F 391 3.71 14.79 -14.28
C VAL F 391 2.88 13.61 -14.76
N GLY F 392 3.56 12.61 -15.33
CA GLY F 392 2.89 11.46 -15.88
C GLY F 392 2.60 11.56 -17.36
N SER F 393 3.21 12.50 -18.07
CA SER F 393 2.98 12.69 -19.50
C SER F 393 4.07 12.00 -20.30
N GLU F 394 3.67 11.39 -21.41
CA GLU F 394 4.60 10.74 -22.31
C GLU F 394 5.27 11.76 -23.22
N TYR F 395 6.14 11.28 -24.11
CA TYR F 395 6.81 12.17 -25.05
C TYR F 395 5.82 12.81 -26.02
N ALA F 396 4.84 12.05 -26.50
CA ALA F 396 3.86 12.53 -27.46
C ALA F 396 2.52 12.86 -26.84
N ASP F 397 2.43 12.92 -25.51
CA ASP F 397 1.17 13.25 -24.86
C ASP F 397 0.73 14.67 -25.19
N PHE F 398 1.65 15.62 -25.16
CA PHE F 398 1.33 17.01 -25.35
C PHE F 398 2.16 17.60 -26.48
N PRO F 399 1.63 18.62 -27.17
CA PRO F 399 2.40 19.24 -28.25
C PRO F 399 3.68 19.88 -27.75
N HIS F 400 4.73 19.78 -28.56
CA HIS F 400 6.02 20.40 -28.27
C HIS F 400 6.31 21.59 -29.18
N MET F 401 5.42 21.90 -30.12
CA MET F 401 5.66 22.97 -31.07
C MET F 401 5.72 24.32 -30.38
N ASP F 402 6.58 25.19 -30.90
CA ASP F 402 6.70 26.56 -30.44
C ASP F 402 5.68 27.43 -31.17
N ASP F 403 5.84 28.75 -31.09
CA ASP F 403 4.89 29.68 -31.70
C ASP F 403 4.87 29.57 -33.22
N LYS F 404 5.86 28.89 -33.82
CA LYS F 404 5.89 28.74 -35.27
C LYS F 404 4.70 27.93 -35.78
N GLN F 405 4.08 27.14 -34.92
CA GLN F 405 2.93 26.33 -35.33
C GLN F 405 1.79 27.21 -35.79
N LYS F 406 1.19 26.85 -36.93
CA LYS F 406 0.11 27.64 -37.51
C LYS F 406 -1.19 27.51 -36.72
N ASP F 407 -1.29 26.55 -35.80
CA ASP F 407 -2.48 26.36 -34.97
C ASP F 407 -2.10 26.61 -33.52
N ARG F 408 -2.81 27.53 -32.87
CA ARG F 408 -2.53 27.82 -31.47
C ARG F 408 -2.90 26.67 -30.55
N GLU F 409 -3.80 25.79 -30.99
CA GLU F 409 -4.20 24.65 -30.15
C GLU F 409 -3.05 23.66 -29.97
N ILE F 410 -2.19 23.53 -30.98
CA ILE F 410 -1.10 22.57 -30.96
C ILE F 410 0.21 23.22 -30.52
N ARG F 411 0.14 24.37 -29.84
CA ARG F 411 1.32 25.00 -29.29
C ARG F 411 1.55 24.53 -27.85
N LYS F 412 2.82 24.36 -27.49
CA LYS F 412 3.18 23.80 -26.19
C LYS F 412 2.82 24.71 -25.02
N PHE F 413 2.55 25.99 -25.28
CA PHE F 413 2.50 26.98 -24.21
C PHE F 413 1.36 26.71 -23.23
N ARG F 414 0.21 26.26 -23.74
CA ARG F 414 -0.93 26.04 -22.88
C ARG F 414 -0.83 24.75 -22.07
N TYR F 415 0.22 23.95 -22.25
CA TYR F 415 0.35 22.69 -21.54
C TYR F 415 1.65 22.56 -20.76
N ILE F 416 2.60 23.47 -20.93
CA ILE F 416 3.89 23.36 -20.24
C ILE F 416 3.77 23.96 -18.84
N ILE F 417 4.25 23.23 -17.85
CA ILE F 417 4.34 23.75 -16.48
C ILE F 417 5.64 24.50 -16.33
N HIS F 418 5.57 25.74 -15.85
CA HIS F 418 6.75 26.57 -15.76
C HIS F 418 7.60 26.20 -14.56
N ALA F 419 8.84 26.69 -14.56
CA ALA F 419 9.78 26.36 -13.50
C ALA F 419 9.31 26.88 -12.15
N ALA F 420 8.81 28.12 -12.11
CA ALA F 420 8.30 28.67 -10.86
C ALA F 420 7.05 27.93 -10.40
N GLN F 421 6.18 27.57 -11.35
CA GLN F 421 4.99 26.79 -11.00
C GLN F 421 5.35 25.44 -10.42
N ASN F 422 6.37 24.78 -10.98
CA ASN F 422 6.82 23.50 -10.44
C ASN F 422 7.49 23.66 -9.08
N ALA F 423 8.25 24.74 -8.90
CA ALA F 423 8.89 24.99 -7.61
C ALA F 423 7.85 25.23 -6.53
N LEU F 424 6.78 25.95 -6.85
CA LEU F 424 5.71 26.18 -5.88
C LEU F 424 4.87 24.94 -5.66
N THR F 425 4.68 24.11 -6.69
CA THR F 425 3.86 22.92 -6.55
C THR F 425 4.52 21.90 -5.63
N PHE F 426 5.81 21.62 -5.85
CA PHE F 426 6.51 20.57 -5.12
C PHE F 426 7.44 21.14 -4.06
N ARG F 427 7.04 22.24 -3.42
CA ARG F 427 7.81 22.79 -2.31
C ARG F 427 7.78 21.83 -1.12
N CYS F 428 8.92 21.71 -0.45
CA CYS F 428 9.01 20.90 0.76
C CYS F 428 8.72 21.68 2.03
N GLN F 429 8.64 23.00 1.95
CA GLN F 429 8.38 23.85 3.09
C GLN F 429 7.25 24.81 2.77
N GLU F 430 6.69 25.40 3.82
CA GLU F 430 5.65 26.41 3.66
C GLU F 430 6.28 27.80 3.64
N ILE F 431 5.77 28.64 2.74
CA ILE F 431 6.23 30.03 2.68
C ILE F 431 5.71 30.75 3.91
N LYS F 432 6.63 31.24 4.74
CA LYS F 432 6.26 31.88 5.99
C LYS F 432 6.15 33.38 5.77
N PRO F 433 5.00 33.99 6.06
CA PRO F 433 4.84 35.43 5.77
C PRO F 433 5.83 36.31 6.49
N GLU F 434 6.26 35.94 7.70
CA GLU F 434 7.20 36.77 8.43
C GLU F 434 8.61 36.67 7.86
N GLU F 435 8.98 35.50 7.34
CA GLU F 435 10.32 35.28 6.83
C GLU F 435 10.49 35.90 5.46
N ARG F 436 11.72 36.33 5.18
CA ARG F 436 12.09 36.70 3.83
C ARG F 436 12.19 35.44 2.98
N SER F 437 11.61 35.48 1.79
CA SER F 437 11.63 34.35 0.88
C SER F 437 12.01 34.82 -0.52
N MET F 438 12.82 34.02 -1.20
CA MET F 438 13.45 34.38 -2.45
C MET F 438 13.18 33.28 -3.46
N ILE F 439 12.90 33.68 -4.70
CA ILE F 439 12.85 32.74 -5.81
C ILE F 439 13.85 33.19 -6.87
N PHE F 440 14.73 32.29 -7.26
CA PHE F 440 15.73 32.53 -8.29
C PHE F 440 15.30 31.78 -9.53
N VAL F 441 15.11 32.50 -10.62
CA VAL F 441 14.62 31.93 -11.87
C VAL F 441 15.53 32.39 -13.01
N THR F 442 15.93 31.44 -13.86
CA THR F 442 16.93 31.73 -14.88
C THR F 442 16.43 32.73 -15.91
N LYS F 443 15.16 32.62 -16.30
CA LYS F 443 14.55 33.56 -17.22
C LYS F 443 13.64 34.52 -16.45
N CYS F 444 13.22 35.57 -17.12
CA CYS F 444 12.26 36.49 -16.53
C CYS F 444 10.93 35.76 -16.30
N PRO F 445 10.32 35.92 -15.13
CA PRO F 445 9.02 35.30 -14.90
C PRO F 445 7.96 35.84 -15.85
N CYS F 446 7.07 34.96 -16.28
CA CYS F 446 6.04 35.32 -17.25
C CYS F 446 4.82 35.91 -16.56
N ASP F 447 3.81 36.25 -17.35
CA ASP F 447 2.62 36.89 -16.82
C ASP F 447 1.71 35.92 -16.08
N GLU F 448 1.93 34.62 -16.22
CA GLU F 448 1.19 33.66 -15.41
C GLU F 448 1.99 33.15 -14.22
N CYS F 449 3.29 33.44 -14.17
CA CYS F 449 4.12 33.07 -13.03
C CYS F 449 4.20 34.16 -11.98
N VAL F 450 4.24 35.43 -12.41
CA VAL F 450 4.34 36.53 -11.45
C VAL F 450 3.16 36.56 -10.48
N PRO F 451 1.91 36.45 -10.93
CA PRO F 451 0.80 36.39 -9.95
C PRO F 451 0.91 35.23 -9.00
N LEU F 452 1.38 34.06 -9.45
CA LEU F 452 1.53 32.92 -8.56
C LEU F 452 2.61 33.18 -7.52
N ILE F 453 3.74 33.77 -7.94
CA ILE F 453 4.81 34.09 -7.00
C ILE F 453 4.33 35.10 -5.98
N LYS F 454 3.60 36.13 -6.43
CA LYS F 454 3.08 37.13 -5.51
C LYS F 454 2.06 36.53 -4.54
N GLY F 455 1.17 35.68 -5.04
CA GLY F 455 0.17 35.07 -4.17
C GLY F 455 0.78 34.11 -3.17
N ALA F 456 1.84 33.41 -3.56
CA ALA F 456 2.51 32.50 -2.65
C ALA F 456 3.17 33.25 -1.49
N GLY F 457 3.31 34.56 -1.60
CA GLY F 457 3.96 35.35 -0.57
C GLY F 457 5.46 35.45 -0.70
N ILE F 458 6.02 35.10 -1.85
CA ILE F 458 7.47 35.18 -2.04
C ILE F 458 7.87 36.65 -2.08
N LYS F 459 8.86 37.01 -1.26
CA LYS F 459 9.22 38.41 -1.07
C LYS F 459 10.11 38.95 -2.18
N GLN F 460 11.01 38.12 -2.72
CA GLN F 460 12.01 38.60 -3.67
C GLN F 460 12.09 37.65 -4.86
N ILE F 461 12.29 38.23 -6.04
CA ILE F 461 12.53 37.49 -7.27
C ILE F 461 13.87 37.91 -7.82
N TYR F 462 14.82 36.98 -7.87
CA TYR F 462 16.10 37.17 -8.54
C TYR F 462 16.00 36.50 -9.90
N ALA F 463 16.19 37.27 -10.96
CA ALA F 463 15.92 36.76 -12.29
C ALA F 463 16.80 37.45 -13.32
N GLY F 464 16.95 36.79 -14.46
CA GLY F 464 17.46 37.47 -15.64
C GLY F 464 16.35 38.26 -16.31
N ASP F 465 16.71 39.41 -16.86
CA ASP F 465 15.73 40.34 -17.43
C ASP F 465 15.95 40.54 -18.92
N VAL F 466 16.36 39.49 -19.63
CA VAL F 466 16.53 39.59 -21.07
C VAL F 466 15.18 39.71 -21.77
N ASP F 467 14.19 38.95 -21.31
CA ASP F 467 12.88 38.90 -21.96
C ASP F 467 11.86 39.84 -21.34
N VAL F 468 12.27 40.70 -20.41
CA VAL F 468 11.32 41.59 -19.75
C VAL F 468 10.73 42.56 -20.76
N GLY F 469 9.43 42.78 -20.67
CA GLY F 469 8.72 43.66 -21.56
C GLY F 469 8.31 43.04 -22.88
N LYS F 470 8.68 41.79 -23.14
CA LYS F 470 8.31 41.15 -24.38
C LYS F 470 6.88 40.60 -24.30
N LYS F 471 6.12 40.79 -25.37
CA LYS F 471 4.74 40.32 -25.46
C LYS F 471 4.64 39.44 -26.70
N LYS F 472 4.60 38.13 -26.50
CA LYS F 472 4.35 37.20 -27.58
C LYS F 472 2.88 36.78 -27.58
N ALA F 473 2.52 35.96 -28.56
CA ALA F 473 1.13 35.55 -28.72
C ALA F 473 0.65 34.75 -27.51
N ASP F 474 1.49 33.85 -27.00
CA ASP F 474 1.07 32.94 -25.94
C ASP F 474 1.70 33.26 -24.58
N ILE F 475 2.87 33.88 -24.55
CA ILE F 475 3.57 34.17 -23.30
C ILE F 475 4.01 35.63 -23.31
N SER F 476 3.82 36.31 -22.18
CA SER F 476 4.15 37.72 -22.06
C SER F 476 4.96 37.96 -20.79
N TYR F 477 5.60 39.14 -20.73
CA TYR F 477 6.46 39.51 -19.62
C TYR F 477 6.16 40.92 -19.12
N MET F 478 4.92 41.38 -19.32
CA MET F 478 4.57 42.75 -18.93
C MET F 478 4.40 42.91 -17.43
N ARG F 479 3.98 41.85 -16.73
CA ARG F 479 3.64 41.98 -15.32
C ARG F 479 4.88 42.08 -14.43
N PHE F 480 6.00 41.52 -14.86
CA PHE F 480 7.20 41.55 -14.03
C PHE F 480 7.71 42.98 -13.85
N GLY F 481 7.72 43.76 -14.92
CA GLY F 481 8.22 45.12 -14.83
C GLY F 481 7.38 46.01 -13.94
N GLU F 482 6.07 45.82 -13.97
CA GLU F 482 5.14 46.62 -13.19
C GLU F 482 4.75 45.96 -11.87
N LEU F 483 5.48 44.94 -11.44
CA LEU F 483 5.13 44.21 -10.23
C LEU F 483 5.41 45.05 -8.99
N GLU F 484 4.46 45.05 -8.05
CA GLU F 484 4.62 45.71 -6.77
C GLU F 484 4.43 44.71 -5.64
N GLY F 485 5.00 45.02 -4.49
CA GLY F 485 4.92 44.17 -3.32
C GLY F 485 5.94 43.06 -3.28
N VAL F 486 6.72 42.88 -4.34
CA VAL F 486 7.77 41.88 -4.40
C VAL F 486 9.04 42.58 -4.88
N SER F 487 10.11 42.49 -4.08
CA SER F 487 11.38 43.02 -4.50
C SER F 487 11.89 42.26 -5.71
N LYS F 488 12.46 42.98 -6.67
CA LYS F 488 12.98 42.38 -7.89
C LYS F 488 14.46 42.70 -8.03
N PHE F 489 15.28 41.66 -8.22
CA PHE F 489 16.71 41.81 -8.39
C PHE F 489 17.11 41.14 -9.69
N THR F 490 17.78 41.90 -10.55
CA THR F 490 18.20 41.42 -11.85
C THR F 490 19.72 41.53 -11.98
N TRP F 491 20.25 40.72 -12.90
CA TRP F 491 21.67 40.75 -13.21
C TRP F 491 22.03 42.05 -13.91
N GLN F 492 23.01 42.77 -13.36
CA GLN F 492 23.39 44.08 -13.89
C GLN F 492 24.62 44.57 -13.16
N LEU F 493 25.19 45.66 -13.67
CA LEU F 493 26.22 46.38 -12.94
C LEU F 493 25.67 46.91 -11.63
N ASN F 494 26.51 46.95 -10.61
CA ASN F 494 26.14 47.57 -9.35
C ASN F 494 25.85 49.05 -9.60
N PRO F 495 24.59 49.49 -9.43
CA PRO F 495 24.25 50.88 -9.76
C PRO F 495 24.85 51.91 -8.82
N SER F 496 25.56 51.49 -7.77
CA SER F 496 26.16 52.41 -6.83
C SER F 496 27.52 51.90 -6.35
ZN ZN G . -9.52 -5.55 -31.81
ZN ZN H . 23.85 -20.44 -17.63
C1' A1I2I I . 25.85 -15.38 -18.76
C2 A1I2I I . 23.87 -16.81 -19.09
C2' A1I2I I . 26.96 -15.45 -17.74
C3' A1I2I I . 27.80 -14.23 -18.07
C4 A1I2I I . 24.12 -19.07 -19.66
C4' A1I2I I . 27.64 -14.09 -19.59
C5 A1I2I I . 25.54 -18.96 -19.71
C5' A1I2I I . 28.80 -14.61 -20.39
C5A A1I2I I . 26.38 -20.14 -20.08
C6 A1I2I I . 26.05 -17.75 -19.42
N1 A1I2I I . 25.26 -16.68 -19.11
N3 A1I2I I . 23.34 -18.02 -19.37
N4 A1I2I I . 23.53 -20.24 -19.90
O1A A1I2I I . 31.28 -15.89 -19.47
O1B A1I2I I . 31.63 -15.49 -24.00
O1G A1I2I I . 34.88 -14.85 -24.17
O2 A1I2I I . 23.18 -15.82 -18.83
O2A A1I2I I . 32.42 -13.61 -19.49
O2B A1I2I I . 31.28 -17.11 -22.05
O2G A1I2I I . 34.68 -17.37 -24.23
O3' A1I2I I . 27.30 -13.06 -17.42
O3A A1I2I I . 31.67 -14.67 -21.63
O3B A1I2I I . 33.52 -16.07 -22.44
O3G A1I2I I . 36.02 -16.25 -22.40
O4' A1I2I I . 26.45 -14.84 -19.94
O5' A1I2I I . 29.98 -13.85 -20.02
PA A1I2I I . 31.42 -14.54 -20.06
PB A1I2I I . 31.94 -15.90 -22.61
PG A1I2I I . 34.85 -16.13 -23.37
ZN ZN J . -22.08 -23.14 10.47
ZN ZN K . -22.90 -9.32 -26.21
C1' A1I2I L . -25.63 -5.25 -23.75
C2 A1I2I L . -24.79 -7.53 -23.33
C2' A1I2I L . -24.98 -4.24 -24.69
C3' A1I2I L . -26.15 -3.45 -25.28
C4 A1I2I L . -25.02 -9.20 -24.95
C4' A1I2I L . -27.24 -3.64 -24.24
C5 A1I2I L . -25.74 -8.33 -25.83
C5' A1I2I L . -28.65 -3.54 -24.76
C5A A1I2I L . -26.26 -8.83 -27.14
C6 A1I2I L . -25.92 -7.08 -25.39
N1 A1I2I L . -25.46 -6.65 -24.17
N3 A1I2I L . -24.58 -8.81 -23.75
N4 A1I2I L . -24.75 -10.45 -25.33
O1A A1I2I L . -28.72 -2.88 -27.70
O1B A1I2I L . -32.87 -4.31 -26.52
O1G A1I2I L . -34.01 -4.03 -30.03
O2 A1I2I L . -24.42 -7.14 -22.22
O2A A1I2I L . -29.69 -0.61 -27.04
O2B A1I2I L . -30.88 -4.72 -28.07
O2G A1I2I L . -33.59 -1.56 -30.33
O3' A1I2I L . -25.81 -2.07 -25.42
O3A A1I2I L . -30.94 -2.72 -26.54
O3B A1I2I L . -32.45 -2.81 -28.48
O3G A1I2I L . -34.91 -2.37 -28.35
O4' A1I2I L . -27.01 -4.96 -23.70
O5' A1I2I L . -28.86 -2.23 -25.30
PA A1I2I L . -29.50 -2.05 -26.75
PB A1I2I L . -31.80 -3.77 -27.38
PG A1I2I L . -33.82 -2.68 -29.35
ZN ZN M . 23.53 -23.99 -2.91
ZN ZN N . -10.25 -30.71 15.88
C1' A1I2I O . -7.62 -28.16 19.90
C2 A1I2I O . -7.18 -29.18 17.70
C2' A1I2I O . -8.95 -27.58 20.40
C3' A1I2I O . -8.99 -27.93 21.89
C4 A1I2I O . -8.14 -31.23 17.12
C4' A1I2I O . -7.52 -28.08 22.23
C5 A1I2I O . -8.76 -31.37 18.39
C5' A1I2I O . -7.22 -28.99 23.41
C5A A1I2I O . -9.56 -32.59 18.73
C6 A1I2I O . -8.55 -30.37 19.27
N1 A1I2I O . -7.78 -29.27 18.95
N3 A1I2I O . -7.38 -30.18 16.80
N4 A1I2I O . -8.34 -32.15 16.17
O1A A1I2I O . -9.84 -29.85 24.65
O1B A1I2I O . -6.63 -32.70 26.20
O1G A1I2I O . -10.16 -32.74 29.47
O2 A1I2I O . -6.47 -28.20 17.45
O2A A1I2I O . -9.14 -28.53 26.72
O2B A1I2I O . -8.87 -32.55 24.99
O2G A1I2I O . -7.73 -33.39 29.41
O3' A1I2I O . -9.56 -26.85 22.64
O3A A1I2I O . -7.78 -30.48 25.94
O3B A1I2I O . -8.73 -32.17 27.47
O3G A1I2I O . -9.37 -34.55 27.89
O4' A1I2I O . -6.92 -28.63 21.04
O5' A1I2I O . -7.81 -28.42 24.59
PA A1I2I O . -8.77 -29.30 25.51
PB A1I2I O . -7.97 -32.07 26.06
PG A1I2I O . -9.03 -33.27 28.63
ZN ZN P . -13.61 10.43 28.97
ZN ZN Q . 25.30 10.13 23.67
C1' A1I2I R . 24.57 4.87 24.91
C2 A1I2I R . 23.35 7.03 24.91
C2' A1I2I R . 25.68 4.50 23.93
C3' A1I2I R . 26.64 3.63 24.75
C4 A1I2I R . 24.41 8.98 25.65
C4' A1I2I R . 25.74 3.11 25.87
C5 A1I2I R . 25.60 8.29 25.98
C5' A1I2I R . 26.45 2.75 27.14
C5A A1I2I R . 26.77 9.01 26.59
C6 A1I2I R . 25.61 6.97 25.74
N1 A1I2I R . 24.52 6.32 25.22
N3 A1I2I R . 23.33 8.36 25.15
N4 A1I2I R . 24.33 10.31 25.81
O1A A1I2I R . 29.63 0.60 27.03
O1B A1I2I R . 28.45 2.66 31.34
O1G A1I2I R . 32.31 3.49 31.69
O2 A1I2I R . 22.38 6.41 24.47
O2A A1I2I R . 29.45 3.14 26.93
O2B A1I2I R . 29.59 4.15 29.60
O2G A1I2I R . 31.31 1.42 32.74
O3' A1I2I R . 27.15 2.55 23.97
O3A A1I2I R . 28.70 1.88 28.97
O3B A1I2I R . 30.69 2.05 30.41
O3G A1I2I R . 33.01 1.21 30.88
O4' A1I2I R . 24.80 4.17 26.11
O5' A1I2I R . 27.40 1.70 26.87
PA A1I2I R . 28.91 1.85 27.38
PB A1I2I R . 29.30 2.80 30.14
PG A1I2I R . 31.90 2.05 31.50
ZN ZN S . -8.03 29.52 -14.22
ZN ZN T . -22.75 18.97 20.48
C1' A1I2I U . -26.15 16.09 17.42
C2 A1I2I U . -24.47 17.88 17.24
C2' A1I2I U . -26.26 15.01 18.50
C3' A1I2I U . -27.75 14.82 18.70
C4 A1I2I U . -24.41 19.63 18.80
C4' A1I2I U . -28.34 15.28 17.38
C5 A1I2I U . -25.57 19.13 19.48
C5' A1I2I U . -29.76 15.78 17.45
C5A A1I2I U . -26.13 19.87 20.65
C6 A1I2I U . -26.09 18.00 18.99
N1 A1I2I U . -25.58 17.36 17.90
N3 A1I2I U . -23.90 19.01 17.73
N4 A1I2I U . -23.78 20.72 19.25
O1A A1I2I U . -32.43 13.71 19.26
O1B A1I2I U . -33.60 18.35 18.27
O1G A1I2I U . -36.14 16.23 21.75
O2 A1I2I U . -24.04 17.30 16.24
O2A A1I2I U . -30.80 15.38 20.29
O2B A1I2I U . -32.08 17.96 20.28
O2G A1I2I U . -35.35 18.60 21.54
O3' A1I2I U . -28.05 13.44 18.93
O3A A1I2I U . -32.51 16.13 18.61
O3B A1I2I U . -34.32 16.83 20.13
O3G A1I2I U . -36.66 17.56 19.67
O4' A1I2I U . -27.46 16.34 16.95
O5' A1I2I U . -30.62 14.71 17.87
PA A1I2I U . -31.59 14.92 19.12
PB A1I2I U . -33.08 17.45 19.31
PG A1I2I U . -35.70 17.33 20.81
ZN ZN V . 29.66 12.73 9.54
ZN ZN W . 6.86 31.38 -16.30
C1' A1I2I X . 9.08 27.86 -19.89
C2 A1I2I X . 9.31 28.67 -17.57
C2' A1I2I X . 7.98 28.01 -20.92
C3' A1I2I X . 8.56 27.27 -22.12
C4 A1I2I X . 9.15 30.96 -17.08
C4' A1I2I X . 10.06 27.55 -22.00
C5 A1I2I X . 8.99 31.30 -18.46
C5' A1I2I X . 10.55 28.68 -22.85
C5A A1I2I X . 8.86 32.73 -18.87
C6 A1I2I X . 8.98 30.27 -19.32
N1 A1I2I X . 9.13 28.97 -18.91
N3 A1I2I X . 9.30 29.70 -16.67
N4 A1I2I X . 9.11 31.91 -16.14
O1A A1I2I X . 8.30 29.92 -24.47
O1B A1I2I X . 12.34 29.95 -26.69
O1G A1I2I X . 12.94 33.40 -28.13
O2 A1I2I X . 9.45 27.50 -17.23
O2A A1I2I X . 9.50 29.03 -26.54
O2B A1I2I X . 12.80 31.94 -25.14
O2G A1I2I X . 10.61 34.35 -27.97
O3' A1I2I X . 8.32 25.86 -22.03
O3A A1I2I X . 10.61 30.70 -25.03
O3B A1I2I X . 11.11 32.12 -26.98
O3G A1I2I X . 11.07 32.38 -29.47
O4' A1I2I X . 10.30 27.85 -20.60
O5' A1I2I X . 10.26 28.40 -24.24
PA A1I2I X . 9.55 29.51 -25.14
PB A1I2I X . 11.85 31.14 -25.95
PG A1I2I X . 11.46 33.12 -28.21
#